data_8B8A
# 
_entry.id   8B8A 
# 
_audit_conform.dict_name       mmcif_pdbx.dic 
_audit_conform.dict_version    5.384 
_audit_conform.dict_location   http://mmcif.pdb.org/dictionaries/ascii/mmcif_pdbx.dic 
# 
loop_
_database_2.database_id 
_database_2.database_code 
_database_2.pdbx_database_accession 
_database_2.pdbx_DOI 
PDB   8B8A         pdb_00008b8a 10.2210/pdb8b8a/pdb 
WWPDB D_1292125760 ?            ?                   
# 
loop_
_pdbx_audit_revision_history.ordinal 
_pdbx_audit_revision_history.data_content_type 
_pdbx_audit_revision_history.major_revision 
_pdbx_audit_revision_history.minor_revision 
_pdbx_audit_revision_history.revision_date 
1 'Structure model' 1 0 2022-11-23 
2 'Structure model' 1 1 2024-01-31 
# 
_pdbx_audit_revision_details.ordinal             1 
_pdbx_audit_revision_details.revision_ordinal    1 
_pdbx_audit_revision_details.data_content_type   'Structure model' 
_pdbx_audit_revision_details.provider            repository 
_pdbx_audit_revision_details.type                'Initial release' 
_pdbx_audit_revision_details.description         ? 
_pdbx_audit_revision_details.details             ? 
# 
loop_
_pdbx_audit_revision_group.ordinal 
_pdbx_audit_revision_group.revision_ordinal 
_pdbx_audit_revision_group.data_content_type 
_pdbx_audit_revision_group.group 
1 2 'Structure model' 'Data collection'        
2 2 'Structure model' 'Refinement description' 
# 
loop_
_pdbx_audit_revision_category.ordinal 
_pdbx_audit_revision_category.revision_ordinal 
_pdbx_audit_revision_category.data_content_type 
_pdbx_audit_revision_category.category 
1 2 'Structure model' chem_comp_atom                
2 2 'Structure model' chem_comp_bond                
3 2 'Structure model' pdbx_initial_refinement_model 
# 
_pdbx_database_status.status_code                     REL 
_pdbx_database_status.status_code_sf                  REL 
_pdbx_database_status.status_code_mr                  ? 
_pdbx_database_status.entry_id                        8B8A 
_pdbx_database_status.recvd_initial_deposition_date   2022-10-04 
_pdbx_database_status.SG_entry                        N 
_pdbx_database_status.deposit_site                    PDBE 
_pdbx_database_status.process_site                    PDBE 
_pdbx_database_status.status_code_cs                  ? 
_pdbx_database_status.status_code_nmr_data            ? 
_pdbx_database_status.methods_development_category    ? 
_pdbx_database_status.pdb_format_compatible           Y 
# 
loop_
_pdbx_database_related.db_name 
_pdbx_database_related.details 
_pdbx_database_related.db_id 
_pdbx_database_related.content_type 
SASBDB 'crystallized domain' SASDQQ5 'associated SAS data' 
SASBDB 'full length protein' SASDQP5 'associated SAS data' 
# 
_pdbx_contact_author.id                 2 
_pdbx_contact_author.email              thibaut.crepin@ibs.fr 
_pdbx_contact_author.name_first         thibaut 
_pdbx_contact_author.name_last          crepin 
_pdbx_contact_author.name_mi            ? 
_pdbx_contact_author.role               'principal investigator/group leader' 
_pdbx_contact_author.identifier_ORCID   0000-0003-2663-1794 
# 
loop_
_audit_author.name 
_audit_author.pdbx_ordinal 
_audit_author.identifier_ORCID 
'Tarbouriech, N.'    1  0000-0002-0206-3959 
'Legrand, P.'        2  0000-0003-2431-2255 
'Bourhis, J.M.'      3  0000-0002-3151-1546 
'Chenavier, F.'      4  ?                   
'Freslon, L.'        5  ?                   
'Kawasaki, J.'       6  0000-0002-6609-5300 
'Horie, M.'          7  0000-0003-4682-7698 
'Tomonaga, K.'       8  0000-0003-0405-7103 
'Bachiri, K.'        9  ?                   
'Coyaud, E.'         10 0000-0002-5893-4557 
'Gonzalez-Dunia, D.' 11 0000-0002-2837-7120 
'Ruigrok, R.W.H.'    12 0000-0002-8094-6642 
'Crepin, T.'         13 0000-0003-2663-1794 
# 
_citation.abstract                  ? 
_citation.abstract_id_CAS           ? 
_citation.book_id_ISBN              ? 
_citation.book_publisher            ? 
_citation.book_publisher_city       ? 
_citation.book_title                ? 
_citation.coordinate_linkage        ? 
_citation.country                   CH 
_citation.database_id_Medline       ? 
_citation.details                   ? 
_citation.id                        primary 
_citation.journal_abbrev            Viruses 
_citation.journal_id_ASTM           ? 
_citation.journal_id_CSD            ? 
_citation.journal_id_ISSN           1999-4915 
_citation.journal_full              ? 
_citation.journal_issue             ? 
_citation.journal_volume            14 
_citation.language                  ? 
_citation.page_first                ? 
_citation.page_last                 ? 
_citation.title                     
;Borna Disease Virus 1 Phosphoprotein Forms a Tetramer and Interacts with Host Factors Involved in DNA Double-Strand Break Repair and mRNA Processing.
;
_citation.year                      2022 
_citation.database_id_CSD           ? 
_citation.pdbx_database_id_DOI      10.3390/v14112358 
_citation.pdbx_database_id_PubMed   36366462 
_citation.pdbx_database_id_patent   ? 
_citation.unpublished_flag          ? 
# 
loop_
_citation_author.citation_id 
_citation_author.name 
_citation_author.ordinal 
_citation_author.identifier_ORCID 
primary 'Tarbouriech, N.'    1  0000-0002-0206-3959 
primary 'Chenavier, F.'      2  0000-0002-9486-3944 
primary 'Kawasaki, J.'       3  0000-0002-6609-5300 
primary 'Bachiri, K.'        4  ?                   
primary 'Bourhis, J.M.'      5  ?                   
primary 'Legrand, P.'        6  0000-0003-2431-2255 
primary 'Freslon, L.L.'      7  ?                   
primary 'Laurent, E.M.N.'    8  ?                   
primary 'Suberbielle, E.'    9  ?                   
primary 'Ruigrok, R.W.H.'    10 ?                   
primary 'Tomonaga, K.'       11 0000-0003-0405-7103 
primary 'Gonzalez-Dunia, D.' 12 0000-0002-2837-7120 
primary 'Horie, M.'          13 0000-0003-4682-7698 
primary 'Coyaud, E.'         14 0000-0002-5893-4557 
primary 'Crepin, T.'         15 0000-0003-2663-1794 
# 
loop_
_entity.id 
_entity.type 
_entity.src_method 
_entity.pdbx_description 
_entity.formula_weight 
_entity.pdbx_number_of_molecules 
_entity.pdbx_ec 
_entity.pdbx_mutation 
_entity.pdbx_fragment 
_entity.details 
1 polymer man Phosphoprotein 12223.003 1  ? ? ? ? 
2 water   nat water          18.015    18 ? ? ? ? 
# 
_entity_name_com.entity_id   1 
_entity_name_com.name        'P protein,p23,p24' 
# 
_entity_poly.entity_id                      1 
_entity_poly.type                           'polypeptide(L)' 
_entity_poly.nstd_linkage                   no 
_entity_poly.nstd_monomer                   no 
_entity_poly.pdbx_seq_one_letter_code       
;GAMGREQLSNDELIKKLVTELAENSMIEAEEVRGTLGDISARIEAGFESLSALQVETIQTAQRCDHSDSIRILGENIKIL
DRSMKTMMETMKLMMEKVDLLYASTAVGTSA
;
_entity_poly.pdbx_seq_one_letter_code_can   
;GAMGREQLSNDELIKKLVTELAENSMIEAEEVRGTLGDISARIEAGFESLSALQVETIQTAQRCDHSDSIRILGENIKIL
DRSMKTMMETMKLMMEKVDLLYASTAVGTSA
;
_entity_poly.pdbx_strand_id                 A 
_entity_poly.pdbx_target_identifier         ? 
# 
_pdbx_entity_nonpoly.entity_id   2 
_pdbx_entity_nonpoly.name        water 
_pdbx_entity_nonpoly.comp_id     HOH 
# 
loop_
_entity_poly_seq.entity_id 
_entity_poly_seq.num 
_entity_poly_seq.mon_id 
_entity_poly_seq.hetero 
1 1   GLY n 
1 2   ALA n 
1 3   MET n 
1 4   GLY n 
1 5   ARG n 
1 6   GLU n 
1 7   GLN n 
1 8   LEU n 
1 9   SER n 
1 10  ASN n 
1 11  ASP n 
1 12  GLU n 
1 13  LEU n 
1 14  ILE n 
1 15  LYS n 
1 16  LYS n 
1 17  LEU n 
1 18  VAL n 
1 19  THR n 
1 20  GLU n 
1 21  LEU n 
1 22  ALA n 
1 23  GLU n 
1 24  ASN n 
1 25  SER n 
1 26  MET n 
1 27  ILE n 
1 28  GLU n 
1 29  ALA n 
1 30  GLU n 
1 31  GLU n 
1 32  VAL n 
1 33  ARG n 
1 34  GLY n 
1 35  THR n 
1 36  LEU n 
1 37  GLY n 
1 38  ASP n 
1 39  ILE n 
1 40  SER n 
1 41  ALA n 
1 42  ARG n 
1 43  ILE n 
1 44  GLU n 
1 45  ALA n 
1 46  GLY n 
1 47  PHE n 
1 48  GLU n 
1 49  SER n 
1 50  LEU n 
1 51  SER n 
1 52  ALA n 
1 53  LEU n 
1 54  GLN n 
1 55  VAL n 
1 56  GLU n 
1 57  THR n 
1 58  ILE n 
1 59  GLN n 
1 60  THR n 
1 61  ALA n 
1 62  GLN n 
1 63  ARG n 
1 64  CYS n 
1 65  ASP n 
1 66  HIS n 
1 67  SER n 
1 68  ASP n 
1 69  SER n 
1 70  ILE n 
1 71  ARG n 
1 72  ILE n 
1 73  LEU n 
1 74  GLY n 
1 75  GLU n 
1 76  ASN n 
1 77  ILE n 
1 78  LYS n 
1 79  ILE n 
1 80  LEU n 
1 81  ASP n 
1 82  ARG n 
1 83  SER n 
1 84  MET n 
1 85  LYS n 
1 86  THR n 
1 87  MET n 
1 88  MET n 
1 89  GLU n 
1 90  THR n 
1 91  MET n 
1 92  LYS n 
1 93  LEU n 
1 94  MET n 
1 95  MET n 
1 96  GLU n 
1 97  LYS n 
1 98  VAL n 
1 99  ASP n 
1 100 LEU n 
1 101 LEU n 
1 102 TYR n 
1 103 ALA n 
1 104 SER n 
1 105 THR n 
1 106 ALA n 
1 107 VAL n 
1 108 GLY n 
1 109 THR n 
1 110 SER n 
1 111 ALA n 
# 
_entity_src_gen.entity_id                          1 
_entity_src_gen.pdbx_src_id                        1 
_entity_src_gen.pdbx_alt_source_flag               sample 
_entity_src_gen.pdbx_seq_type                      'Biological sequence' 
_entity_src_gen.pdbx_beg_seq_num                   1 
_entity_src_gen.pdbx_end_seq_num                   111 
_entity_src_gen.gene_src_common_name               ? 
_entity_src_gen.gene_src_genus                     ? 
_entity_src_gen.pdbx_gene_src_gene                 P/X 
_entity_src_gen.gene_src_species                   ? 
_entity_src_gen.gene_src_strain                    ? 
_entity_src_gen.gene_src_tissue                    ? 
_entity_src_gen.gene_src_tissue_fraction           ? 
_entity_src_gen.gene_src_details                   ? 
_entity_src_gen.pdbx_gene_src_fragment             ? 
_entity_src_gen.pdbx_gene_src_scientific_name      'Borna disease virus 1' 
_entity_src_gen.pdbx_gene_src_ncbi_taxonomy_id     1714621 
_entity_src_gen.pdbx_gene_src_variant              ? 
_entity_src_gen.pdbx_gene_src_cell_line            ? 
_entity_src_gen.pdbx_gene_src_atcc                 ? 
_entity_src_gen.pdbx_gene_src_organ                ? 
_entity_src_gen.pdbx_gene_src_organelle            ? 
_entity_src_gen.pdbx_gene_src_cell                 ? 
_entity_src_gen.pdbx_gene_src_cellular_location    ? 
_entity_src_gen.host_org_common_name               ? 
_entity_src_gen.pdbx_host_org_scientific_name      'Escherichia coli BL21' 
_entity_src_gen.pdbx_host_org_ncbi_taxonomy_id     511693 
_entity_src_gen.host_org_genus                     ? 
_entity_src_gen.pdbx_host_org_gene                 ? 
_entity_src_gen.pdbx_host_org_organ                ? 
_entity_src_gen.host_org_species                   ? 
_entity_src_gen.pdbx_host_org_tissue               ? 
_entity_src_gen.pdbx_host_org_tissue_fraction      ? 
_entity_src_gen.pdbx_host_org_strain               ? 
_entity_src_gen.pdbx_host_org_variant              RIL 
_entity_src_gen.pdbx_host_org_cell_line            ? 
_entity_src_gen.pdbx_host_org_atcc                 ? 
_entity_src_gen.pdbx_host_org_culture_collection   ? 
_entity_src_gen.pdbx_host_org_cell                 ? 
_entity_src_gen.pdbx_host_org_organelle            ? 
_entity_src_gen.pdbx_host_org_cellular_location    ? 
_entity_src_gen.pdbx_host_org_vector_type          plasmid 
_entity_src_gen.pdbx_host_org_vector               ? 
_entity_src_gen.host_org_details                   ? 
_entity_src_gen.expression_system_id               ? 
_entity_src_gen.plasmid_name                       pETM11 
_entity_src_gen.plasmid_details                    ? 
_entity_src_gen.pdbx_description                   ? 
# 
loop_
_chem_comp.id 
_chem_comp.type 
_chem_comp.mon_nstd_flag 
_chem_comp.name 
_chem_comp.pdbx_synonyms 
_chem_comp.formula 
_chem_comp.formula_weight 
ALA 'L-peptide linking' y ALANINE         ? 'C3 H7 N O2'     89.093  
ARG 'L-peptide linking' y ARGININE        ? 'C6 H15 N4 O2 1' 175.209 
ASN 'L-peptide linking' y ASPARAGINE      ? 'C4 H8 N2 O3'    132.118 
ASP 'L-peptide linking' y 'ASPARTIC ACID' ? 'C4 H7 N O4'     133.103 
CYS 'L-peptide linking' y CYSTEINE        ? 'C3 H7 N O2 S'   121.158 
GLN 'L-peptide linking' y GLUTAMINE       ? 'C5 H10 N2 O3'   146.144 
GLU 'L-peptide linking' y 'GLUTAMIC ACID' ? 'C5 H9 N O4'     147.129 
GLY 'peptide linking'   y GLYCINE         ? 'C2 H5 N O2'     75.067  
HIS 'L-peptide linking' y HISTIDINE       ? 'C6 H10 N3 O2 1' 156.162 
HOH non-polymer         . WATER           ? 'H2 O'           18.015  
ILE 'L-peptide linking' y ISOLEUCINE      ? 'C6 H13 N O2'    131.173 
LEU 'L-peptide linking' y LEUCINE         ? 'C6 H13 N O2'    131.173 
LYS 'L-peptide linking' y LYSINE          ? 'C6 H15 N2 O2 1' 147.195 
MET 'L-peptide linking' y METHIONINE      ? 'C5 H11 N O2 S'  149.211 
PHE 'L-peptide linking' y PHENYLALANINE   ? 'C9 H11 N O2'    165.189 
SER 'L-peptide linking' y SERINE          ? 'C3 H7 N O3'     105.093 
THR 'L-peptide linking' y THREONINE       ? 'C4 H9 N O3'     119.119 
TYR 'L-peptide linking' y TYROSINE        ? 'C9 H11 N O3'    181.189 
VAL 'L-peptide linking' y VALINE          ? 'C5 H11 N O2'    117.146 
# 
loop_
_pdbx_poly_seq_scheme.asym_id 
_pdbx_poly_seq_scheme.entity_id 
_pdbx_poly_seq_scheme.seq_id 
_pdbx_poly_seq_scheme.mon_id 
_pdbx_poly_seq_scheme.ndb_seq_num 
_pdbx_poly_seq_scheme.pdb_seq_num 
_pdbx_poly_seq_scheme.auth_seq_num 
_pdbx_poly_seq_scheme.pdb_mon_id 
_pdbx_poly_seq_scheme.auth_mon_id 
_pdbx_poly_seq_scheme.pdb_strand_id 
_pdbx_poly_seq_scheme.pdb_ins_code 
_pdbx_poly_seq_scheme.hetero 
A 1 1   GLY 1   -9  ?  ?   ?   A . n 
A 1 2   ALA 2   -8  ?  ?   ?   A . n 
A 1 3   MET 3   -7  ?  ?   ?   A . n 
A 1 4   GLY 4   -6  ?  ?   ?   A . n 
A 1 5   ARG 5   -5  ?  ?   ?   A . n 
A 1 6   GLU 6   -4  ?  ?   ?   A . n 
A 1 7   GLN 7   -3  ?  ?   ?   A . n 
A 1 8   LEU 8   -2  ?  ?   ?   A . n 
A 1 9   SER 9   -1  ?  ?   ?   A . n 
A 1 10  ASN 10  0   ?  ?   ?   A . n 
A 1 11  ASP 11  1   1  ASP ASP A . n 
A 1 12  GLU 12  2   2  GLU GLU A . n 
A 1 13  LEU 13  3   3  LEU LEU A . n 
A 1 14  ILE 14  4   4  ILE ILE A . n 
A 1 15  LYS 15  5   5  LYS LYS A . n 
A 1 16  LYS 16  6   6  LYS LYS A . n 
A 1 17  LEU 17  7   7  LEU LEU A . n 
A 1 18  VAL 18  8   8  VAL VAL A . n 
A 1 19  THR 19  9   9  THR THR A . n 
A 1 20  GLU 20  10  10 GLU GLU A . n 
A 1 21  LEU 21  11  11 LEU LEU A . n 
A 1 22  ALA 22  12  12 ALA ALA A . n 
A 1 23  GLU 23  13  13 GLU GLU A . n 
A 1 24  ASN 24  14  14 ASN ASN A . n 
A 1 25  SER 25  15  15 SER SER A . n 
A 1 26  MET 26  16  16 MET MET A . n 
A 1 27  ILE 27  17  17 ILE ILE A . n 
A 1 28  GLU 28  18  18 GLU GLU A . n 
A 1 29  ALA 29  19  19 ALA ALA A . n 
A 1 30  GLU 30  20  20 GLU GLU A . n 
A 1 31  GLU 31  21  21 GLU GLU A . n 
A 1 32  VAL 32  22  22 VAL VAL A . n 
A 1 33  ARG 33  23  23 ARG ARG A . n 
A 1 34  GLY 34  24  24 GLY GLY A . n 
A 1 35  THR 35  25  25 THR THR A . n 
A 1 36  LEU 36  26  26 LEU LEU A . n 
A 1 37  GLY 37  27  27 GLY GLY A . n 
A 1 38  ASP 38  28  28 ASP ASP A . n 
A 1 39  ILE 39  29  29 ILE ILE A . n 
A 1 40  SER 40  30  30 SER SER A . n 
A 1 41  ALA 41  31  31 ALA ALA A . n 
A 1 42  ARG 42  32  32 ARG ARG A . n 
A 1 43  ILE 43  33  33 ILE ILE A . n 
A 1 44  GLU 44  34  34 GLU GLU A . n 
A 1 45  ALA 45  35  35 ALA ALA A . n 
A 1 46  GLY 46  36  36 GLY GLY A . n 
A 1 47  PHE 47  37  37 PHE PHE A . n 
A 1 48  GLU 48  38  38 GLU GLU A . n 
A 1 49  SER 49  39  39 SER SER A . n 
A 1 50  LEU 50  40  40 LEU LEU A . n 
A 1 51  SER 51  41  41 SER SER A . n 
A 1 52  ALA 52  42  42 ALA ALA A . n 
A 1 53  LEU 53  43  43 LEU LEU A . n 
A 1 54  GLN 54  44  44 GLN GLN A . n 
A 1 55  VAL 55  45  45 VAL VAL A . n 
A 1 56  GLU 56  46  46 GLU GLU A . n 
A 1 57  THR 57  47  47 THR THR A . n 
A 1 58  ILE 58  48  48 ILE ILE A . n 
A 1 59  GLN 59  49  49 GLN GLN A . n 
A 1 60  THR 60  50  50 THR THR A . n 
A 1 61  ALA 61  51  51 ALA ALA A . n 
A 1 62  GLN 62  52  52 GLN GLN A . n 
A 1 63  ARG 63  53  53 ARG ARG A . n 
A 1 64  CYS 64  54  54 CYS CYS A . n 
A 1 65  ASP 65  55  55 ASP ASP A . n 
A 1 66  HIS 66  56  56 HIS HIS A . n 
A 1 67  SER 67  57  57 SER SER A . n 
A 1 68  ASP 68  58  58 ASP ASP A . n 
A 1 69  SER 69  59  59 SER SER A . n 
A 1 70  ILE 70  60  60 ILE ILE A . n 
A 1 71  ARG 71  61  61 ARG ARG A . n 
A 1 72  ILE 72  62  62 ILE ILE A . n 
A 1 73  LEU 73  63  63 LEU LEU A . n 
A 1 74  GLY 74  64  64 GLY GLY A . n 
A 1 75  GLU 75  65  65 GLU GLU A . n 
A 1 76  ASN 76  66  66 ASN ASN A . n 
A 1 77  ILE 77  67  67 ILE ILE A . n 
A 1 78  LYS 78  68  68 LYS LYS A . n 
A 1 79  ILE 79  69  69 ILE ILE A . n 
A 1 80  LEU 80  70  70 LEU LEU A . n 
A 1 81  ASP 81  71  71 ASP ASP A . n 
A 1 82  ARG 82  72  72 ARG ARG A . n 
A 1 83  SER 83  73  73 SER SER A . n 
A 1 84  MET 84  74  74 MET MET A . n 
A 1 85  LYS 85  75  75 LYS LYS A . n 
A 1 86  THR 86  76  76 THR THR A . n 
A 1 87  MET 87  77  77 MET MET A . n 
A 1 88  MET 88  78  78 MET MET A . n 
A 1 89  GLU 89  79  79 GLU GLU A . n 
A 1 90  THR 90  80  80 THR THR A . n 
A 1 91  MET 91  81  81 MET MET A . n 
A 1 92  LYS 92  82  82 LYS LYS A . n 
A 1 93  LEU 93  83  83 LEU LEU A . n 
A 1 94  MET 94  84  84 MET MET A . n 
A 1 95  MET 95  85  85 MET MET A . n 
A 1 96  GLU 96  86  86 GLU GLU A . n 
A 1 97  LYS 97  87  87 LYS LYS A . n 
A 1 98  VAL 98  88  88 VAL VAL A . n 
A 1 99  ASP 99  89  89 ASP ASP A . n 
A 1 100 LEU 100 90  90 LEU LEU A . n 
A 1 101 LEU 101 91  91 LEU LEU A . n 
A 1 102 TYR 102 92  92 TYR TYR A . n 
A 1 103 ALA 103 93  93 ALA ALA A . n 
A 1 104 SER 104 94  94 SER SER A . n 
A 1 105 THR 105 95  95 THR THR A . n 
A 1 106 ALA 106 96  ?  ?   ?   A . n 
A 1 107 VAL 107 97  ?  ?   ?   A . n 
A 1 108 GLY 108 98  ?  ?   ?   A . n 
A 1 109 THR 109 99  ?  ?   ?   A . n 
A 1 110 SER 110 100 ?  ?   ?   A . n 
A 1 111 ALA 111 101 ?  ?   ?   A . n 
# 
loop_
_pdbx_nonpoly_scheme.asym_id 
_pdbx_nonpoly_scheme.entity_id 
_pdbx_nonpoly_scheme.mon_id 
_pdbx_nonpoly_scheme.ndb_seq_num 
_pdbx_nonpoly_scheme.pdb_seq_num 
_pdbx_nonpoly_scheme.auth_seq_num 
_pdbx_nonpoly_scheme.pdb_mon_id 
_pdbx_nonpoly_scheme.auth_mon_id 
_pdbx_nonpoly_scheme.pdb_strand_id 
_pdbx_nonpoly_scheme.pdb_ins_code 
B 2 HOH 1  201 9  HOH HOH A . 
B 2 HOH 2  202 2  HOH HOH A . 
B 2 HOH 3  203 8  HOH HOH A . 
B 2 HOH 4  204 5  HOH HOH A . 
B 2 HOH 5  205 6  HOH HOH A . 
B 2 HOH 6  206 4  HOH HOH A . 
B 2 HOH 7  207 9  HOH HOH A . 
B 2 HOH 8  208 4  HOH HOH A . 
B 2 HOH 9  209 3  HOH HOH A . 
B 2 HOH 10 210 7  HOH HOH A . 
B 2 HOH 11 211 1  HOH HOH A . 
B 2 HOH 12 212 3  HOH HOH A . 
B 2 HOH 13 213 10 HOH HOH A . 
B 2 HOH 14 214 8  HOH HOH A . 
B 2 HOH 15 215 6  HOH HOH A . 
B 2 HOH 16 216 5  HOH HOH A . 
B 2 HOH 17 217 1  HOH HOH A . 
B 2 HOH 18 218 2  HOH HOH A . 
# 
loop_
_software.citation_id 
_software.classification 
_software.compiler_name 
_software.compiler_version 
_software.contact_author 
_software.contact_author_email 
_software.date 
_software.description 
_software.dependencies 
_software.hardware 
_software.language 
_software.location 
_software.mods 
_software.name 
_software.os 
_software.os_version 
_software.type 
_software.version 
_software.pdbx_ordinal 
? 'data reduction'  ? ? 'Wolfgang Kabsch' Wolfgang.Kabsch@mpimf-heidelberg.mpg.de ?               ? ? ? ?   
http://www.mpimf-heidelberg.mpg.de/~kabsch/xds/     ? XDS         ? ? package .                     1 
? 'data scaling'    ? ? 'Phil Evans'      ?                                       ?               ? ? ? ?   
http://www.mrc-lmb.cam.ac.uk/harry/pre/aimless.html ? Aimless     ? ? program .                     2 
? phasing           ? ? 'Randy J. Read'   cimr-phaser@lists.cam.ac.uk             ?               ? ? ? ?   
http://www-structmed.cimr.cam.ac.uk/phaser/         ? PHASER      ? ? program .                     3 
? refinement        ? ? 'Gerard Bricogne' buster-develop@GlobalPhasing.com        ?               ? ? ? ?   
http://www.globalphasing.com/buster/                ? BUSTER      ? ? program '2.10.3 (3-OCT-2019)' 4 
? 'data extraction' ? ? PDB               deposit@deposit.rcsb.org                'Oct. 31, 2020' ? ? ? C++ 
http://sw-tools.pdb.org/apps/PDB_EXTRACT/           ? PDB_EXTRACT ? ? package 3.27                  5 
# 
_cell.angle_alpha                  90.000 
_cell.angle_alpha_esd              ? 
_cell.angle_beta                   90.000 
_cell.angle_beta_esd               ? 
_cell.angle_gamma                  90.000 
_cell.angle_gamma_esd              ? 
_cell.entry_id                     8B8A 
_cell.details                      ? 
_cell.formula_units_Z              ? 
_cell.length_a                     35.271 
_cell.length_a_esd                 ? 
_cell.length_b                     35.271 
_cell.length_b_esd                 ? 
_cell.length_c                     166.512 
_cell.length_c_esd                 ? 
_cell.volume                       ? 
_cell.volume_esd                   ? 
_cell.Z_PDB                        8 
_cell.reciprocal_angle_alpha       ? 
_cell.reciprocal_angle_beta        ? 
_cell.reciprocal_angle_gamma       ? 
_cell.reciprocal_angle_alpha_esd   ? 
_cell.reciprocal_angle_beta_esd    ? 
_cell.reciprocal_angle_gamma_esd   ? 
_cell.reciprocal_length_a          ? 
_cell.reciprocal_length_b          ? 
_cell.reciprocal_length_c          ? 
_cell.reciprocal_length_a_esd      ? 
_cell.reciprocal_length_b_esd      ? 
_cell.reciprocal_length_c_esd      ? 
_cell.pdbx_unique_axis             ? 
_cell.pdbx_esd_method              ? 
# 
_symmetry.entry_id                         8B8A 
_symmetry.cell_setting                     ? 
_symmetry.Int_Tables_number                90 
_symmetry.space_group_name_Hall            ? 
_symmetry.space_group_name_H-M             'P 4 21 2' 
_symmetry.pdbx_full_space_group_name_H-M   ? 
# 
_exptl.absorpt_coefficient_mu     ? 
_exptl.absorpt_correction_T_max   ? 
_exptl.absorpt_correction_T_min   ? 
_exptl.absorpt_correction_type    ? 
_exptl.absorpt_process_details    ? 
_exptl.entry_id                   8B8A 
_exptl.crystals_number            1 
_exptl.details                    ? 
_exptl.method                     'X-RAY DIFFRACTION' 
_exptl.method_details             ? 
# 
_exptl_crystal.colour                       ? 
_exptl_crystal.density_diffrn               ? 
_exptl_crystal.density_Matthews             2.1 
_exptl_crystal.density_method               ? 
_exptl_crystal.density_percent_sol          42 
_exptl_crystal.description                  'fine plates' 
_exptl_crystal.F_000                        ? 
_exptl_crystal.id                           1 
_exptl_crystal.preparation                  ? 
_exptl_crystal.size_max                     ? 
_exptl_crystal.size_mid                     ? 
_exptl_crystal.size_min                     ? 
_exptl_crystal.size_rad                     ? 
_exptl_crystal.colour_lustre                ? 
_exptl_crystal.colour_modifier              ? 
_exptl_crystal.colour_primary               ? 
_exptl_crystal.density_meas                 ? 
_exptl_crystal.density_meas_esd             ? 
_exptl_crystal.density_meas_gt              ? 
_exptl_crystal.density_meas_lt              ? 
_exptl_crystal.density_meas_temp            ? 
_exptl_crystal.density_meas_temp_esd        ? 
_exptl_crystal.density_meas_temp_gt         ? 
_exptl_crystal.density_meas_temp_lt         ? 
_exptl_crystal.pdbx_crystal_image_url       ? 
_exptl_crystal.pdbx_crystal_image_format    ? 
_exptl_crystal.pdbx_mosaicity               ? 
_exptl_crystal.pdbx_mosaicity_esd           ? 
_exptl_crystal.pdbx_mosaic_method           ? 
_exptl_crystal.pdbx_mosaic_block_size       ? 
_exptl_crystal.pdbx_mosaic_block_size_esd   ? 
# 
_exptl_crystal_grow.apparatus       ? 
_exptl_crystal_grow.atmosphere      ? 
_exptl_crystal_grow.crystal_id      1 
_exptl_crystal_grow.details         ? 
_exptl_crystal_grow.method          'VAPOR DIFFUSION, HANGING DROP' 
_exptl_crystal_grow.method_ref      ? 
_exptl_crystal_grow.pH              7.4 
_exptl_crystal_grow.pressure        ? 
_exptl_crystal_grow.pressure_esd    ? 
_exptl_crystal_grow.seeding         ? 
_exptl_crystal_grow.seeding_ref     ? 
_exptl_crystal_grow.temp            293 
_exptl_crystal_grow.temp_details    ? 
_exptl_crystal_grow.temp_esd        ? 
_exptl_crystal_grow.time            ? 
_exptl_crystal_grow.pdbx_details    '100 mM HEPES pH 7.5, 14-18 % polyethylene glycol 8K, 200 mM CaCl2' 
_exptl_crystal_grow.pdbx_pH_range   ? 
# 
_diffrn.ambient_environment              ? 
_diffrn.ambient_temp                     100 
_diffrn.ambient_temp_details             ? 
_diffrn.ambient_temp_esd                 ? 
_diffrn.crystal_id                       1 
_diffrn.crystal_support                  ? 
_diffrn.crystal_treatment                ? 
_diffrn.details                          ? 
_diffrn.id                               1 
_diffrn.ambient_pressure                 ? 
_diffrn.ambient_pressure_esd             ? 
_diffrn.ambient_pressure_gt              ? 
_diffrn.ambient_pressure_lt              ? 
_diffrn.ambient_temp_gt                  ? 
_diffrn.ambient_temp_lt                  ? 
_diffrn.pdbx_serial_crystal_experiment   N 
# 
_diffrn_detector.details                      ? 
_diffrn_detector.detector                     PIXEL 
_diffrn_detector.diffrn_id                    1 
_diffrn_detector.type                         'DECTRIS PILATUS 6M' 
_diffrn_detector.area_resol_mean              ? 
_diffrn_detector.dtime                        ? 
_diffrn_detector.pdbx_frames_total            ? 
_diffrn_detector.pdbx_collection_time_total   ? 
_diffrn_detector.pdbx_collection_date         2018-08-24 
_diffrn_detector.pdbx_frequency               ? 
# 
_diffrn_radiation.collimation                      ? 
_diffrn_radiation.diffrn_id                        1 
_diffrn_radiation.filter_edge                      ? 
_diffrn_radiation.inhomogeneity                    ? 
_diffrn_radiation.monochromator                    ? 
_diffrn_radiation.polarisn_norm                    ? 
_diffrn_radiation.polarisn_ratio                   ? 
_diffrn_radiation.probe                            ? 
_diffrn_radiation.type                             ? 
_diffrn_radiation.xray_symbol                      ? 
_diffrn_radiation.wavelength_id                    1 
_diffrn_radiation.pdbx_monochromatic_or_laue_m_l   M 
_diffrn_radiation.pdbx_wavelength_list             ? 
_diffrn_radiation.pdbx_wavelength                  ? 
_diffrn_radiation.pdbx_diffrn_protocol             'SINGLE WAVELENGTH' 
_diffrn_radiation.pdbx_analyzer                    ? 
_diffrn_radiation.pdbx_scattering_type             x-ray 
# 
_diffrn_radiation_wavelength.id           1 
_diffrn_radiation_wavelength.wavelength   0.97717 
_diffrn_radiation_wavelength.wt           1.0 
# 
_diffrn_source.current                     ? 
_diffrn_source.details                     ? 
_diffrn_source.diffrn_id                   1 
_diffrn_source.power                       ? 
_diffrn_source.size                        ? 
_diffrn_source.source                      SYNCHROTRON 
_diffrn_source.target                      ? 
_diffrn_source.type                        'ESRF BEAMLINE ID29' 
_diffrn_source.voltage                     ? 
_diffrn_source.take-off_angle              ? 
_diffrn_source.pdbx_wavelength_list        0.97717 
_diffrn_source.pdbx_wavelength             ? 
_diffrn_source.pdbx_synchrotron_beamline   ID29 
_diffrn_source.pdbx_synchrotron_site       ESRF 
# 
_reflns.B_iso_Wilson_estimate                          80.590 
_reflns.entry_id                                       8B8A 
_reflns.data_reduction_details                         ? 
_reflns.data_reduction_method                          ? 
_reflns.d_resolution_high                              2.75 
_reflns.d_resolution_low                               55 
_reflns.details                                        ? 
_reflns.limit_h_max                                    ? 
_reflns.limit_h_min                                    ? 
_reflns.limit_k_max                                    ? 
_reflns.limit_k_min                                    ? 
_reflns.limit_l_max                                    ? 
_reflns.limit_l_min                                    ? 
_reflns.number_all                                     ? 
_reflns.number_obs                                     3173 
_reflns.observed_criterion                             ? 
_reflns.observed_criterion_F_max                       ? 
_reflns.observed_criterion_F_min                       ? 
_reflns.observed_criterion_I_max                       ? 
_reflns.observed_criterion_I_min                       ? 
_reflns.observed_criterion_sigma_F                     ? 
_reflns.observed_criterion_sigma_I                     ? 
_reflns.percent_possible_obs                           99.9 
_reflns.R_free_details                                 ? 
_reflns.Rmerge_F_all                                   ? 
_reflns.Rmerge_F_obs                                   ? 
_reflns.Friedel_coverage                               ? 
_reflns.number_gt                                      ? 
_reflns.threshold_expression                           ? 
_reflns.pdbx_redundancy                                11.1 
_reflns.pdbx_Rmerge_I_obs                              0.258 
_reflns.pdbx_Rmerge_I_all                              ? 
_reflns.pdbx_Rsym_value                                ? 
_reflns.pdbx_netI_over_av_sigmaI                       ? 
_reflns.pdbx_netI_over_sigmaI                          5.0 
_reflns.pdbx_res_netI_over_av_sigmaI_2                 ? 
_reflns.pdbx_res_netI_over_sigmaI_2                    ? 
_reflns.pdbx_chi_squared                               ? 
_reflns.pdbx_scaling_rejects                           ? 
_reflns.pdbx_d_res_high_opt                            ? 
_reflns.pdbx_d_res_low_opt                             ? 
_reflns.pdbx_d_res_opt_method                          ? 
_reflns.phase_calculation_details                      ? 
_reflns.pdbx_Rrim_I_all                                ? 
_reflns.pdbx_Rpim_I_all                                0.108 
_reflns.pdbx_d_opt                                     ? 
_reflns.pdbx_number_measured_all                       ? 
_reflns.pdbx_diffrn_id                                 1 
_reflns.pdbx_ordinal                                   1 
_reflns.pdbx_CC_half                                   0.998 
_reflns.pdbx_CC_star                                   ? 
_reflns.pdbx_R_split                                   ? 
_reflns.pdbx_aniso_diffraction_limit_axis_1_ortho[1]   ? 
_reflns.pdbx_aniso_diffraction_limit_axis_1_ortho[2]   ? 
_reflns.pdbx_aniso_diffraction_limit_axis_1_ortho[3]   ? 
_reflns.pdbx_aniso_diffraction_limit_axis_2_ortho[1]   ? 
_reflns.pdbx_aniso_diffraction_limit_axis_2_ortho[2]   ? 
_reflns.pdbx_aniso_diffraction_limit_axis_2_ortho[3]   ? 
_reflns.pdbx_aniso_diffraction_limit_axis_3_ortho[1]   ? 
_reflns.pdbx_aniso_diffraction_limit_axis_3_ortho[2]   ? 
_reflns.pdbx_aniso_diffraction_limit_axis_3_ortho[3]   ? 
_reflns.pdbx_aniso_diffraction_limit_1                 ? 
_reflns.pdbx_aniso_diffraction_limit_2                 ? 
_reflns.pdbx_aniso_diffraction_limit_3                 ? 
_reflns.pdbx_aniso_B_tensor_eigenvector_1_ortho[1]     ? 
_reflns.pdbx_aniso_B_tensor_eigenvector_1_ortho[2]     ? 
_reflns.pdbx_aniso_B_tensor_eigenvector_1_ortho[3]     ? 
_reflns.pdbx_aniso_B_tensor_eigenvector_2_ortho[1]     ? 
_reflns.pdbx_aniso_B_tensor_eigenvector_2_ortho[2]     ? 
_reflns.pdbx_aniso_B_tensor_eigenvector_2_ortho[3]     ? 
_reflns.pdbx_aniso_B_tensor_eigenvector_3_ortho[1]     ? 
_reflns.pdbx_aniso_B_tensor_eigenvector_3_ortho[2]     ? 
_reflns.pdbx_aniso_B_tensor_eigenvector_3_ortho[3]     ? 
_reflns.pdbx_aniso_B_tensor_eigenvalue_1               ? 
_reflns.pdbx_aniso_B_tensor_eigenvalue_2               ? 
_reflns.pdbx_aniso_B_tensor_eigenvalue_3               ? 
_reflns.pdbx_orthogonalization_convention              ? 
_reflns.pdbx_percent_possible_ellipsoidal              ? 
_reflns.pdbx_percent_possible_spherical                ? 
_reflns.pdbx_percent_possible_ellipsoidal_anomalous    ? 
_reflns.pdbx_percent_possible_spherical_anomalous      ? 
_reflns.pdbx_redundancy_anomalous                      ? 
_reflns.pdbx_CC_half_anomalous                         ? 
_reflns.pdbx_absDiff_over_sigma_anomalous              ? 
_reflns.pdbx_percent_possible_anomalous                ? 
_reflns.pdbx_observed_signal_threshold                 ? 
_reflns.pdbx_signal_type                               ? 
_reflns.pdbx_signal_details                            ? 
_reflns.pdbx_signal_software_id                        ? 
_reflns.pdbx_CC_split_method                           ? 
# 
_reflns_shell.d_res_high                                    2.75 
_reflns_shell.d_res_low                                     2.82 
_reflns_shell.meanI_over_sigI_all                           ? 
_reflns_shell.meanI_over_sigI_obs                           ? 
_reflns_shell.number_measured_all                           ? 
_reflns_shell.number_measured_obs                           ? 
_reflns_shell.number_possible                               ? 
_reflns_shell.number_unique_all                             ? 
_reflns_shell.number_unique_obs                             214 
_reflns_shell.percent_possible_all                          99.7 
_reflns_shell.percent_possible_obs                          ? 
_reflns_shell.Rmerge_F_all                                  ? 
_reflns_shell.Rmerge_F_obs                                  ? 
_reflns_shell.Rmerge_I_all                                  ? 
_reflns_shell.Rmerge_I_obs                                  3.26 
_reflns_shell.meanI_over_sigI_gt                            ? 
_reflns_shell.meanI_over_uI_all                             ? 
_reflns_shell.meanI_over_uI_gt                              ? 
_reflns_shell.number_measured_gt                            ? 
_reflns_shell.number_unique_gt                              ? 
_reflns_shell.percent_possible_gt                           ? 
_reflns_shell.Rmerge_F_gt                                   ? 
_reflns_shell.Rmerge_I_gt                                   ? 
_reflns_shell.pdbx_redundancy                               11.8 
_reflns_shell.pdbx_Rsym_value                               ? 
_reflns_shell.pdbx_chi_squared                              ? 
_reflns_shell.pdbx_netI_over_sigmaI_all                     ? 
_reflns_shell.pdbx_netI_over_sigmaI_obs                     ? 
_reflns_shell.pdbx_Rrim_I_all                               ? 
_reflns_shell.pdbx_Rpim_I_all                               1.357 
_reflns_shell.pdbx_rejects                                  ? 
_reflns_shell.pdbx_ordinal                                  1 
_reflns_shell.pdbx_diffrn_id                                1 
_reflns_shell.pdbx_CC_half                                  0.601 
_reflns_shell.pdbx_CC_star                                  ? 
_reflns_shell.pdbx_R_split                                  ? 
_reflns_shell.pdbx_percent_possible_ellipsoidal             ? 
_reflns_shell.pdbx_percent_possible_spherical               ? 
_reflns_shell.pdbx_percent_possible_ellipsoidal_anomalous   ? 
_reflns_shell.pdbx_percent_possible_spherical_anomalous     ? 
_reflns_shell.pdbx_redundancy_anomalous                     ? 
_reflns_shell.pdbx_CC_half_anomalous                        ? 
_reflns_shell.pdbx_absDiff_over_sigma_anomalous             ? 
_reflns_shell.pdbx_percent_possible_anomalous               ? 
# 
_refine.aniso_B[1][1]                            -7.6732 
_refine.aniso_B[1][2]                            0.0000 
_refine.aniso_B[1][3]                            0.0000 
_refine.aniso_B[2][2]                            -7.6732 
_refine.aniso_B[2][3]                            0.0000 
_refine.aniso_B[3][3]                            15.3465 
_refine.B_iso_max                                145.500 
_refine.B_iso_mean                               80.0200 
_refine.B_iso_min                                28.550 
_refine.correlation_coeff_Fo_to_Fc               0.9270 
_refine.correlation_coeff_Fo_to_Fc_free          0.8550 
_refine.details                                  ? 
_refine.diff_density_max                         ? 
_refine.diff_density_max_esd                     ? 
_refine.diff_density_min                         ? 
_refine.diff_density_min_esd                     ? 
_refine.diff_density_rms                         ? 
_refine.diff_density_rms_esd                     ? 
_refine.entry_id                                 8B8A 
_refine.pdbx_refine_id                           'X-RAY DIFFRACTION' 
_refine.ls_abs_structure_details                 ? 
_refine.ls_abs_structure_Flack                   ? 
_refine.ls_abs_structure_Flack_esd               ? 
_refine.ls_abs_structure_Rogers                  ? 
_refine.ls_abs_structure_Rogers_esd              ? 
_refine.ls_d_res_high                            2.7500 
_refine.ls_d_res_low                             20.0000 
_refine.ls_extinction_coef                       ? 
_refine.ls_extinction_coef_esd                   ? 
_refine.ls_extinction_expression                 ? 
_refine.ls_extinction_method                     ? 
_refine.ls_goodness_of_fit_all                   ? 
_refine.ls_goodness_of_fit_all_esd               ? 
_refine.ls_goodness_of_fit_obs                   ? 
_refine.ls_goodness_of_fit_obs_esd               ? 
_refine.ls_hydrogen_treatment                    ? 
_refine.ls_matrix_type                           ? 
_refine.ls_number_constraints                    ? 
_refine.ls_number_parameters                     ? 
_refine.ls_number_reflns_all                     ? 
_refine.ls_number_reflns_obs                     2642 
_refine.ls_number_reflns_R_free                  140 
_refine.ls_number_reflns_R_work                  ? 
_refine.ls_number_restraints                     ? 
_refine.ls_percent_reflns_obs                    83.6000 
_refine.ls_percent_reflns_R_free                 5.3000 
_refine.ls_R_factor_all                          ? 
_refine.ls_R_factor_obs                          0.2578 
_refine.ls_R_factor_R_free                       0.3070 
_refine.ls_R_factor_R_free_error                 ? 
_refine.ls_R_factor_R_free_error_details         ? 
_refine.ls_R_factor_R_work                       0.2552 
_refine.ls_R_Fsqd_factor_obs                     ? 
_refine.ls_R_I_factor_obs                        ? 
_refine.ls_redundancy_reflns_all                 ? 
_refine.ls_redundancy_reflns_obs                 ? 
_refine.ls_restrained_S_all                      ? 
_refine.ls_restrained_S_obs                      ? 
_refine.ls_shift_over_esd_max                    ? 
_refine.ls_shift_over_esd_mean                   ? 
_refine.ls_structure_factor_coef                 ? 
_refine.ls_weighting_details                     ? 
_refine.ls_weighting_scheme                      ? 
_refine.ls_wR_factor_all                         ? 
_refine.ls_wR_factor_obs                         ? 
_refine.ls_wR_factor_R_free                      ? 
_refine.ls_wR_factor_R_work                      ? 
_refine.occupancy_max                            ? 
_refine.occupancy_min                            ? 
_refine.solvent_model_details                    ? 
_refine.solvent_model_param_bsol                 ? 
_refine.solvent_model_param_ksol                 ? 
_refine.pdbx_R_complete                          ? 
_refine.ls_R_factor_gt                           ? 
_refine.ls_goodness_of_fit_gt                    ? 
_refine.ls_goodness_of_fit_ref                   ? 
_refine.ls_shift_over_su_max                     ? 
_refine.ls_shift_over_su_max_lt                  ? 
_refine.ls_shift_over_su_mean                    ? 
_refine.ls_shift_over_su_mean_lt                 ? 
_refine.pdbx_ls_sigma_I                          ? 
_refine.pdbx_ls_sigma_F                          0.000 
_refine.pdbx_ls_sigma_Fsqd                       ? 
_refine.pdbx_data_cutoff_high_absF               ? 
_refine.pdbx_data_cutoff_high_rms_absF           ? 
_refine.pdbx_data_cutoff_low_absF                ? 
_refine.pdbx_isotropic_thermal_model             ? 
_refine.pdbx_ls_cross_valid_method               THROUGHOUT 
_refine.pdbx_method_to_determine_struct          'MOLECULAR REPLACEMENT' 
_refine.pdbx_starting_model                      4bhv 
_refine.pdbx_stereochemistry_target_values       ? 
_refine.pdbx_R_Free_selection_details            RANDOM 
_refine.pdbx_stereochem_target_val_spec_case     ? 
_refine.pdbx_overall_ESU_R                       ? 
_refine.pdbx_overall_ESU_R_Free                  ? 
_refine.pdbx_solvent_vdw_probe_radii             ? 
_refine.pdbx_solvent_ion_probe_radii             ? 
_refine.pdbx_solvent_shrinkage_radii             ? 
_refine.pdbx_real_space_R                        ? 
_refine.pdbx_density_correlation                 ? 
_refine.pdbx_pd_number_of_powder_patterns        ? 
_refine.pdbx_pd_number_of_points                 ? 
_refine.pdbx_pd_meas_number_of_points            ? 
_refine.pdbx_pd_proc_ls_prof_R_factor            ? 
_refine.pdbx_pd_proc_ls_prof_wR_factor           ? 
_refine.pdbx_pd_Marquardt_correlation_coeff      ? 
_refine.pdbx_pd_Fsqrd_R_factor                   ? 
_refine.pdbx_pd_ls_matrix_band_width             ? 
_refine.pdbx_overall_phase_error                 ? 
_refine.pdbx_overall_SU_R_free_Cruickshank_DPI   ? 
_refine.pdbx_overall_SU_R_free_Blow_DPI          0.5070 
_refine.pdbx_overall_SU_R_Blow_DPI               ? 
_refine.pdbx_TLS_residual_ADP_flag               ? 
_refine.pdbx_diffrn_id                           1 
_refine.overall_SU_B                             ? 
_refine.overall_SU_ML                            ? 
_refine.overall_SU_R_Cruickshank_DPI             ? 
_refine.overall_SU_R_free                        ? 
_refine.overall_FOM_free_R_set                   ? 
_refine.overall_FOM_work_R_set                   ? 
_refine.pdbx_average_fsc_overall                 ? 
_refine.pdbx_average_fsc_work                    ? 
_refine.pdbx_average_fsc_free                    ? 
# 
_refine_analyze.entry_id                        8B8A 
_refine_analyze.pdbx_refine_id                  'X-RAY DIFFRACTION' 
_refine_analyze.Luzzati_coordinate_error_free   ? 
_refine_analyze.Luzzati_coordinate_error_obs    0.540 
_refine_analyze.Luzzati_d_res_low_free          ? 
_refine_analyze.Luzzati_d_res_low_obs           ? 
_refine_analyze.Luzzati_sigma_a_free            ? 
_refine_analyze.Luzzati_sigma_a_free_details    ? 
_refine_analyze.Luzzati_sigma_a_obs             ? 
_refine_analyze.Luzzati_sigma_a_obs_details     ? 
_refine_analyze.number_disordered_residues      ? 
_refine_analyze.occupancy_sum_hydrogen          ? 
_refine_analyze.occupancy_sum_non_hydrogen      ? 
_refine_analyze.RG_d_res_high                   ? 
_refine_analyze.RG_d_res_low                    ? 
_refine_analyze.RG_free                         ? 
_refine_analyze.RG_work                         ? 
_refine_analyze.RG_free_work_ratio              ? 
_refine_analyze.pdbx_Luzzati_d_res_high_obs     ? 
# 
_refine_hist.pdbx_refine_id                   'X-RAY DIFFRACTION' 
_refine_hist.cycle_id                         final 
_refine_hist.details                          ? 
_refine_hist.d_res_high                       2.7500 
_refine_hist.d_res_low                        20.0000 
_refine_hist.number_atoms_solvent             9 
_refine_hist.number_atoms_total               748 
_refine_hist.number_reflns_all                ? 
_refine_hist.number_reflns_obs                ? 
_refine_hist.number_reflns_R_free             ? 
_refine_hist.number_reflns_R_work             ? 
_refine_hist.R_factor_all                     ? 
_refine_hist.R_factor_obs                     ? 
_refine_hist.R_factor_R_free                  ? 
_refine_hist.R_factor_R_work                  ? 
_refine_hist.pdbx_number_residues_total       95 
_refine_hist.pdbx_B_iso_mean_ligand           ? 
_refine_hist.pdbx_B_iso_mean_solvent          44.75 
_refine_hist.pdbx_number_atoms_protein        739 
_refine_hist.pdbx_number_atoms_nucleic_acid   0 
_refine_hist.pdbx_number_atoms_ligand         0 
_refine_hist.pdbx_number_atoms_lipid          ? 
_refine_hist.pdbx_number_atoms_carb           ? 
_refine_hist.pdbx_pseudo_atom_details         ? 
# 
loop_
_refine_ls_restr.pdbx_refine_id 
_refine_ls_restr.criterion 
_refine_ls_restr.dev_ideal 
_refine_ls_restr.dev_ideal_target 
_refine_ls_restr.number 
_refine_ls_restr.rejects 
_refine_ls_restr.type 
_refine_ls_restr.weight 
_refine_ls_restr.pdbx_restraint_function 
'X-RAY DIFFRACTION' ? ?      ? 291 ? t_dihedral_angle_d        2.000  SINUSOIDAL   
'X-RAY DIFFRACTION' ? ?      ? ?   ? t_trig_c_planes           ?      ?            
'X-RAY DIFFRACTION' ? ?      ? 125 ? t_gen_planes              5.000  HARMONIC     
'X-RAY DIFFRACTION' ? ?      ? 741 ? t_it                      10.000 HARMONIC     
'X-RAY DIFFRACTION' ? ?      ? ?   ? t_nbd                     ?      ?            
'X-RAY DIFFRACTION' ? ?      ? ?   ? t_improper_torsion        ?      ?            
'X-RAY DIFFRACTION' ? ?      ? ?   ? t_pseud_angle             ?      ?            
'X-RAY DIFFRACTION' ? ?      ? 107 ? t_chiral_improper_torsion 5.000  SEMIHARMONIC 
'X-RAY DIFFRACTION' ? ?      ? ?   ? t_sum_occupancies         ?      ?            
'X-RAY DIFFRACTION' ? ?      ? ?   ? t_utility_distance        ?      ?            
'X-RAY DIFFRACTION' ? ?      ? ?   ? t_utility_angle           ?      ?            
'X-RAY DIFFRACTION' ? ?      ? ?   ? t_utility_torsion         ?      ?            
'X-RAY DIFFRACTION' ? ?      ? 627 ? t_ideal_dist_contact      4.000  SEMIHARMONIC 
'X-RAY DIFFRACTION' ? 0.009  ? 741 ? t_bond_d                  2.000  HARMONIC     
'X-RAY DIFFRACTION' ? 0.970  ? 991 ? t_angle_deg               2.000  HARMONIC     
'X-RAY DIFFRACTION' ? 2.510  ? ?   ? t_omega_torsion           ?      ?            
'X-RAY DIFFRACTION' ? 20.590 ? ?   ? t_other_torsion           ?      ?            
# 
_refine_ls_shell.pdbx_refine_id                   'X-RAY DIFFRACTION' 
_refine_ls_shell.d_res_high                       2.7500 
_refine_ls_shell.d_res_low                        3.0000 
_refine_ls_shell.number_reflns_all                378 
_refine_ls_shell.number_reflns_obs                ? 
_refine_ls_shell.number_reflns_R_free             24 
_refine_ls_shell.number_reflns_R_work             354 
_refine_ls_shell.percent_reflns_obs               49.9300 
_refine_ls_shell.percent_reflns_R_free            6.3500 
_refine_ls_shell.R_factor_all                     0.2484 
_refine_ls_shell.R_factor_obs                     ? 
_refine_ls_shell.R_factor_R_free                  0.3463 
_refine_ls_shell.R_factor_R_free_error            0.0000 
_refine_ls_shell.R_factor_R_work                  0.2420 
_refine_ls_shell.redundancy_reflns_all            ? 
_refine_ls_shell.redundancy_reflns_obs            ? 
_refine_ls_shell.wR_factor_all                    ? 
_refine_ls_shell.wR_factor_obs                    ? 
_refine_ls_shell.wR_factor_R_free                 ? 
_refine_ls_shell.wR_factor_R_work                 ? 
_refine_ls_shell.pdbx_R_complete                  ? 
_refine_ls_shell.pdbx_total_number_of_bins_used   7 
_refine_ls_shell.pdbx_phase_error                 ? 
_refine_ls_shell.pdbx_fsc_work                    ? 
_refine_ls_shell.pdbx_fsc_free                    ? 
# 
_struct.entry_id                     8B8A 
_struct.title                        'Multimerization domain of borna disease virus 1 phosphoprotein' 
_struct.pdbx_model_details           ? 
_struct.pdbx_formula_weight          ? 
_struct.pdbx_formula_weight_method   ? 
_struct.pdbx_model_type_details      ? 
_struct.pdbx_CASP_flag               N 
# 
_struct_keywords.entry_id        8B8A 
_struct_keywords.text            'phosphoprotein, RNA polymerase cofactor, VIRAL PROTEIN' 
_struct_keywords.pdbx_keywords   'VIRAL PROTEIN' 
# 
loop_
_struct_asym.id 
_struct_asym.pdbx_blank_PDB_chainid_flag 
_struct_asym.pdbx_modified 
_struct_asym.entity_id 
_struct_asym.details 
A N N 1 ? 
B N N 2 ? 
# 
_struct_ref.id                         1 
_struct_ref.db_name                    UNP 
_struct_ref.db_code                    PHOSP_BDV1 
_struct_ref.pdbx_db_accession          P0C798 
_struct_ref.pdbx_db_isoform            ? 
_struct_ref.entity_id                  1 
_struct_ref.pdbx_seq_one_letter_code   
;GREQLSNDELIKKLVTELAENSMIEAEEVRGTLGDISARIEAGFESLSALQVETIQTAQRCDHSDSIRILGENIKILDRS
MKTMMETMKLMMEKVDLLYASTAVGTSA
;
_struct_ref.pdbx_align_begin           65 
# 
_struct_ref_seq.align_id                      1 
_struct_ref_seq.ref_id                        1 
_struct_ref_seq.pdbx_PDB_id_code              8B8A 
_struct_ref_seq.pdbx_strand_id                A 
_struct_ref_seq.seq_align_beg                 4 
_struct_ref_seq.pdbx_seq_align_beg_ins_code   ? 
_struct_ref_seq.seq_align_end                 111 
_struct_ref_seq.pdbx_seq_align_end_ins_code   ? 
_struct_ref_seq.pdbx_db_accession             P0C798 
_struct_ref_seq.db_align_beg                  65 
_struct_ref_seq.pdbx_db_align_beg_ins_code    ? 
_struct_ref_seq.db_align_end                  172 
_struct_ref_seq.pdbx_db_align_end_ins_code    ? 
_struct_ref_seq.pdbx_auth_seq_align_beg       -6 
_struct_ref_seq.pdbx_auth_seq_align_end       101 
# 
loop_
_struct_ref_seq_dif.align_id 
_struct_ref_seq_dif.pdbx_pdb_id_code 
_struct_ref_seq_dif.mon_id 
_struct_ref_seq_dif.pdbx_pdb_strand_id 
_struct_ref_seq_dif.seq_num 
_struct_ref_seq_dif.pdbx_pdb_ins_code 
_struct_ref_seq_dif.pdbx_seq_db_name 
_struct_ref_seq_dif.pdbx_seq_db_accession_code 
_struct_ref_seq_dif.db_mon_id 
_struct_ref_seq_dif.pdbx_seq_db_seq_num 
_struct_ref_seq_dif.details 
_struct_ref_seq_dif.pdbx_auth_seq_num 
_struct_ref_seq_dif.pdbx_ordinal 
1 8B8A GLY A 1 ? UNP P0C798 ? ? 'expression tag' -9 1 
1 8B8A ALA A 2 ? UNP P0C798 ? ? 'expression tag' -8 2 
1 8B8A MET A 3 ? UNP P0C798 ? ? 'expression tag' -7 3 
# 
_pdbx_struct_assembly.id                   1 
_pdbx_struct_assembly.details              author_and_software_defined_assembly 
_pdbx_struct_assembly.method_details       PISA 
_pdbx_struct_assembly.oligomeric_details   tetrameric 
_pdbx_struct_assembly.oligomeric_count     4 
# 
loop_
_pdbx_struct_assembly_prop.biol_id 
_pdbx_struct_assembly_prop.type 
_pdbx_struct_assembly_prop.value 
_pdbx_struct_assembly_prop.details 
1 'ABSA (A^2)' 16250 ? 
1 MORE         -201  ? 
1 'SSA (A^2)'  21210 ? 
# 
_pdbx_struct_assembly_gen.assembly_id       1 
_pdbx_struct_assembly_gen.oper_expression   1,2,3,4 
_pdbx_struct_assembly_gen.asym_id_list      A,B 
# 
_pdbx_struct_assembly_auth_evidence.id                     1 
_pdbx_struct_assembly_auth_evidence.assembly_id            1 
_pdbx_struct_assembly_auth_evidence.experimental_support   SAXS 
_pdbx_struct_assembly_auth_evidence.details                'assayed by SEC-SAXS, MALLS and gel filtration' 
# 
loop_
_pdbx_struct_oper_list.id 
_pdbx_struct_oper_list.type 
_pdbx_struct_oper_list.name 
_pdbx_struct_oper_list.symmetry_operation 
_pdbx_struct_oper_list.matrix[1][1] 
_pdbx_struct_oper_list.matrix[1][2] 
_pdbx_struct_oper_list.matrix[1][3] 
_pdbx_struct_oper_list.vector[1] 
_pdbx_struct_oper_list.matrix[2][1] 
_pdbx_struct_oper_list.matrix[2][2] 
_pdbx_struct_oper_list.matrix[2][3] 
_pdbx_struct_oper_list.vector[2] 
_pdbx_struct_oper_list.matrix[3][1] 
_pdbx_struct_oper_list.matrix[3][2] 
_pdbx_struct_oper_list.matrix[3][3] 
_pdbx_struct_oper_list.vector[3] 
1 'identity operation'         1_555 x,y,z          1.0000000000  0.0000000000  0.0000000000  0.0000000000  0.0000000000  1.0000000000 0.0000000000  0.0000000000  0.0000000000  0.0000000000  1.0000000000  0.0000000000  
2 'crystal symmetry operation' 2_655 -x+1,-y,z      -0.9766422651 -0.1705082758 0.1307547856  -8.3327179874 -0.1705082758 0.2446871328 -0.9544920822 1.5946426896  0.1307547856  -0.9544920822 -0.2680448677 3.5680009057  
3 'crystal symmetry operation' 3_545 -y+1/2,x-1/2,z 0.0116788675  0.5197066593  0.8542649427  -6.0560828963 -0.6902149351 0.6223435664 -0.3691772322 -1.9159573175 -0.7235101571 -0.5853148500 0.3659775661  -1.4166227177 
4 'crystal symmetry operation' 4_555 y+1/2,-x+1/2,z 0.0116788675  -0.6902149351 -0.7235101571 -2.2766350911 0.5197066593  0.6223435664 -0.5853148500 3.5106000071  0.8542649427  -0.3691772322 0.3659775661  4.9846236234 
# 
loop_
_struct_conf.conf_type_id 
_struct_conf.id 
_struct_conf.pdbx_PDB_helix_id 
_struct_conf.beg_label_comp_id 
_struct_conf.beg_label_asym_id 
_struct_conf.beg_label_seq_id 
_struct_conf.pdbx_beg_PDB_ins_code 
_struct_conf.end_label_comp_id 
_struct_conf.end_label_asym_id 
_struct_conf.end_label_seq_id 
_struct_conf.pdbx_end_PDB_ins_code 
_struct_conf.beg_auth_comp_id 
_struct_conf.beg_auth_asym_id 
_struct_conf.beg_auth_seq_id 
_struct_conf.end_auth_comp_id 
_struct_conf.end_auth_asym_id 
_struct_conf.end_auth_seq_id 
_struct_conf.pdbx_PDB_helix_class 
_struct_conf.details 
_struct_conf.pdbx_PDB_helix_length 
HELX_P HELX_P1 AA1 ASP A 11 ? ARG A 63  ? ASP A 1  ARG A 53 1 ? 53 
HELX_P HELX_P2 AA2 HIS A 66 ? SER A 104 ? HIS A 56 SER A 94 1 ? 39 
# 
_struct_conf_type.id          HELX_P 
_struct_conf_type.criteria    ? 
_struct_conf_type.reference   ? 
# 
loop_
_pdbx_struct_special_symmetry.id 
_pdbx_struct_special_symmetry.PDB_model_num 
_pdbx_struct_special_symmetry.auth_asym_id 
_pdbx_struct_special_symmetry.auth_comp_id 
_pdbx_struct_special_symmetry.auth_seq_id 
_pdbx_struct_special_symmetry.PDB_ins_code 
_pdbx_struct_special_symmetry.label_asym_id 
_pdbx_struct_special_symmetry.label_comp_id 
_pdbx_struct_special_symmetry.label_seq_id 
1 1 A HOH 206 ? B HOH . 
2 1 A HOH 212 ? B HOH . 
3 1 A HOH 216 ? B HOH . 
4 1 A HOH 217 ? B HOH . 
5 1 A HOH 218 ? B HOH . 
# 
loop_
_pdbx_refine_tls.id 
_pdbx_refine_tls.pdbx_refine_id 
_pdbx_refine_tls.details 
_pdbx_refine_tls.method 
_pdbx_refine_tls.origin_x 
_pdbx_refine_tls.origin_y 
_pdbx_refine_tls.origin_z 
_pdbx_refine_tls.T[1][1] 
_pdbx_refine_tls.T[1][1]_esd 
_pdbx_refine_tls.T[1][2] 
_pdbx_refine_tls.T[1][2]_esd 
_pdbx_refine_tls.T[1][3] 
_pdbx_refine_tls.T[1][3]_esd 
_pdbx_refine_tls.T[2][2] 
_pdbx_refine_tls.T[2][2]_esd 
_pdbx_refine_tls.T[2][3] 
_pdbx_refine_tls.T[2][3]_esd 
_pdbx_refine_tls.T[3][3] 
_pdbx_refine_tls.T[3][3]_esd 
_pdbx_refine_tls.L[1][1] 
_pdbx_refine_tls.L[1][1]_esd 
_pdbx_refine_tls.L[1][2] 
_pdbx_refine_tls.L[1][2]_esd 
_pdbx_refine_tls.L[1][3] 
_pdbx_refine_tls.L[1][3]_esd 
_pdbx_refine_tls.L[2][2] 
_pdbx_refine_tls.L[2][2]_esd 
_pdbx_refine_tls.L[2][3] 
_pdbx_refine_tls.L[2][3]_esd 
_pdbx_refine_tls.L[3][3] 
_pdbx_refine_tls.L[3][3]_esd 
_pdbx_refine_tls.S[1][1] 
_pdbx_refine_tls.S[1][1]_esd 
_pdbx_refine_tls.S[1][2] 
_pdbx_refine_tls.S[1][2]_esd 
_pdbx_refine_tls.S[1][3] 
_pdbx_refine_tls.S[1][3]_esd 
_pdbx_refine_tls.S[2][1] 
_pdbx_refine_tls.S[2][1]_esd 
_pdbx_refine_tls.S[2][2] 
_pdbx_refine_tls.S[2][2]_esd 
_pdbx_refine_tls.S[2][3] 
_pdbx_refine_tls.S[2][3]_esd 
_pdbx_refine_tls.S[3][1] 
_pdbx_refine_tls.S[3][1]_esd 
_pdbx_refine_tls.S[3][2] 
_pdbx_refine_tls.S[3][2]_esd 
_pdbx_refine_tls.S[3][3] 
_pdbx_refine_tls.S[3][3]_esd 
1 'X-RAY DIFFRACTION' ? refined 2.8174  -28.8969 16.2937  -0.1836 ? 0.0731  ? 0.0797 ? 0.1325 ? -0.2159 ? 0.0538  ? 1.4893 ? 0.7489 ? -0.3336 ? 6.3521 ? -2.4333 ? 2.9611 ? -0.0747 ? -0.1784 ? -0.5385 ? 0.1569  ? 0.1348 ? -0.1540 ? 0.4092  ? 0.0709 ? -0.0599 ? 
2 'X-RAY DIFFRACTION' ? refined -3.3814 35.8626  -19.9409 -0.1440 ? -0.1547 ? 0.0525 ? 0.1411 ? -0.0937 ? -0.0265 ? 1.3936 ? 1.1122 ? -0.5747 ? 7.7712 ? -1.9167 ? 4.0268 ? 0.0212  ? -0.0537 ? 0.2899  ? -0.1344 ? 0.1274 ? 0.0232  ? -0.6294 ? 0.1202 ? -0.1486 ? 
# 
loop_
_pdbx_refine_tls_group.id 
_pdbx_refine_tls_group.pdbx_refine_id 
_pdbx_refine_tls_group.refine_tls_id 
_pdbx_refine_tls_group.beg_label_asym_id 
_pdbx_refine_tls_group.beg_label_seq_id 
_pdbx_refine_tls_group.beg_auth_asym_id 
_pdbx_refine_tls_group.beg_auth_seq_id 
_pdbx_refine_tls_group.beg_PDB_ins_code 
_pdbx_refine_tls_group.end_label_asym_id 
_pdbx_refine_tls_group.end_label_seq_id 
_pdbx_refine_tls_group.end_auth_asym_id 
_pdbx_refine_tls_group.end_auth_seq_id 
_pdbx_refine_tls_group.end_PDB_ins_code 
_pdbx_refine_tls_group.selection 
_pdbx_refine_tls_group.selection_details 
1 'X-RAY DIFFRACTION' 1 ? ? A 1  ? ? ? A 53 ? ? '{ A|1 - A|53 }'  
2 'X-RAY DIFFRACTION' 2 ? ? A 54 ? ? ? A 95 ? ? '{ A|54 - A|95 }' 
# 
_phasing.method   MR 
# 
loop_
_pdbx_distant_solvent_atoms.id 
_pdbx_distant_solvent_atoms.PDB_model_num 
_pdbx_distant_solvent_atoms.auth_atom_id 
_pdbx_distant_solvent_atoms.label_alt_id 
_pdbx_distant_solvent_atoms.auth_asym_id 
_pdbx_distant_solvent_atoms.auth_comp_id 
_pdbx_distant_solvent_atoms.auth_seq_id 
_pdbx_distant_solvent_atoms.PDB_ins_code 
_pdbx_distant_solvent_atoms.neighbor_macromolecule_distance 
_pdbx_distant_solvent_atoms.neighbor_ligand_distance 
1 1 O ? A HOH 216 ? 5.85 . 
2 1 O ? A HOH 217 ? 5.86 . 
3 1 O ? A HOH 218 ? 5.87 . 
# 
loop_
_pdbx_unobs_or_zero_occ_residues.id 
_pdbx_unobs_or_zero_occ_residues.PDB_model_num 
_pdbx_unobs_or_zero_occ_residues.polymer_flag 
_pdbx_unobs_or_zero_occ_residues.occupancy_flag 
_pdbx_unobs_or_zero_occ_residues.auth_asym_id 
_pdbx_unobs_or_zero_occ_residues.auth_comp_id 
_pdbx_unobs_or_zero_occ_residues.auth_seq_id 
_pdbx_unobs_or_zero_occ_residues.PDB_ins_code 
_pdbx_unobs_or_zero_occ_residues.label_asym_id 
_pdbx_unobs_or_zero_occ_residues.label_comp_id 
_pdbx_unobs_or_zero_occ_residues.label_seq_id 
1  1 Y 1 A GLY -9  ? A GLY 1   
2  1 Y 1 A ALA -8  ? A ALA 2   
3  1 Y 1 A MET -7  ? A MET 3   
4  1 Y 1 A GLY -6  ? A GLY 4   
5  1 Y 1 A ARG -5  ? A ARG 5   
6  1 Y 1 A GLU -4  ? A GLU 6   
7  1 Y 1 A GLN -3  ? A GLN 7   
8  1 Y 1 A LEU -2  ? A LEU 8   
9  1 Y 1 A SER -1  ? A SER 9   
10 1 Y 1 A ASN 0   ? A ASN 10  
11 1 Y 1 A ALA 96  ? A ALA 106 
12 1 Y 1 A VAL 97  ? A VAL 107 
13 1 Y 1 A GLY 98  ? A GLY 108 
14 1 Y 1 A THR 99  ? A THR 109 
15 1 Y 1 A SER 100 ? A SER 110 
16 1 Y 1 A ALA 101 ? A ALA 111 
17 1 N 0 A HOH 201 ? B HOH ?   
18 1 N 0 A HOH 206 ? B HOH ?   
19 1 N 0 A HOH 212 ? B HOH ?   
20 1 N 0 A HOH 213 ? B HOH ?   
21 1 N 0 A HOH 214 ? B HOH ?   
22 1 N 0 A HOH 215 ? B HOH ?   
23 1 N 0 A HOH 216 ? B HOH ?   
24 1 N 0 A HOH 217 ? B HOH ?   
25 1 N 0 A HOH 218 ? B HOH ?   
# 
loop_
_chem_comp_atom.comp_id 
_chem_comp_atom.atom_id 
_chem_comp_atom.type_symbol 
_chem_comp_atom.pdbx_aromatic_flag 
_chem_comp_atom.pdbx_stereo_config 
_chem_comp_atom.pdbx_ordinal 
ALA N    N N N 1   
ALA CA   C N S 2   
ALA C    C N N 3   
ALA O    O N N 4   
ALA CB   C N N 5   
ALA OXT  O N N 6   
ALA H    H N N 7   
ALA H2   H N N 8   
ALA HA   H N N 9   
ALA HB1  H N N 10  
ALA HB2  H N N 11  
ALA HB3  H N N 12  
ALA HXT  H N N 13  
ARG N    N N N 14  
ARG CA   C N S 15  
ARG C    C N N 16  
ARG O    O N N 17  
ARG CB   C N N 18  
ARG CG   C N N 19  
ARG CD   C N N 20  
ARG NE   N N N 21  
ARG CZ   C N N 22  
ARG NH1  N N N 23  
ARG NH2  N N N 24  
ARG OXT  O N N 25  
ARG H    H N N 26  
ARG H2   H N N 27  
ARG HA   H N N 28  
ARG HB2  H N N 29  
ARG HB3  H N N 30  
ARG HG2  H N N 31  
ARG HG3  H N N 32  
ARG HD2  H N N 33  
ARG HD3  H N N 34  
ARG HE   H N N 35  
ARG HH11 H N N 36  
ARG HH12 H N N 37  
ARG HH21 H N N 38  
ARG HH22 H N N 39  
ARG HXT  H N N 40  
ASN N    N N N 41  
ASN CA   C N S 42  
ASN C    C N N 43  
ASN O    O N N 44  
ASN CB   C N N 45  
ASN CG   C N N 46  
ASN OD1  O N N 47  
ASN ND2  N N N 48  
ASN OXT  O N N 49  
ASN H    H N N 50  
ASN H2   H N N 51  
ASN HA   H N N 52  
ASN HB2  H N N 53  
ASN HB3  H N N 54  
ASN HD21 H N N 55  
ASN HD22 H N N 56  
ASN HXT  H N N 57  
ASP N    N N N 58  
ASP CA   C N S 59  
ASP C    C N N 60  
ASP O    O N N 61  
ASP CB   C N N 62  
ASP CG   C N N 63  
ASP OD1  O N N 64  
ASP OD2  O N N 65  
ASP OXT  O N N 66  
ASP H    H N N 67  
ASP H2   H N N 68  
ASP HA   H N N 69  
ASP HB2  H N N 70  
ASP HB3  H N N 71  
ASP HD2  H N N 72  
ASP HXT  H N N 73  
CYS N    N N N 74  
CYS CA   C N R 75  
CYS C    C N N 76  
CYS O    O N N 77  
CYS CB   C N N 78  
CYS SG   S N N 79  
CYS OXT  O N N 80  
CYS H    H N N 81  
CYS H2   H N N 82  
CYS HA   H N N 83  
CYS HB2  H N N 84  
CYS HB3  H N N 85  
CYS HG   H N N 86  
CYS HXT  H N N 87  
GLN N    N N N 88  
GLN CA   C N S 89  
GLN C    C N N 90  
GLN O    O N N 91  
GLN CB   C N N 92  
GLN CG   C N N 93  
GLN CD   C N N 94  
GLN OE1  O N N 95  
GLN NE2  N N N 96  
GLN OXT  O N N 97  
GLN H    H N N 98  
GLN H2   H N N 99  
GLN HA   H N N 100 
GLN HB2  H N N 101 
GLN HB3  H N N 102 
GLN HG2  H N N 103 
GLN HG3  H N N 104 
GLN HE21 H N N 105 
GLN HE22 H N N 106 
GLN HXT  H N N 107 
GLU N    N N N 108 
GLU CA   C N S 109 
GLU C    C N N 110 
GLU O    O N N 111 
GLU CB   C N N 112 
GLU CG   C N N 113 
GLU CD   C N N 114 
GLU OE1  O N N 115 
GLU OE2  O N N 116 
GLU OXT  O N N 117 
GLU H    H N N 118 
GLU H2   H N N 119 
GLU HA   H N N 120 
GLU HB2  H N N 121 
GLU HB3  H N N 122 
GLU HG2  H N N 123 
GLU HG3  H N N 124 
GLU HE2  H N N 125 
GLU HXT  H N N 126 
GLY N    N N N 127 
GLY CA   C N N 128 
GLY C    C N N 129 
GLY O    O N N 130 
GLY OXT  O N N 131 
GLY H    H N N 132 
GLY H2   H N N 133 
GLY HA2  H N N 134 
GLY HA3  H N N 135 
GLY HXT  H N N 136 
HIS N    N N N 137 
HIS CA   C N S 138 
HIS C    C N N 139 
HIS O    O N N 140 
HIS CB   C N N 141 
HIS CG   C Y N 142 
HIS ND1  N Y N 143 
HIS CD2  C Y N 144 
HIS CE1  C Y N 145 
HIS NE2  N Y N 146 
HIS OXT  O N N 147 
HIS H    H N N 148 
HIS H2   H N N 149 
HIS HA   H N N 150 
HIS HB2  H N N 151 
HIS HB3  H N N 152 
HIS HD1  H N N 153 
HIS HD2  H N N 154 
HIS HE1  H N N 155 
HIS HE2  H N N 156 
HIS HXT  H N N 157 
HOH O    O N N 158 
HOH H1   H N N 159 
HOH H2   H N N 160 
ILE N    N N N 161 
ILE CA   C N S 162 
ILE C    C N N 163 
ILE O    O N N 164 
ILE CB   C N S 165 
ILE CG1  C N N 166 
ILE CG2  C N N 167 
ILE CD1  C N N 168 
ILE OXT  O N N 169 
ILE H    H N N 170 
ILE H2   H N N 171 
ILE HA   H N N 172 
ILE HB   H N N 173 
ILE HG12 H N N 174 
ILE HG13 H N N 175 
ILE HG21 H N N 176 
ILE HG22 H N N 177 
ILE HG23 H N N 178 
ILE HD11 H N N 179 
ILE HD12 H N N 180 
ILE HD13 H N N 181 
ILE HXT  H N N 182 
LEU N    N N N 183 
LEU CA   C N S 184 
LEU C    C N N 185 
LEU O    O N N 186 
LEU CB   C N N 187 
LEU CG   C N N 188 
LEU CD1  C N N 189 
LEU CD2  C N N 190 
LEU OXT  O N N 191 
LEU H    H N N 192 
LEU H2   H N N 193 
LEU HA   H N N 194 
LEU HB2  H N N 195 
LEU HB3  H N N 196 
LEU HG   H N N 197 
LEU HD11 H N N 198 
LEU HD12 H N N 199 
LEU HD13 H N N 200 
LEU HD21 H N N 201 
LEU HD22 H N N 202 
LEU HD23 H N N 203 
LEU HXT  H N N 204 
LYS N    N N N 205 
LYS CA   C N S 206 
LYS C    C N N 207 
LYS O    O N N 208 
LYS CB   C N N 209 
LYS CG   C N N 210 
LYS CD   C N N 211 
LYS CE   C N N 212 
LYS NZ   N N N 213 
LYS OXT  O N N 214 
LYS H    H N N 215 
LYS H2   H N N 216 
LYS HA   H N N 217 
LYS HB2  H N N 218 
LYS HB3  H N N 219 
LYS HG2  H N N 220 
LYS HG3  H N N 221 
LYS HD2  H N N 222 
LYS HD3  H N N 223 
LYS HE2  H N N 224 
LYS HE3  H N N 225 
LYS HZ1  H N N 226 
LYS HZ2  H N N 227 
LYS HZ3  H N N 228 
LYS HXT  H N N 229 
MET N    N N N 230 
MET CA   C N S 231 
MET C    C N N 232 
MET O    O N N 233 
MET CB   C N N 234 
MET CG   C N N 235 
MET SD   S N N 236 
MET CE   C N N 237 
MET OXT  O N N 238 
MET H    H N N 239 
MET H2   H N N 240 
MET HA   H N N 241 
MET HB2  H N N 242 
MET HB3  H N N 243 
MET HG2  H N N 244 
MET HG3  H N N 245 
MET HE1  H N N 246 
MET HE2  H N N 247 
MET HE3  H N N 248 
MET HXT  H N N 249 
PHE N    N N N 250 
PHE CA   C N S 251 
PHE C    C N N 252 
PHE O    O N N 253 
PHE CB   C N N 254 
PHE CG   C Y N 255 
PHE CD1  C Y N 256 
PHE CD2  C Y N 257 
PHE CE1  C Y N 258 
PHE CE2  C Y N 259 
PHE CZ   C Y N 260 
PHE OXT  O N N 261 
PHE H    H N N 262 
PHE H2   H N N 263 
PHE HA   H N N 264 
PHE HB2  H N N 265 
PHE HB3  H N N 266 
PHE HD1  H N N 267 
PHE HD2  H N N 268 
PHE HE1  H N N 269 
PHE HE2  H N N 270 
PHE HZ   H N N 271 
PHE HXT  H N N 272 
SER N    N N N 273 
SER CA   C N S 274 
SER C    C N N 275 
SER O    O N N 276 
SER CB   C N N 277 
SER OG   O N N 278 
SER OXT  O N N 279 
SER H    H N N 280 
SER H2   H N N 281 
SER HA   H N N 282 
SER HB2  H N N 283 
SER HB3  H N N 284 
SER HG   H N N 285 
SER HXT  H N N 286 
THR N    N N N 287 
THR CA   C N S 288 
THR C    C N N 289 
THR O    O N N 290 
THR CB   C N R 291 
THR OG1  O N N 292 
THR CG2  C N N 293 
THR OXT  O N N 294 
THR H    H N N 295 
THR H2   H N N 296 
THR HA   H N N 297 
THR HB   H N N 298 
THR HG1  H N N 299 
THR HG21 H N N 300 
THR HG22 H N N 301 
THR HG23 H N N 302 
THR HXT  H N N 303 
TYR N    N N N 304 
TYR CA   C N S 305 
TYR C    C N N 306 
TYR O    O N N 307 
TYR CB   C N N 308 
TYR CG   C Y N 309 
TYR CD1  C Y N 310 
TYR CD2  C Y N 311 
TYR CE1  C Y N 312 
TYR CE2  C Y N 313 
TYR CZ   C Y N 314 
TYR OH   O N N 315 
TYR OXT  O N N 316 
TYR H    H N N 317 
TYR H2   H N N 318 
TYR HA   H N N 319 
TYR HB2  H N N 320 
TYR HB3  H N N 321 
TYR HD1  H N N 322 
TYR HD2  H N N 323 
TYR HE1  H N N 324 
TYR HE2  H N N 325 
TYR HH   H N N 326 
TYR HXT  H N N 327 
VAL N    N N N 328 
VAL CA   C N S 329 
VAL C    C N N 330 
VAL O    O N N 331 
VAL CB   C N N 332 
VAL CG1  C N N 333 
VAL CG2  C N N 334 
VAL OXT  O N N 335 
VAL H    H N N 336 
VAL H2   H N N 337 
VAL HA   H N N 338 
VAL HB   H N N 339 
VAL HG11 H N N 340 
VAL HG12 H N N 341 
VAL HG13 H N N 342 
VAL HG21 H N N 343 
VAL HG22 H N N 344 
VAL HG23 H N N 345 
VAL HXT  H N N 346 
# 
loop_
_chem_comp_bond.comp_id 
_chem_comp_bond.atom_id_1 
_chem_comp_bond.atom_id_2 
_chem_comp_bond.value_order 
_chem_comp_bond.pdbx_aromatic_flag 
_chem_comp_bond.pdbx_stereo_config 
_chem_comp_bond.pdbx_ordinal 
ALA N   CA   sing N N 1   
ALA N   H    sing N N 2   
ALA N   H2   sing N N 3   
ALA CA  C    sing N N 4   
ALA CA  CB   sing N N 5   
ALA CA  HA   sing N N 6   
ALA C   O    doub N N 7   
ALA C   OXT  sing N N 8   
ALA CB  HB1  sing N N 9   
ALA CB  HB2  sing N N 10  
ALA CB  HB3  sing N N 11  
ALA OXT HXT  sing N N 12  
ARG N   CA   sing N N 13  
ARG N   H    sing N N 14  
ARG N   H2   sing N N 15  
ARG CA  C    sing N N 16  
ARG CA  CB   sing N N 17  
ARG CA  HA   sing N N 18  
ARG C   O    doub N N 19  
ARG C   OXT  sing N N 20  
ARG CB  CG   sing N N 21  
ARG CB  HB2  sing N N 22  
ARG CB  HB3  sing N N 23  
ARG CG  CD   sing N N 24  
ARG CG  HG2  sing N N 25  
ARG CG  HG3  sing N N 26  
ARG CD  NE   sing N N 27  
ARG CD  HD2  sing N N 28  
ARG CD  HD3  sing N N 29  
ARG NE  CZ   sing N N 30  
ARG NE  HE   sing N N 31  
ARG CZ  NH1  sing N N 32  
ARG CZ  NH2  doub N N 33  
ARG NH1 HH11 sing N N 34  
ARG NH1 HH12 sing N N 35  
ARG NH2 HH21 sing N N 36  
ARG NH2 HH22 sing N N 37  
ARG OXT HXT  sing N N 38  
ASN N   CA   sing N N 39  
ASN N   H    sing N N 40  
ASN N   H2   sing N N 41  
ASN CA  C    sing N N 42  
ASN CA  CB   sing N N 43  
ASN CA  HA   sing N N 44  
ASN C   O    doub N N 45  
ASN C   OXT  sing N N 46  
ASN CB  CG   sing N N 47  
ASN CB  HB2  sing N N 48  
ASN CB  HB3  sing N N 49  
ASN CG  OD1  doub N N 50  
ASN CG  ND2  sing N N 51  
ASN ND2 HD21 sing N N 52  
ASN ND2 HD22 sing N N 53  
ASN OXT HXT  sing N N 54  
ASP N   CA   sing N N 55  
ASP N   H    sing N N 56  
ASP N   H2   sing N N 57  
ASP CA  C    sing N N 58  
ASP CA  CB   sing N N 59  
ASP CA  HA   sing N N 60  
ASP C   O    doub N N 61  
ASP C   OXT  sing N N 62  
ASP CB  CG   sing N N 63  
ASP CB  HB2  sing N N 64  
ASP CB  HB3  sing N N 65  
ASP CG  OD1  doub N N 66  
ASP CG  OD2  sing N N 67  
ASP OD2 HD2  sing N N 68  
ASP OXT HXT  sing N N 69  
CYS N   CA   sing N N 70  
CYS N   H    sing N N 71  
CYS N   H2   sing N N 72  
CYS CA  C    sing N N 73  
CYS CA  CB   sing N N 74  
CYS CA  HA   sing N N 75  
CYS C   O    doub N N 76  
CYS C   OXT  sing N N 77  
CYS CB  SG   sing N N 78  
CYS CB  HB2  sing N N 79  
CYS CB  HB3  sing N N 80  
CYS SG  HG   sing N N 81  
CYS OXT HXT  sing N N 82  
GLN N   CA   sing N N 83  
GLN N   H    sing N N 84  
GLN N   H2   sing N N 85  
GLN CA  C    sing N N 86  
GLN CA  CB   sing N N 87  
GLN CA  HA   sing N N 88  
GLN C   O    doub N N 89  
GLN C   OXT  sing N N 90  
GLN CB  CG   sing N N 91  
GLN CB  HB2  sing N N 92  
GLN CB  HB3  sing N N 93  
GLN CG  CD   sing N N 94  
GLN CG  HG2  sing N N 95  
GLN CG  HG3  sing N N 96  
GLN CD  OE1  doub N N 97  
GLN CD  NE2  sing N N 98  
GLN NE2 HE21 sing N N 99  
GLN NE2 HE22 sing N N 100 
GLN OXT HXT  sing N N 101 
GLU N   CA   sing N N 102 
GLU N   H    sing N N 103 
GLU N   H2   sing N N 104 
GLU CA  C    sing N N 105 
GLU CA  CB   sing N N 106 
GLU CA  HA   sing N N 107 
GLU C   O    doub N N 108 
GLU C   OXT  sing N N 109 
GLU CB  CG   sing N N 110 
GLU CB  HB2  sing N N 111 
GLU CB  HB3  sing N N 112 
GLU CG  CD   sing N N 113 
GLU CG  HG2  sing N N 114 
GLU CG  HG3  sing N N 115 
GLU CD  OE1  doub N N 116 
GLU CD  OE2  sing N N 117 
GLU OE2 HE2  sing N N 118 
GLU OXT HXT  sing N N 119 
GLY N   CA   sing N N 120 
GLY N   H    sing N N 121 
GLY N   H2   sing N N 122 
GLY CA  C    sing N N 123 
GLY CA  HA2  sing N N 124 
GLY CA  HA3  sing N N 125 
GLY C   O    doub N N 126 
GLY C   OXT  sing N N 127 
GLY OXT HXT  sing N N 128 
HIS N   CA   sing N N 129 
HIS N   H    sing N N 130 
HIS N   H2   sing N N 131 
HIS CA  C    sing N N 132 
HIS CA  CB   sing N N 133 
HIS CA  HA   sing N N 134 
HIS C   O    doub N N 135 
HIS C   OXT  sing N N 136 
HIS CB  CG   sing N N 137 
HIS CB  HB2  sing N N 138 
HIS CB  HB3  sing N N 139 
HIS CG  ND1  sing Y N 140 
HIS CG  CD2  doub Y N 141 
HIS ND1 CE1  doub Y N 142 
HIS ND1 HD1  sing N N 143 
HIS CD2 NE2  sing Y N 144 
HIS CD2 HD2  sing N N 145 
HIS CE1 NE2  sing Y N 146 
HIS CE1 HE1  sing N N 147 
HIS NE2 HE2  sing N N 148 
HIS OXT HXT  sing N N 149 
HOH O   H1   sing N N 150 
HOH O   H2   sing N N 151 
ILE N   CA   sing N N 152 
ILE N   H    sing N N 153 
ILE N   H2   sing N N 154 
ILE CA  C    sing N N 155 
ILE CA  CB   sing N N 156 
ILE CA  HA   sing N N 157 
ILE C   O    doub N N 158 
ILE C   OXT  sing N N 159 
ILE CB  CG1  sing N N 160 
ILE CB  CG2  sing N N 161 
ILE CB  HB   sing N N 162 
ILE CG1 CD1  sing N N 163 
ILE CG1 HG12 sing N N 164 
ILE CG1 HG13 sing N N 165 
ILE CG2 HG21 sing N N 166 
ILE CG2 HG22 sing N N 167 
ILE CG2 HG23 sing N N 168 
ILE CD1 HD11 sing N N 169 
ILE CD1 HD12 sing N N 170 
ILE CD1 HD13 sing N N 171 
ILE OXT HXT  sing N N 172 
LEU N   CA   sing N N 173 
LEU N   H    sing N N 174 
LEU N   H2   sing N N 175 
LEU CA  C    sing N N 176 
LEU CA  CB   sing N N 177 
LEU CA  HA   sing N N 178 
LEU C   O    doub N N 179 
LEU C   OXT  sing N N 180 
LEU CB  CG   sing N N 181 
LEU CB  HB2  sing N N 182 
LEU CB  HB3  sing N N 183 
LEU CG  CD1  sing N N 184 
LEU CG  CD2  sing N N 185 
LEU CG  HG   sing N N 186 
LEU CD1 HD11 sing N N 187 
LEU CD1 HD12 sing N N 188 
LEU CD1 HD13 sing N N 189 
LEU CD2 HD21 sing N N 190 
LEU CD2 HD22 sing N N 191 
LEU CD2 HD23 sing N N 192 
LEU OXT HXT  sing N N 193 
LYS N   CA   sing N N 194 
LYS N   H    sing N N 195 
LYS N   H2   sing N N 196 
LYS CA  C    sing N N 197 
LYS CA  CB   sing N N 198 
LYS CA  HA   sing N N 199 
LYS C   O    doub N N 200 
LYS C   OXT  sing N N 201 
LYS CB  CG   sing N N 202 
LYS CB  HB2  sing N N 203 
LYS CB  HB3  sing N N 204 
LYS CG  CD   sing N N 205 
LYS CG  HG2  sing N N 206 
LYS CG  HG3  sing N N 207 
LYS CD  CE   sing N N 208 
LYS CD  HD2  sing N N 209 
LYS CD  HD3  sing N N 210 
LYS CE  NZ   sing N N 211 
LYS CE  HE2  sing N N 212 
LYS CE  HE3  sing N N 213 
LYS NZ  HZ1  sing N N 214 
LYS NZ  HZ2  sing N N 215 
LYS NZ  HZ3  sing N N 216 
LYS OXT HXT  sing N N 217 
MET N   CA   sing N N 218 
MET N   H    sing N N 219 
MET N   H2   sing N N 220 
MET CA  C    sing N N 221 
MET CA  CB   sing N N 222 
MET CA  HA   sing N N 223 
MET C   O    doub N N 224 
MET C   OXT  sing N N 225 
MET CB  CG   sing N N 226 
MET CB  HB2  sing N N 227 
MET CB  HB3  sing N N 228 
MET CG  SD   sing N N 229 
MET CG  HG2  sing N N 230 
MET CG  HG3  sing N N 231 
MET SD  CE   sing N N 232 
MET CE  HE1  sing N N 233 
MET CE  HE2  sing N N 234 
MET CE  HE3  sing N N 235 
MET OXT HXT  sing N N 236 
PHE N   CA   sing N N 237 
PHE N   H    sing N N 238 
PHE N   H2   sing N N 239 
PHE CA  C    sing N N 240 
PHE CA  CB   sing N N 241 
PHE CA  HA   sing N N 242 
PHE C   O    doub N N 243 
PHE C   OXT  sing N N 244 
PHE CB  CG   sing N N 245 
PHE CB  HB2  sing N N 246 
PHE CB  HB3  sing N N 247 
PHE CG  CD1  doub Y N 248 
PHE CG  CD2  sing Y N 249 
PHE CD1 CE1  sing Y N 250 
PHE CD1 HD1  sing N N 251 
PHE CD2 CE2  doub Y N 252 
PHE CD2 HD2  sing N N 253 
PHE CE1 CZ   doub Y N 254 
PHE CE1 HE1  sing N N 255 
PHE CE2 CZ   sing Y N 256 
PHE CE2 HE2  sing N N 257 
PHE CZ  HZ   sing N N 258 
PHE OXT HXT  sing N N 259 
SER N   CA   sing N N 260 
SER N   H    sing N N 261 
SER N   H2   sing N N 262 
SER CA  C    sing N N 263 
SER CA  CB   sing N N 264 
SER CA  HA   sing N N 265 
SER C   O    doub N N 266 
SER C   OXT  sing N N 267 
SER CB  OG   sing N N 268 
SER CB  HB2  sing N N 269 
SER CB  HB3  sing N N 270 
SER OG  HG   sing N N 271 
SER OXT HXT  sing N N 272 
THR N   CA   sing N N 273 
THR N   H    sing N N 274 
THR N   H2   sing N N 275 
THR CA  C    sing N N 276 
THR CA  CB   sing N N 277 
THR CA  HA   sing N N 278 
THR C   O    doub N N 279 
THR C   OXT  sing N N 280 
THR CB  OG1  sing N N 281 
THR CB  CG2  sing N N 282 
THR CB  HB   sing N N 283 
THR OG1 HG1  sing N N 284 
THR CG2 HG21 sing N N 285 
THR CG2 HG22 sing N N 286 
THR CG2 HG23 sing N N 287 
THR OXT HXT  sing N N 288 
TYR N   CA   sing N N 289 
TYR N   H    sing N N 290 
TYR N   H2   sing N N 291 
TYR CA  C    sing N N 292 
TYR CA  CB   sing N N 293 
TYR CA  HA   sing N N 294 
TYR C   O    doub N N 295 
TYR C   OXT  sing N N 296 
TYR CB  CG   sing N N 297 
TYR CB  HB2  sing N N 298 
TYR CB  HB3  sing N N 299 
TYR CG  CD1  doub Y N 300 
TYR CG  CD2  sing Y N 301 
TYR CD1 CE1  sing Y N 302 
TYR CD1 HD1  sing N N 303 
TYR CD2 CE2  doub Y N 304 
TYR CD2 HD2  sing N N 305 
TYR CE1 CZ   doub Y N 306 
TYR CE1 HE1  sing N N 307 
TYR CE2 CZ   sing Y N 308 
TYR CE2 HE2  sing N N 309 
TYR CZ  OH   sing N N 310 
TYR OH  HH   sing N N 311 
TYR OXT HXT  sing N N 312 
VAL N   CA   sing N N 313 
VAL N   H    sing N N 314 
VAL N   H2   sing N N 315 
VAL CA  C    sing N N 316 
VAL CA  CB   sing N N 317 
VAL CA  HA   sing N N 318 
VAL C   O    doub N N 319 
VAL C   OXT  sing N N 320 
VAL CB  CG1  sing N N 321 
VAL CB  CG2  sing N N 322 
VAL CB  HB   sing N N 323 
VAL CG1 HG11 sing N N 324 
VAL CG1 HG12 sing N N 325 
VAL CG1 HG13 sing N N 326 
VAL CG2 HG21 sing N N 327 
VAL CG2 HG22 sing N N 328 
VAL CG2 HG23 sing N N 329 
VAL OXT HXT  sing N N 330 
# 
loop_
_pdbx_audit_support.funding_organization 
_pdbx_audit_support.country 
_pdbx_audit_support.grant_number 
_pdbx_audit_support.ordinal 
'Agence Nationale de la Recherche (ANR)'            France ANR-21-CE15-0026 1 
'Japan Society for the Promotion of Science (JSPS)' Japan  JP21H01199       2 
# 
_pdbx_initial_refinement_model.id               1 
_pdbx_initial_refinement_model.entity_id_list   ? 
_pdbx_initial_refinement_model.type             'experimental model' 
_pdbx_initial_refinement_model.source_name      PDB 
_pdbx_initial_refinement_model.accession_code   4BHV 
_pdbx_initial_refinement_model.details          ? 
# 
_atom_sites.entry_id                    8B8A 
_atom_sites.Cartn_transf_matrix[1][1]   ? 
_atom_sites.Cartn_transf_matrix[1][2]   ? 
_atom_sites.Cartn_transf_matrix[1][3]   ? 
_atom_sites.Cartn_transf_matrix[2][1]   ? 
_atom_sites.Cartn_transf_matrix[2][2]   ? 
_atom_sites.Cartn_transf_matrix[2][3]   ? 
_atom_sites.Cartn_transf_matrix[3][1]   ? 
_atom_sites.Cartn_transf_matrix[3][2]   ? 
_atom_sites.Cartn_transf_matrix[3][3]   ? 
_atom_sites.Cartn_transf_vector[1]      ? 
_atom_sites.Cartn_transf_vector[2]      ? 
_atom_sites.Cartn_transf_vector[3]      ? 
_atom_sites.fract_transf_matrix[1][1]   0.00508092 
_atom_sites.fract_transf_matrix[1][2]   0.01740855 
_atom_sites.fract_transf_matrix[1][3]   0.02179364 
_atom_sites.fract_transf_matrix[2][1]   0.02772422 
_atom_sites.fract_transf_matrix[2][2]   -0.00071854 
_atom_sites.fract_transf_matrix[2][3]   -0.00588959 
_atom_sites.fract_transf_matrix[3][1]   -0.00064906 
_atom_sites.fract_transf_matrix[3][2]   0.00473806 
_atom_sites.fract_transf_matrix[3][3]   -0.00363339 
_atom_sites.fract_transf_vector[1]      0.468411 
_atom_sites.fract_transf_vector[2]      0.126589 
_atom_sites.fract_transf_vector[3]      0.001401 
_atom_sites.solution_primary            ? 
_atom_sites.solution_secondary          ? 
_atom_sites.solution_hydrogens          ? 
_atom_sites.special_details             ? 
# 
loop_
_atom_type.symbol 
C 
N 
O 
S 
# 
loop_
_atom_site.group_PDB 
_atom_site.id 
_atom_site.type_symbol 
_atom_site.label_atom_id 
_atom_site.label_alt_id 
_atom_site.label_comp_id 
_atom_site.label_asym_id 
_atom_site.label_entity_id 
_atom_site.label_seq_id 
_atom_site.pdbx_PDB_ins_code 
_atom_site.Cartn_x 
_atom_site.Cartn_y 
_atom_site.Cartn_z 
_atom_site.occupancy 
_atom_site.B_iso_or_equiv 
_atom_site.pdbx_formal_charge 
_atom_site.auth_seq_id 
_atom_site.auth_comp_id 
_atom_site.auth_asym_id 
_atom_site.auth_atom_id 
_atom_site.pdbx_PDB_model_num 
ATOM   1   N N   . ASP A 1 11  ? 15.367  -53.750 42.193  1.00 132.35 ? 1   ASP A N   1 
ATOM   2   C CA  . ASP A 1 11  ? 14.713  -52.984 41.129  1.00 132.93 ? 1   ASP A CA  1 
ATOM   3   C C   . ASP A 1 11  ? 14.493  -53.817 39.854  1.00 132.88 ? 1   ASP A C   1 
ATOM   4   O O   . ASP A 1 11  ? 14.494  -53.257 38.755  1.00 132.87 ? 1   ASP A O   1 
ATOM   5   C CB  . ASP A 1 11  ? 15.494  -51.695 40.790  1.00 134.91 ? 1   ASP A CB  1 
ATOM   6   C CG  . ASP A 1 11  ? 15.468  -50.609 41.854  1.00 139.62 ? 1   ASP A CG  1 
ATOM   7   O OD1 . ASP A 1 11  ? 15.285  -50.948 43.047  1.00 140.58 ? 1   ASP A OD1 1 
ATOM   8   O OD2 . ASP A 1 11  ? 15.654  -49.420 41.495  1.00 141.51 ? 1   ASP A OD2 1 
ATOM   9   N N   . GLU A 1 12  ? 14.299  -55.145 39.993  1.00 132.54 ? 2   GLU A N   1 
ATOM   10  C CA  . GLU A 1 12  ? 14.060  -56.020 38.838  1.00 132.55 ? 2   GLU A CA  1 
ATOM   11  C C   . GLU A 1 12  ? 12.628  -55.848 38.289  1.00 132.22 ? 2   GLU A C   1 
ATOM   12  O O   . GLU A 1 12  ? 12.455  -55.503 37.115  1.00 132.42 ? 2   GLU A O   1 
ATOM   13  C CB  . GLU A 1 12  ? 14.343  -57.501 39.182  1.00 134.58 ? 2   GLU A CB  1 
ATOM   14  C CG  . GLU A 1 12  ? 15.756  -57.959 38.877  1.00 138.42 ? 2   GLU A CG  1 
ATOM   15  C CD  . GLU A 1 12  ? 16.778  -57.605 39.937  1.00 143.71 ? 2   GLU A CD  1 
ATOM   16  O OE1 . GLU A 1 12  ? 16.374  -57.325 41.088  1.00 144.79 ? 2   GLU A OE1 1 
ATOM   17  O OE2 . GLU A 1 12  ? 17.988  -57.619 39.617  1.00 145.50 ? 2   GLU A OE2 1 
ATOM   18  N N   . LEU A 1 13  ? 11.609  -56.070 39.146  1.00 131.45 ? 3   LEU A N   1 
ATOM   19  C CA  . LEU A 1 13  ? 10.193  -55.938 38.793  1.00 131.02 ? 3   LEU A CA  1 
ATOM   20  C C   . LEU A 1 13  ? 9.789   -54.469 38.587  1.00 130.21 ? 3   LEU A C   1 
ATOM   21  O O   . LEU A 1 13  ? 8.902   -54.190 37.784  1.00 130.20 ? 3   LEU A O   1 
ATOM   22  C CB  . LEU A 1 13  ? 9.321   -56.582 39.883  1.00 131.27 ? 3   LEU A CB  1 
ATOM   23  C CG  . LEU A 1 13  ? 9.619   -58.047 40.157  1.00 132.85 ? 3   LEU A CG  1 
ATOM   24  C CD1 . LEU A 1 13  ? 9.302   -58.415 41.591  1.00 133.45 ? 3   LEU A CD1 1 
ATOM   25  C CD2 . LEU A 1 13  ? 8.896   -58.942 39.172  1.00 133.54 ? 3   LEU A CD2 1 
ATOM   26  N N   . ILE A 1 14  ? 10.452  -53.538 39.304  1.00 129.31 ? 4   ILE A N   1 
ATOM   27  C CA  . ILE A 1 14  ? 10.215  -52.098 39.232  1.00 128.80 ? 4   ILE A CA  1 
ATOM   28  C C   . ILE A 1 14  ? 10.431  -51.588 37.812  1.00 127.94 ? 4   ILE A C   1 
ATOM   29  O O   . ILE A 1 14  ? 9.568   -50.907 37.265  1.00 128.00 ? 4   ILE A O   1 
ATOM   30  C CB  . ILE A 1 14  ? 11.133  -51.343 40.239  1.00 129.38 ? 4   ILE A CB  1 
ATOM   31  C CG1 . ILE A 1 14  ? 10.842  -51.754 41.695  1.00 130.41 ? 4   ILE A CG1 1 
ATOM   32  C CG2 . ILE A 1 14  ? 11.046  -49.827 40.040  1.00 129.86 ? 4   ILE A CG2 1 
ATOM   33  C CD1 . ILE A 1 14  ? 11.761  -51.108 42.754  1.00 131.65 ? 4   ILE A CD1 1 
ATOM   34  N N   . LYS A 1 15  ? 11.567  -51.951 37.202  1.00 126.98 ? 5   LYS A N   1 
ATOM   35  C CA  . LYS A 1 15  ? 11.897  -51.494 35.863  1.00 126.51 ? 5   LYS A CA  1 
ATOM   36  C C   . LYS A 1 15  ? 11.004  -52.118 34.783  1.00 125.36 ? 5   LYS A C   1 
ATOM   37  O O   . LYS A 1 15  ? 10.784  -51.479 33.757  1.00 125.57 ? 5   LYS A O   1 
ATOM   38  C CB  . LYS A 1 15  ? 13.392  -51.683 35.583  1.00 128.69 ? 5   LYS A CB  1 
ATOM   39  C CG  . LYS A 1 15  ? 14.234  -50.840 36.543  1.00 133.32 ? 5   LYS A CG  1 
ATOM   40  C CD  . LYS A 1 15  ? 15.737  -51.026 36.379  1.00 137.97 ? 5   LYS A CD  1 
ATOM   41  C CE  . LYS A 1 15  ? 16.527  -50.390 37.509  1.00 141.57 ? 5   LYS A CE  1 
ATOM   42  N NZ  . LYS A 1 15  ? 16.244  -48.935 37.668  1.00 143.63 ? 5   LYS A NZ  1 
ATOM   43  N N   . LYS A 1 16  ? 10.428  -53.312 35.033  1.00 123.89 ? 6   LYS A N   1 
ATOM   44  C CA  . LYS A 1 16  ? 9.502   -53.936 34.078  1.00 122.77 ? 6   LYS A CA  1 
ATOM   45  C C   . LYS A 1 16  ? 8.170   -53.160 34.029  1.00 121.23 ? 6   LYS A C   1 
ATOM   46  O O   . LYS A 1 16  ? 7.549   -53.065 32.973  1.00 121.22 ? 6   LYS A O   1 
ATOM   47  C CB  . LYS A 1 16  ? 9.269   -55.423 34.416  1.00 124.35 ? 6   LYS A CB  1 
ATOM   48  C CG  . LYS A 1 16  ? 8.879   -56.275 33.206  1.00 127.80 ? 6   LYS A CG  1 
ATOM   49  C CD  . LYS A 1 16  ? 7.367   -56.424 33.058  1.00 131.64 ? 6   LYS A CD  1 
ATOM   50  C CE  . LYS A 1 16  ? 6.962   -56.824 31.660  1.00 135.02 ? 6   LYS A CE  1 
ATOM   51  N NZ  . LYS A 1 16  ? 7.114   -58.281 31.435  1.00 137.15 ? 6   LYS A NZ  1 
ATOM   52  N N   . LEU A 1 17  ? 7.749   -52.586 35.161  1.00 119.82 ? 7   LEU A N   1 
ATOM   53  C CA  . LEU A 1 17  ? 6.524   -51.790 35.227  1.00 118.92 ? 7   LEU A CA  1 
ATOM   54  C C   . LEU A 1 17  ? 6.746   -50.368 34.677  1.00 117.76 ? 7   LEU A C   1 
ATOM   55  O O   . LEU A 1 17  ? 5.807   -49.761 34.178  1.00 117.75 ? 7   LEU A O   1 
ATOM   56  C CB  . LEU A 1 17  ? 5.978   -51.736 36.662  1.00 119.07 ? 7   LEU A CB  1 
ATOM   57  C CG  . LEU A 1 17  ? 5.927   -53.072 37.402  1.00 120.49 ? 7   LEU A CG  1 
ATOM   58  C CD1 . LEU A 1 17  ? 5.551   -52.886 38.848  1.00 121.08 ? 7   LEU A CD1 1 
ATOM   59  C CD2 . LEU A 1 17  ? 5.020   -54.057 36.712  1.00 121.07 ? 7   LEU A CD2 1 
ATOM   60  N N   . VAL A 1 18  ? 7.985   -49.845 34.764  1.00 116.57 ? 8   VAL A N   1 
ATOM   61  C CA  . VAL A 1 18  ? 8.374   -48.534 34.248  1.00 115.76 ? 8   VAL A CA  1 
ATOM   62  C C   . VAL A 1 18  ? 8.252   -48.532 32.711  1.00 114.78 ? 8   VAL A C   1 
ATOM   63  O O   . VAL A 1 18  ? 7.734   -47.574 32.137  1.00 114.77 ? 8   VAL A O   1 
ATOM   64  C CB  . VAL A 1 18  ? 9.804   -48.176 34.741  1.00 116.41 ? 8   VAL A CB  1 
ATOM   65  C CG1 . VAL A 1 18  ? 10.468  -47.123 33.859  1.00 117.12 ? 8   VAL A CG1 1 
ATOM   66  C CG2 . VAL A 1 18  ? 9.784   -47.727 36.196  1.00 116.73 ? 8   VAL A CG2 1 
ATOM   67  N N   . THR A 1 19  ? 8.692   -49.622 32.056  1.00 113.83 ? 9   THR A N   1 
ATOM   68  C CA  . THR A 1 19  ? 8.613   -49.764 30.601  1.00 113.31 ? 9   THR A CA  1 
ATOM   69  C C   . THR A 1 19  ? 7.177   -49.965 30.109  1.00 112.60 ? 9   THR A C   1 
ATOM   70  O O   . THR A 1 19  ? 6.759   -49.271 29.183  1.00 112.75 ? 9   THR A O   1 
ATOM   71  C CB  . THR A 1 19  ? 9.544   -50.871 30.087  1.00 114.35 ? 9   THR A CB  1 
ATOM   72  O OG1 . THR A 1 19  ? 9.096   -52.143 30.560  1.00 115.11 ? 9   THR A OG1 1 
ATOM   73  C CG2 . THR A 1 19  ? 10.996  -50.632 30.462  1.00 114.78 ? 9   THR A CG2 1 
ATOM   74  N N   . GLU A 1 20  ? 6.412   -50.888 30.734  1.00 111.53 ? 10  GLU A N   1 
ATOM   75  C CA  . GLU A 1 20  ? 5.012   -51.147 30.354  1.00 110.83 ? 10  GLU A CA  1 
ATOM   76  C C   . GLU A 1 20  ? 4.094   -49.922 30.525  1.00 109.61 ? 10  GLU A C   1 
ATOM   77  O O   . GLU A 1 20  ? 3.026   -49.871 29.917  1.00 109.73 ? 10  GLU A O   1 
ATOM   78  C CB  . GLU A 1 20  ? 4.443   -52.377 31.087  1.00 112.95 ? 10  GLU A CB  1 
ATOM   79  C CG  . GLU A 1 20  ? 5.165   -53.671 30.750  1.00 117.13 ? 10  GLU A CG  1 
ATOM   80  C CD  . GLU A 1 20  ? 4.432   -54.621 29.822  1.00 122.33 ? 10  GLU A CD  1 
ATOM   81  O OE1 . GLU A 1 20  ? 3.214   -54.835 30.023  1.00 122.91 ? 10  GLU A OE1 1 
ATOM   82  O OE2 . GLU A 1 20  ? 5.082   -55.170 28.903  1.00 124.17 ? 10  GLU A OE2 1 
ATOM   83  N N   . LEU A 1 21  ? 4.522   -48.935 31.332  1.00 108.31 ? 11  LEU A N   1 
ATOM   84  C CA  . LEU A 1 21  ? 3.801   -47.682 31.542  1.00 107.46 ? 11  LEU A CA  1 
ATOM   85  C C   . LEU A 1 21  ? 4.230   -46.634 30.525  1.00 106.03 ? 11  LEU A C   1 
ATOM   86  O O   . LEU A 1 21  ? 3.400   -45.861 30.053  1.00 105.99 ? 11  LEU A O   1 
ATOM   87  C CB  . LEU A 1 21  ? 4.005   -47.166 32.969  1.00 107.85 ? 11  LEU A CB  1 
ATOM   88  C CG  . LEU A 1 21  ? 3.159   -47.876 34.014  1.00 109.68 ? 11  LEU A CG  1 
ATOM   89  C CD1 . LEU A 1 21  ? 3.530   -47.443 35.413  1.00 110.37 ? 11  LEU A CD1 1 
ATOM   90  C CD2 . LEU A 1 21  ? 1.684   -47.642 33.771  1.00 110.53 ? 11  LEU A CD2 1 
ATOM   91  N N   . ALA A 1 22  ? 5.523   -46.611 30.181  1.00 104.73 ? 12  ALA A N   1 
ATOM   92  C CA  . ALA A 1 22  ? 6.044   -45.715 29.162  1.00 103.98 ? 12  ALA A CA  1 
ATOM   93  C C   . ALA A 1 22  ? 5.457   -46.098 27.790  1.00 102.97 ? 12  ALA A C   1 
ATOM   94  O O   . ALA A 1 22  ? 5.115   -45.216 27.009  1.00 103.22 ? 12  ALA A O   1 
ATOM   95  C CB  . ALA A 1 22  ? 7.564   -45.793 29.123  1.00 104.02 ? 12  ALA A CB  1 
ATOM   96  N N   . GLU A 1 23  ? 5.294   -47.408 27.527  1.00 101.64 ? 13  GLU A N   1 
ATOM   97  C CA  . GLU A 1 23  ? 4.760   -47.978 26.286  1.00 100.83 ? 13  GLU A CA  1 
ATOM   98  C C   . GLU A 1 23  ? 3.361   -47.440 25.933  1.00 99.38  ? 13  GLU A C   1 
ATOM   99  O O   . GLU A 1 23  ? 3.058   -47.258 24.756  1.00 99.18  ? 13  GLU A O   1 
ATOM   100 C CB  . GLU A 1 23  ? 4.815   -49.534 26.368  1.00 103.16 ? 13  GLU A CB  1 
ATOM   101 C CG  . GLU A 1 23  ? 3.598   -50.338 25.917  1.00 107.55 ? 13  GLU A CG  1 
ATOM   102 C CD  . GLU A 1 23  ? 3.674   -51.831 26.194  1.00 112.32 ? 13  GLU A CD  1 
ATOM   103 O OE1 . GLU A 1 23  ? 4.770   -52.319 26.558  1.00 112.89 ? 13  GLU A OE1 1 
ATOM   104 O OE2 . GLU A 1 23  ? 2.636   -52.515 26.049  1.00 113.81 ? 13  GLU A OE2 1 
ATOM   105 N N   . ASN A 1 24  ? 2.540   -47.156 26.953  1.00 98.39  ? 14  ASN A N   1 
ATOM   106 C CA  . ASN A 1 24  ? 1.164   -46.667 26.803  1.00 97.90  ? 14  ASN A CA  1 
ATOM   107 C C   . ASN A 1 24  ? 1.059   -45.122 26.773  1.00 96.12  ? 14  ASN A C   1 
ATOM   108 O O   . ASN A 1 24  ? 0.099   -44.569 26.227  1.00 95.83  ? 14  ASN A O   1 
ATOM   109 C CB  . ASN A 1 24  ? 0.301   -47.245 27.937  1.00 99.96  ? 14  ASN A CB  1 
ATOM   110 C CG  . ASN A 1 24  ? -1.165  -47.424 27.605  1.00 104.34 ? 14  ASN A CG  1 
ATOM   111 O OD1 . ASN A 1 24  ? -1.971  -46.482 27.691  1.00 106.14 ? 14  ASN A OD1 1 
ATOM   112 N ND2 . ASN A 1 24  ? -1.549  -48.649 27.245  1.00 104.92 ? 14  ASN A ND2 1 
ATOM   113 N N   . SER A 1 25  ? 2.033   -44.437 27.384  1.00 94.80  ? 15  SER A N   1 
ATOM   114 C CA  . SER A 1 25  ? 2.076   -42.971 27.445  1.00 93.87  ? 15  SER A CA  1 
ATOM   115 C C   . SER A 1 25  ? 2.718   -42.371 26.191  1.00 92.78  ? 15  SER A C   1 
ATOM   116 O O   . SER A 1 25  ? 2.333   -41.286 25.767  1.00 92.85  ? 15  SER A O   1 
ATOM   117 C CB  . SER A 1 25  ? 2.851   -42.516 28.677  1.00 94.75  ? 15  SER A CB  1 
ATOM   118 O OG  . SER A 1 25  ? 4.216   -42.884 28.577  1.00 96.40  ? 15  SER A OG  1 
ATOM   119 N N   . MET A 1 26  ? 3.702   -43.083 25.615  1.00 91.52  ? 16  MET A N   1 
ATOM   120 C CA  . MET A 1 26  ? 4.445   -42.741 24.407  1.00 90.75  ? 16  MET A CA  1 
ATOM   121 C C   . MET A 1 26  ? 3.535   -42.540 23.198  1.00 89.66  ? 16  MET A C   1 
ATOM   122 O O   . MET A 1 26  ? 3.873   -41.774 22.302  1.00 89.80  ? 16  MET A O   1 
ATOM   123 C CB  . MET A 1 26  ? 5.388   -43.892 24.103  1.00 91.71  ? 16  MET A CB  1 
ATOM   124 C CG  . MET A 1 26  ? 6.597   -43.502 23.335  1.00 94.74  ? 16  MET A CG  1 
ATOM   125 S SD  . MET A 1 26  ? 7.631   -44.962 23.126  1.00 101.42 ? 16  MET A SD  1 
ATOM   126 C CE  . MET A 1 26  ? 8.163   -45.226 24.829  1.00 100.35 ? 16  MET A CE  1 
ATOM   127 N N   . ILE A 1 27  ? 2.404   -43.259 23.154  1.00 88.59  ? 17  ILE A N   1 
ATOM   128 C CA  . ILE A 1 27  ? 1.405   -43.179 22.086  1.00 88.00  ? 17  ILE A CA  1 
ATOM   129 C C   . ILE A 1 27  ? 0.650   -41.847 22.217  1.00 87.16  ? 17  ILE A C   1 
ATOM   130 O O   . ILE A 1 27  ? 0.435   -41.153 21.224  1.00 87.22  ? 17  ILE A O   1 
ATOM   131 C CB  . ILE A 1 27  ? 0.420   -44.384 22.156  1.00 88.49  ? 17  ILE A CB  1 
ATOM   132 C CG1 . ILE A 1 27  ? 1.136   -45.738 22.392  1.00 89.44  ? 17  ILE A CG1 1 
ATOM   133 C CG2 . ILE A 1 27  ? -0.481  -44.431 20.935  1.00 88.93  ? 17  ILE A CG2 1 
ATOM   134 C CD1 . ILE A 1 27  ? 2.093   -46.185 21.290  1.00 90.78  ? 17  ILE A CD1 1 
ATOM   135 N N   . GLU A 1 28  ? 0.256   -41.494 23.453  1.00 86.20  ? 18  GLU A N   1 
ATOM   136 C CA  . GLU A 1 28  ? -0.436  -40.238 23.749  1.00 85.84  ? 18  GLU A CA  1 
ATOM   137 C C   . GLU A 1 28  ? 0.507   -39.012 23.646  1.00 84.40  ? 18  GLU A C   1 
ATOM   138 O O   . GLU A 1 28  ? 0.035   -37.889 23.505  1.00 84.60  ? 18  GLU A O   1 
ATOM   139 C CB  . GLU A 1 28  ? -1.104  -40.296 25.132  1.00 89.22  ? 18  GLU A CB  1 
ATOM   140 C CG  . GLU A 1 28  ? -1.979  -41.522 25.332  1.00 96.55  ? 18  GLU A CG  1 
ATOM   141 C CD  . GLU A 1 28  ? -2.922  -41.464 26.522  1.00 105.22 ? 18  GLU A CD  1 
ATOM   142 O OE1 . GLU A 1 28  ? -3.766  -42.382 26.653  1.00 106.46 ? 18  GLU A OE1 1 
ATOM   143 O OE2 . GLU A 1 28  ? -2.824  -40.500 27.318  1.00 107.91 ? 18  GLU A OE2 1 
ATOM   144 N N   . ALA A 1 29  ? 1.825   -39.221 23.744  1.00 82.73  ? 19  ALA A N   1 
ATOM   145 C CA  . ALA A 1 29  ? 2.814   -38.153 23.599  1.00 81.60  ? 19  ALA A CA  1 
ATOM   146 C C   . ALA A 1 29  ? 3.018   -37.843 22.116  1.00 80.06  ? 19  ALA A C   1 
ATOM   147 O O   . ALA A 1 29  ? 3.198   -36.688 21.747  1.00 79.91  ? 19  ALA A O   1 
ATOM   148 C CB  . ALA A 1 29  ? 4.134   -38.579 24.222  1.00 81.85  ? 19  ALA A CB  1 
ATOM   149 N N   . GLU A 1 30  ? 3.007   -38.889 21.273  1.00 78.98  ? 20  GLU A N   1 
ATOM   150 C CA  . GLU A 1 30  ? 3.148   -38.795 19.830  1.00 78.43  ? 20  GLU A CA  1 
ATOM   151 C C   . GLU A 1 30  ? 1.941   -38.087 19.240  1.00 76.91  ? 20  GLU A C   1 
ATOM   152 O O   . GLU A 1 30  ? 2.105   -37.225 18.374  1.00 77.24  ? 20  GLU A O   1 
ATOM   153 C CB  . GLU A 1 30  ? 3.303   -40.196 19.216  1.00 81.54  ? 20  GLU A CB  1 
ATOM   154 C CG  . GLU A 1 30  ? 3.529   -40.191 17.712  1.00 88.58  ? 20  GLU A CG  1 
ATOM   155 C CD  . GLU A 1 30  ? 2.302   -40.430 16.851  1.00 97.68  ? 20  GLU A CD  1 
ATOM   156 O OE1 . GLU A 1 30  ? 1.724   -41.538 16.938  1.00 99.95  ? 20  GLU A OE1 1 
ATOM   157 O OE2 . GLU A 1 30  ? 1.922   -39.513 16.084  1.00 100.28 ? 20  GLU A OE2 1 
ATOM   158 N N   . GLU A 1 31  ? 0.729   -38.424 19.716  1.00 75.12  ? 21  GLU A N   1 
ATOM   159 C CA  . GLU A 1 31  ? -0.478  -37.791 19.201  1.00 73.79  ? 21  GLU A CA  1 
ATOM   160 C C   . GLU A 1 31  ? -0.558  -36.313 19.585  1.00 71.29  ? 21  GLU A C   1 
ATOM   161 O O   . GLU A 1 31  ? -1.069  -35.524 18.802  1.00 71.29  ? 21  GLU A O   1 
ATOM   162 C CB  . GLU A 1 31  ? -1.754  -38.572 19.566  1.00 77.01  ? 21  GLU A CB  1 
ATOM   163 C CG  . GLU A 1 31  ? -2.042  -38.700 21.050  1.00 83.15  ? 21  GLU A CG  1 
ATOM   164 C CD  . GLU A 1 31  ? -3.516  -38.622 21.416  1.00 89.76  ? 21  GLU A CD  1 
ATOM   165 O OE1 . GLU A 1 31  ? -4.238  -39.628 21.215  1.00 90.60  ? 21  GLU A OE1 1 
ATOM   166 O OE2 . GLU A 1 31  ? -3.943  -37.550 21.906  1.00 91.53  ? 21  GLU A OE2 1 
ATOM   167 N N   . VAL A 1 32  ? -0.010  -35.926 20.739  1.00 69.33  ? 22  VAL A N   1 
ATOM   168 C CA  . VAL A 1 32  ? 0.030   -34.522 21.142  1.00 68.08  ? 22  VAL A CA  1 
ATOM   169 C C   . VAL A 1 32  ? 1.083   -33.791 20.300  1.00 66.70  ? 22  VAL A C   1 
ATOM   170 O O   . VAL A 1 32  ? 0.834   -32.679 19.850  1.00 66.80  ? 22  VAL A O   1 
ATOM   171 C CB  . VAL A 1 32  ? 0.250   -34.360 22.673  1.00 68.75  ? 22  VAL A CB  1 
ATOM   172 C CG1 . VAL A 1 32  ? 0.847   -32.999 23.035  1.00 69.37  ? 22  VAL A CG1 1 
ATOM   173 C CG2 . VAL A 1 32  ? -1.050  -34.583 23.432  1.00 69.10  ? 22  VAL A CG2 1 
ATOM   174 N N   . ARG A 1 33  ? 2.230   -34.434 20.044  1.00 65.28  ? 23  ARG A N   1 
ATOM   175 C CA  . ARG A 1 33  ? 3.305   -33.852 19.246  1.00 64.20  ? 23  ARG A CA  1 
ATOM   176 C C   . ARG A 1 33  ? 2.884   -33.564 17.826  1.00 62.47  ? 23  ARG A C   1 
ATOM   177 O O   . ARG A 1 33  ? 3.294   -32.548 17.275  1.00 62.59  ? 23  ARG A O   1 
ATOM   178 C CB  . ARG A 1 33  ? 4.539   -34.752 19.245  1.00 65.69  ? 23  ARG A CB  1 
ATOM   179 C CG  . ARG A 1 33  ? 5.549   -34.401 20.321  1.00 68.47  ? 23  ARG A CG  1 
ATOM   180 C CD  . ARG A 1 33  ? 6.889   -35.064 20.072  1.00 70.59  ? 23  ARG A CD  1 
ATOM   181 N NE  . ARG A 1 33  ? 6.838   -36.497 20.349  1.00 72.26  ? 23  ARG A NE  1 
ATOM   182 C CZ  . ARG A 1 33  ? 6.784   -37.437 19.415  1.00 74.35  ? 23  ARG A CZ  1 
ATOM   183 N NH1 . ARG A 1 33  ? 6.770   -37.108 18.126  1.00 73.19  ? 23  ARG A NH1 1 
ATOM   184 N NH2 . ARG A 1 33  ? 6.730   -38.717 19.759  1.00 74.80  ? 23  ARG A NH2 1 
ATOM   185 N N   . GLY A 1 34  ? 2.088   -34.454 17.246  1.00 60.89  ? 24  GLY A N   1 
ATOM   186 C CA  . GLY A 1 34  ? 1.571   -34.284 15.896  1.00 60.15  ? 24  GLY A CA  1 
ATOM   187 C C   . GLY A 1 34  ? 0.553   -33.164 15.841  1.00 59.28  ? 24  GLY A C   1 
ATOM   188 O O   . GLY A 1 34  ? 0.559   -32.368 14.906  1.00 59.15  ? 24  GLY A O   1 
ATOM   189 N N   . THR A 1 35  ? -0.302  -33.069 16.870  1.00 58.73  ? 25  THR A N   1 
ATOM   190 C CA  . THR A 1 35  ? -1.309  -32.022 17.019  1.00 58.69  ? 25  THR A CA  1 
ATOM   191 C C   . THR A 1 35  ? -0.658  -30.682 17.202  1.00 58.11  ? 25  THR A C   1 
ATOM   192 O O   . THR A 1 35  ? -1.148  -29.700 16.655  1.00 58.38  ? 25  THR A O   1 
ATOM   193 C CB  . THR A 1 35  ? -2.182  -32.305 18.229  1.00 60.74  ? 25  THR A CB  1 
ATOM   194 O OG1 . THR A 1 35  ? -2.850  -33.547 18.024  1.00 63.03  ? 25  THR A OG1 1 
ATOM   195 C CG2 . THR A 1 35  ? -3.192  -31.205 18.493  1.00 60.82  ? 25  THR A CG2 1 
ATOM   196 N N   . LEU A 1 36  ? 0.437   -30.624 17.971  1.00 57.50  ? 26  LEU A N   1 
ATOM   197 C CA  . LEU A 1 36  ? 1.141   -29.370 18.177  1.00 57.71  ? 26  LEU A CA  1 
ATOM   198 C C   . LEU A 1 36  ? 1.761   -28.891 16.884  1.00 58.28  ? 26  LEU A C   1 
ATOM   199 O O   . LEU A 1 36  ? 1.595   -27.726 16.543  1.00 58.37  ? 26  LEU A O   1 
ATOM   200 C CB  . LEU A 1 36  ? 2.138   -29.418 19.355  1.00 57.38  ? 26  LEU A CB  1 
ATOM   201 C CG  . LEU A 1 36  ? 1.492   -29.365 20.763  1.00 58.12  ? 26  LEU A CG  1 
ATOM   202 C CD1 . LEU A 1 36  ? 2.523   -29.373 21.840  1.00 58.53  ? 26  LEU A CD1 1 
ATOM   203 C CD2 . LEU A 1 36  ? 0.621   -28.138 20.939  1.00 58.39  ? 26  LEU A CD2 1 
ATOM   204 N N   . GLY A 1 37  ? 2.335   -29.813 16.120  1.00 58.72  ? 27  GLY A N   1 
ATOM   205 C CA  . GLY A 1 37  ? 2.919   -29.537 14.815  1.00 60.02  ? 27  GLY A CA  1 
ATOM   206 C C   . GLY A 1 37  ? 1.900   -29.168 13.754  1.00 61.46  ? 27  GLY A C   1 
ATOM   207 O O   . GLY A 1 37  ? 2.220   -28.449 12.810  1.00 61.88  ? 27  GLY A O   1 
ATOM   208 N N   . ASP A 1 38  ? 0.670   -29.658 13.887  1.00 62.19  ? 28  ASP A N   1 
ATOM   209 C CA  . ASP A 1 38  ? -0.411  -29.297 12.979  1.00 63.65  ? 28  ASP A CA  1 
ATOM   210 C C   . ASP A 1 38  ? -0.752  -27.809 13.233  1.00 63.59  ? 28  ASP A C   1 
ATOM   211 O O   . ASP A 1 38  ? -0.927  -27.054 12.277  1.00 63.85  ? 28  ASP A O   1 
ATOM   212 C CB  . ASP A 1 38  ? -1.619  -30.213 13.236  1.00 67.99  ? 28  ASP A CB  1 
ATOM   213 C CG  . ASP A 1 38  ? -2.958  -29.720 12.704  1.00 77.44  ? 28  ASP A CG  1 
ATOM   214 O OD1 . ASP A 1 38  ? -3.000  -29.263 11.529  1.00 79.99  ? 28  ASP A OD1 1 
ATOM   215 O OD2 . ASP A 1 38  ? -3.967  -29.779 13.468  1.00 79.84  ? 28  ASP A OD2 1 
ATOM   216 N N   . ILE A 1 39  ? -0.808  -27.395 14.520  1.00 63.07  ? 29  ILE A N   1 
ATOM   217 C CA  . ILE A 1 39  ? -1.054  -26.017 14.939  1.00 62.93  ? 29  ILE A CA  1 
ATOM   218 C C   . ILE A 1 39  ? 0.086   -25.116 14.476  1.00 63.57  ? 29  ILE A C   1 
ATOM   219 O O   . ILE A 1 39  ? -0.183  -24.103 13.843  1.00 64.24  ? 29  ILE A O   1 
ATOM   220 C CB  . ILE A 1 39  ? -1.329  -25.932 16.464  1.00 62.56  ? 29  ILE A CB  1 
ATOM   221 C CG1 . ILE A 1 39  ? -2.781  -26.287 16.747  1.00 62.78  ? 29  ILE A CG1 1 
ATOM   222 C CG2 . ILE A 1 39  ? -0.961  -24.564 17.073  1.00 62.74  ? 29  ILE A CG2 1 
ATOM   223 C CD1 . ILE A 1 39  ? -3.025  -26.611 18.129  1.00 63.86  ? 29  ILE A CD1 1 
ATOM   224 N N   . SER A 1 40  ? 1.348   -25.497 14.727  1.00 63.20  ? 30  SER A N   1 
ATOM   225 C CA  . SER A 1 40  ? 2.512   -24.720 14.303  1.00 63.44  ? 30  SER A CA  1 
ATOM   226 C C   . SER A 1 40  ? 2.509   -24.473 12.797  1.00 63.56  ? 30  SER A C   1 
ATOM   227 O O   . SER A 1 40  ? 2.818   -23.365 12.377  1.00 63.93  ? 30  SER A O   1 
ATOM   228 C CB  . SER A 1 40  ? 3.802   -25.409 14.743  1.00 65.35  ? 30  SER A CB  1 
ATOM   229 O OG  . SER A 1 40  ? 4.938   -25.078 13.956  1.00 68.40  ? 30  SER A OG  1 
ATOM   230 N N   . ALA A 1 41  ? 2.124   -25.484 11.997  1.00 63.20  ? 31  ALA A N   1 
ATOM   231 C CA  . ALA A 1 41  ? 2.035   -25.360 10.545  1.00 63.50  ? 31  ALA A CA  1 
ATOM   232 C C   . ALA A 1 41  ? 0.945   -24.375 10.108  1.00 63.94  ? 31  ALA A C   1 
ATOM   233 O O   . ALA A 1 41  ? 1.154   -23.658 9.136   1.00 64.28  ? 31  ALA A O   1 
ATOM   234 C CB  . ALA A 1 41  ? 1.790   -26.713 9.916   1.00 63.81  ? 31  ALA A CB  1 
ATOM   235 N N   . ARG A 1 42  ? -0.205  -24.327 10.818  1.00 63.79  ? 32  ARG A N   1 
ATOM   236 C CA  . ARG A 1 42  ? -1.290  -23.376 10.534  1.00 64.29  ? 32  ARG A CA  1 
ATOM   237 C C   . ARG A 1 42  ? -0.881  -21.932 10.880  1.00 63.34  ? 32  ARG A C   1 
ATOM   238 O O   . ARG A 1 42  ? -1.394  -20.998 10.268  1.00 63.38  ? 32  ARG A O   1 
ATOM   239 C CB  . ARG A 1 42  ? -2.537  -23.731 11.338  1.00 67.42  ? 32  ARG A CB  1 
ATOM   240 C CG  . ARG A 1 42  ? -3.749  -24.136 10.496  1.00 73.51  ? 32  ARG A CG  1 
ATOM   241 C CD  . ARG A 1 42  ? -5.018  -24.301 11.341  1.00 78.49  ? 32  ARG A CD  1 
ATOM   242 N NE  . ARG A 1 42  ? -4.811  -25.134 12.532  1.00 83.28  ? 32  ARG A NE  1 
ATOM   243 C CZ  . ARG A 1 42  ? -4.859  -26.462 12.541  1.00 87.00  ? 32  ARG A CZ  1 
ATOM   244 N NH1 . ARG A 1 42  ? -5.144  -27.133 11.426  1.00 87.55  ? 32  ARG A NH1 1 
ATOM   245 N NH2 . ARG A 1 42  ? -4.649  -27.132 13.668  1.00 86.74  ? 32  ARG A NH2 1 
ATOM   246 N N   . ILE A 1 43  ? 0.020   -21.750 11.871  1.00 62.38  ? 33  ILE A N   1 
ATOM   247 C CA  . ILE A 1 43  ? 0.543   -20.443 12.276  1.00 61.95  ? 33  ILE A CA  1 
ATOM   248 C C   . ILE A 1 43  ? 1.444   -19.925 11.152  1.00 61.62  ? 33  ILE A C   1 
ATOM   249 O O   . ILE A 1 43  ? 1.195   -18.842 10.631  1.00 61.91  ? 33  ILE A O   1 
ATOM   250 C CB  . ILE A 1 43  ? 1.337   -20.478 13.636  1.00 62.02  ? 33  ILE A CB  1 
ATOM   251 C CG1 . ILE A 1 43  ? 0.521   -21.028 14.824  1.00 62.50  ? 33  ILE A CG1 1 
ATOM   252 C CG2 . ILE A 1 43  ? 1.926   -19.119 13.960  1.00 62.20  ? 33  ILE A CG2 1 
ATOM   253 C CD1 . ILE A 1 43  ? -0.703  -20.457 15.001  1.00 63.64  ? 33  ILE A CD1 1 
ATOM   254 N N   . GLU A 1 44  ? 2.468   -20.706 10.755  1.00 60.86  ? 34  GLU A N   1 
ATOM   255 C CA  . GLU A 1 44  ? 3.366   -20.278 9.702   1.00 61.01  ? 34  GLU A CA  1 
ATOM   256 C C   . GLU A 1 44  ? 2.670   -20.194 8.339   1.00 60.00  ? 34  GLU A C   1 
ATOM   257 O O   . GLU A 1 44  ? 3.177   -19.491 7.482   1.00 60.30  ? 34  GLU A O   1 
ATOM   258 C CB  . GLU A 1 44  ? 4.661   -21.113 9.652   1.00 64.92  ? 34  GLU A CB  1 
ATOM   259 C CG  . GLU A 1 44  ? 5.852   -20.399 10.299  1.00 72.63  ? 34  GLU A CG  1 
ATOM   260 C CD  . GLU A 1 44  ? 7.244   -20.990 10.082  1.00 80.74  ? 34  GLU A CD  1 
ATOM   261 O OE1 . GLU A 1 44  ? 7.483   -21.586 9.002   1.00 82.01  ? 34  GLU A OE1 1 
ATOM   262 O OE2 . GLU A 1 44  ? 8.101   -20.840 10.987  1.00 82.43  ? 34  GLU A OE2 1 
ATOM   263 N N   . ALA A 1 45  ? 1.485   -20.813 8.152   1.00 58.74  ? 35  ALA A N   1 
ATOM   264 C CA  . ALA A 1 45  ? 0.750   -20.693 6.885   1.00 58.14  ? 35  ALA A CA  1 
ATOM   265 C C   . ALA A 1 45  ? -0.113  -19.417 6.836   1.00 57.61  ? 35  ALA A C   1 
ATOM   266 O O   . ALA A 1 45  ? -0.199  -18.769 5.793   1.00 57.95  ? 35  ALA A O   1 
ATOM   267 C CB  . ALA A 1 45  ? -0.116  -21.913 6.648   1.00 58.15  ? 35  ALA A CB  1 
ATOM   268 N N   . GLY A 1 46  ? -0.742  -19.071 7.955   1.00 56.35  ? 36  GLY A N   1 
ATOM   269 C CA  . GLY A 1 46  ? -1.554  -17.873 8.030   1.00 55.58  ? 36  GLY A CA  1 
ATOM   270 C C   . GLY A 1 46  ? -0.688  -16.643 7.919   1.00 54.92  ? 36  GLY A C   1 
ATOM   271 O O   . GLY A 1 46  ? -0.972  -15.748 7.127   1.00 54.92  ? 36  GLY A O   1 
ATOM   272 N N   . PHE A 1 47  ? 0.399   -16.616 8.675   1.00 54.71  ? 37  PHE A N   1 
ATOM   273 C CA  . PHE A 1 47  ? 1.310   -15.488 8.649   1.00 55.56  ? 37  PHE A CA  1 
ATOM   274 C C   . PHE A 1 47  ? 1.974   -15.332 7.285   1.00 56.99  ? 37  PHE A C   1 
ATOM   275 O O   . PHE A 1 47  ? 2.118   -14.205 6.826   1.00 57.86  ? 37  PHE A O   1 
ATOM   276 C CB  . PHE A 1 47  ? 2.327   -15.538 9.801   1.00 55.39  ? 37  PHE A CB  1 
ATOM   277 C CG  . PHE A 1 47  ? 1.756   -15.084 11.130  1.00 56.19  ? 37  PHE A CG  1 
ATOM   278 C CD1 . PHE A 1 47  ? 1.089   -13.873 11.243  1.00 57.09  ? 37  PHE A CD1 1 
ATOM   279 C CD2 . PHE A 1 47  ? 1.889   -15.864 12.267  1.00 56.89  ? 37  PHE A CD2 1 
ATOM   280 C CE1 . PHE A 1 47  ? 0.539   -13.465 12.459  1.00 57.56  ? 37  PHE A CE1 1 
ATOM   281 C CE2 . PHE A 1 47  ? 1.351   -15.447 13.486  1.00 57.61  ? 37  PHE A CE2 1 
ATOM   282 C CZ  . PHE A 1 47  ? 0.685   -14.249 13.573  1.00 57.27  ? 37  PHE A CZ  1 
ATOM   283 N N   . GLU A 1 48  ? 2.322   -16.439 6.597   1.00 56.85  ? 38  GLU A N   1 
ATOM   284 C CA  . GLU A 1 48  ? 2.928   -16.348 5.261   1.00 56.94  ? 38  GLU A CA  1 
ATOM   285 C C   . GLU A 1 48  ? 1.912   -15.806 4.226   1.00 56.03  ? 38  GLU A C   1 
ATOM   286 O O   . GLU A 1 48  ? 2.280   -15.006 3.363   1.00 55.92  ? 38  GLU A O   1 
ATOM   287 C CB  . GLU A 1 48  ? 3.460   -17.722 4.814   1.00 60.51  ? 38  GLU A CB  1 
ATOM   288 C CG  . GLU A 1 48  ? 4.970   -17.832 4.616   1.00 67.42  ? 38  GLU A CG  1 
ATOM   289 C CD  . GLU A 1 48  ? 5.386   -19.011 3.742   1.00 76.17  ? 38  GLU A CD  1 
ATOM   290 O OE1 . GLU A 1 48  ? 4.800   -20.110 3.897   1.00 76.49  ? 38  GLU A OE1 1 
ATOM   291 O OE2 . GLU A 1 48  ? 6.300   -18.837 2.900   1.00 80.06  ? 38  GLU A OE2 1 
ATOM   292 N N   . SER A 1 49  ? 0.632   -16.225 4.336   1.00 55.27  ? 39  SER A N   1 
ATOM   293 C CA  . SER A 1 49  ? -0.436  -15.782 3.435   1.00 54.99  ? 39  SER A CA  1 
ATOM   294 C C   . SER A 1 49  ? -0.847  -14.325 3.633   1.00 54.35  ? 39  SER A C   1 
ATOM   295 O O   . SER A 1 49  ? -0.946  -13.591 2.645   1.00 54.64  ? 39  SER A O   1 
ATOM   296 C CB  . SER A 1 49  ? -1.665  -16.676 3.565   1.00 56.53  ? 39  SER A CB  1 
ATOM   297 O OG  . SER A 1 49  ? -2.734  -16.188 2.765   1.00 59.15  ? 39  SER A OG  1 
ATOM   298 N N   . LEU A 1 50  ? -1.144  -13.927 4.887   1.00 53.22  ? 40  LEU A N   1 
ATOM   299 C CA  . LEU A 1 50  ? -1.570  -12.578 5.175   1.00 52.90  ? 40  LEU A CA  1 
ATOM   300 C C   . LEU A 1 50  ? -0.534  -11.556 4.824   1.00 52.96  ? 40  LEU A C   1 
ATOM   301 O O   . LEU A 1 50  ? -0.876  -10.545 4.238   1.00 53.20  ? 40  LEU A O   1 
ATOM   302 C CB  . LEU A 1 50  ? -2.021  -12.415 6.624   1.00 52.87  ? 40  LEU A CB  1 
ATOM   303 C CG  . LEU A 1 50  ? -3.530  -12.240 6.780   1.00 53.52  ? 40  LEU A CG  1 
ATOM   304 C CD1 . LEU A 1 50  ? -3.915  -12.300 8.202   1.00 53.95  ? 40  LEU A CD1 1 
ATOM   305 C CD2 . LEU A 1 50  ? -4.004  -10.944 6.145   1.00 53.71  ? 40  LEU A CD2 1 
ATOM   306 N N   . SER A 1 51  ? 0.735   -11.827 5.123   1.00 52.66  ? 41  SER A N   1 
ATOM   307 C CA  . SER A 1 51  ? 1.828   -10.903 4.812   1.00 52.78  ? 41  SER A CA  1 
ATOM   308 C C   . SER A 1 51  ? 2.043   -10.702 3.329   1.00 53.29  ? 41  SER A C   1 
ATOM   309 O O   . SER A 1 51  ? 2.409   -9.607  2.913   1.00 53.19  ? 41  SER A O   1 
ATOM   310 C CB  . SER A 1 51  ? 3.121   -11.335 5.486   1.00 53.53  ? 41  SER A CB  1 
ATOM   311 O OG  . SER A 1 51  ? 3.299   -12.733 5.353   1.00 55.45  ? 41  SER A OG  1 
ATOM   312 N N   . ALA A 1 52  ? 1.765   -11.735 2.522   1.00 53.74  ? 42  ALA A N   1 
ATOM   313 C CA  . ALA A 1 52  ? 1.847   -11.652 1.064   1.00 54.41  ? 42  ALA A CA  1 
ATOM   314 C C   . ALA A 1 52  ? 0.709   -10.772 0.517   1.00 54.61  ? 42  ALA A C   1 
ATOM   315 O O   . ALA A 1 52  ? 0.912   -9.984  -0.406  1.00 54.59  ? 42  ALA A O   1 
ATOM   316 C CB  . ALA A 1 52  ? 1.768   -13.039 0.474   1.00 55.04  ? 42  ALA A CB  1 
ATOM   317 N N   . LEU A 1 53  ? -0.478  -10.905 1.108   1.00 54.92  ? 43  LEU A N   1 
ATOM   318 C CA  . LEU A 1 53  ? -1.649  -10.093 0.819   1.00 55.77  ? 43  LEU A CA  1 
ATOM   319 C C   . LEU A 1 53  ? -1.406  -8.631  1.309   1.00 56.67  ? 43  LEU A C   1 
ATOM   320 O O   . LEU A 1 53  ? -1.871  -7.684  0.679   1.00 57.26  ? 43  LEU A O   1 
ATOM   321 C CB  . LEU A 1 53  ? -2.835  -10.711 1.575   1.00 55.86  ? 43  LEU A CB  1 
ATOM   322 C CG  . LEU A 1 53  ? -4.245  -10.364 1.115   1.00 57.15  ? 43  LEU A CG  1 
ATOM   323 C CD1 . LEU A 1 53  ? -4.409  -10.580 -0.381  1.00 57.61  ? 43  LEU A CD1 1 
ATOM   324 C CD2 . LEU A 1 53  ? -5.272  -11.193 1.872   1.00 57.48  ? 43  LEU A CD2 1 
ATOM   325 N N   . GLN A 1 54  ? -0.662  -8.460  2.415   1.00 56.27  ? 44  GLN A N   1 
ATOM   326 C CA  . GLN A 1 54  ? -0.316  -7.174  3.016   1.00 56.42  ? 44  GLN A CA  1 
ATOM   327 C C   . GLN A 1 54  ? 0.675   -6.427  2.123   1.00 55.53  ? 44  GLN A C   1 
ATOM   328 O O   . GLN A 1 54  ? 0.537   -5.219  1.911   1.00 55.02  ? 44  GLN A O   1 
ATOM   329 C CB  . GLN A 1 54  ? 0.280   -7.404  4.416   1.00 58.68  ? 44  GLN A CB  1 
ATOM   330 C CG  . GLN A 1 54  ? 0.618   -6.141  5.162   1.00 63.44  ? 44  GLN A CG  1 
ATOM   331 C CD  . GLN A 1 54  ? -0.583  -5.635  5.906   1.00 70.68  ? 44  GLN A CD  1 
ATOM   332 O OE1 . GLN A 1 54  ? -1.006  -6.226  6.900   1.00 73.19  ? 44  GLN A OE1 1 
ATOM   333 N NE2 . GLN A 1 54  ? -1.161  -4.527  5.445   1.00 71.32  ? 44  GLN A NE2 1 
ATOM   334 N N   . VAL A 1 55  ? 1.644   -7.149  1.553   1.00 55.08  ? 45  VAL A N   1 
ATOM   335 C CA  . VAL A 1 55  ? 2.612   -6.542  0.648   1.00 55.54  ? 45  VAL A CA  1 
ATOM   336 C C   . VAL A 1 55  ? 1.887   -6.061  -0.612  1.00 56.59  ? 45  VAL A C   1 
ATOM   337 O O   . VAL A 1 55  ? 2.116   -4.937  -1.054  1.00 56.50  ? 45  VAL A O   1 
ATOM   338 C CB  . VAL A 1 55  ? 3.780   -7.506  0.345   1.00 55.80  ? 45  VAL A CB  1 
ATOM   339 C CG1 . VAL A 1 55  ? 4.562   -7.071  -0.886  1.00 55.99  ? 45  VAL A CG1 1 
ATOM   340 C CG2 . VAL A 1 55  ? 4.701   -7.644  1.552   1.00 56.20  ? 45  VAL A CG2 1 
ATOM   341 N N   . GLU A 1 56  ? 0.948   -6.877  -1.130  1.00 57.41  ? 46  GLU A N   1 
ATOM   342 C CA  . GLU A 1 56  ? 0.115   -6.533  -2.281  1.00 58.71  ? 46  GLU A CA  1 
ATOM   343 C C   . GLU A 1 56  ? -0.698  -5.239  -1.999  1.00 59.86  ? 46  GLU A C   1 
ATOM   344 O O   . GLU A 1 56  ? -0.996  -4.487  -2.929  1.00 60.05  ? 46  GLU A O   1 
ATOM   345 C CB  . GLU A 1 56  ? -0.826  -7.703  -2.614  1.00 61.32  ? 46  GLU A CB  1 
ATOM   346 C CG  . GLU A 1 56  ? -1.572  -7.522  -3.926  1.00 68.44  ? 46  GLU A CG  1 
ATOM   347 C CD  . GLU A 1 56  ? -2.856  -8.316  -4.131  1.00 76.92  ? 46  GLU A CD  1 
ATOM   348 O OE1 . GLU A 1 56  ? -3.029  -9.377  -3.485  1.00 78.82  ? 46  GLU A OE1 1 
ATOM   349 O OE2 . GLU A 1 56  ? -3.690  -7.873  -4.956  1.00 78.88  ? 46  GLU A OE2 1 
ATOM   350 N N   . THR A 1 57  ? -1.033  -4.968  -0.708  1.00 60.28  ? 47  THR A N   1 
ATOM   351 C CA  . THR A 1 57  ? -1.771  -3.768  -0.302  1.00 60.72  ? 47  THR A CA  1 
ATOM   352 C C   . THR A 1 57  ? -0.869  -2.551  -0.379  1.00 60.58  ? 47  THR A C   1 
ATOM   353 O O   . THR A 1 57  ? -1.313  -1.512  -0.858  1.00 61.00  ? 47  THR A O   1 
ATOM   354 C CB  . THR A 1 57  ? -2.431  -3.892  1.101   1.00 61.91  ? 47  THR A CB  1 
ATOM   355 O OG1 . THR A 1 57  ? -2.964  -5.202  1.321   1.00 62.92  ? 47  THR A OG1 1 
ATOM   356 C CG2 . THR A 1 57  ? -3.521  -2.865  1.312   1.00 61.80  ? 47  THR A CG2 1 
ATOM   357 N N   . ILE A 1 58  ? 0.385   -2.667  0.079   1.00 60.03  ? 48  ILE A N   1 
ATOM   358 C CA  . ILE A 1 58  ? 1.323   -1.543  0.004   1.00 60.42  ? 48  ILE A CA  1 
ATOM   359 C C   . ILE A 1 58  ? 1.619   -1.188  -1.469  1.00 61.67  ? 48  ILE A C   1 
ATOM   360 O O   . ILE A 1 58  ? 1.513   -0.018  -1.854  1.00 61.96  ? 48  ILE A O   1 
ATOM   361 C CB  . ILE A 1 58  ? 2.628   -1.845  0.785   1.00 60.11  ? 48  ILE A CB  1 
ATOM   362 C CG1 . ILE A 1 58  ? 2.343   -2.100  2.249   1.00 60.85  ? 48  ILE A CG1 1 
ATOM   363 C CG2 . ILE A 1 58  ? 3.670   -0.744  0.603   1.00 60.07  ? 48  ILE A CG2 1 
ATOM   364 C CD1 . ILE A 1 58  ? 3.494   -2.660  2.976   1.00 62.36  ? 48  ILE A CD1 1 
ATOM   365 N N   . GLN A 1 59  ? 1.940   -2.205  -2.295  1.00 61.96  ? 49  GLN A N   1 
ATOM   366 C CA  . GLN A 1 59  ? 2.239   -2.021  -3.718  1.00 63.04  ? 49  GLN A CA  1 
ATOM   367 C C   . GLN A 1 59  ? 1.070   -1.349  -4.469  1.00 63.42  ? 49  GLN A C   1 
ATOM   368 O O   . GLN A 1 59  ? 1.297   -0.567  -5.399  1.00 64.02  ? 49  GLN A O   1 
ATOM   369 C CB  . GLN A 1 59  ? 2.612   -3.374  -4.375  1.00 65.28  ? 49  GLN A CB  1 
ATOM   370 C CG  . GLN A 1 59  ? 3.902   -4.016  -3.826  1.00 69.11  ? 49  GLN A CG  1 
ATOM   371 C CD  . GLN A 1 59  ? 4.198   -5.413  -4.361  1.00 73.68  ? 49  GLN A CD  1 
ATOM   372 O OE1 . GLN A 1 59  ? 3.301   -6.149  -4.832  1.00 75.10  ? 49  GLN A OE1 1 
ATOM   373 N NE2 . GLN A 1 59  ? 5.473   -5.815  -4.281  1.00 74.00  ? 49  GLN A NE2 1 
ATOM   374 N N   . THR A 1 60  ? -0.170  -1.641  -4.043  1.00 62.79  ? 50  THR A N   1 
ATOM   375 C CA  . THR A 1 60  ? -1.377  -1.073  -4.629  1.00 62.66  ? 50  THR A CA  1 
ATOM   376 C C   . THR A 1 60  ? -1.553  0.375   -4.201  1.00 62.70  ? 50  THR A C   1 
ATOM   377 O O   . THR A 1 60  ? -1.912  1.219   -5.018  1.00 63.28  ? 50  THR A O   1 
ATOM   378 C CB  . THR A 1 60  ? -2.599  -1.905  -4.237  1.00 63.36  ? 50  THR A CB  1 
ATOM   379 O OG1 . THR A 1 60  ? -2.357  -3.276  -4.564  1.00 64.27  ? 50  THR A OG1 1 
ATOM   380 C CG2 . THR A 1 60  ? -3.872  -1.418  -4.914  1.00 63.46  ? 50  THR A CG2 1 
ATOM   381 N N   . ALA A 1 61  ? -1.301  0.658   -2.922  1.00 62.00  ? 51  ALA A N   1 
ATOM   382 C CA  . ALA A 1 61  ? -1.413  1.988   -2.357  1.00 62.06  ? 51  ALA A CA  1 
ATOM   383 C C   . ALA A 1 61  ? -0.460  2.975   -3.018  1.00 62.66  ? 51  ALA A C   1 
ATOM   384 O O   . ALA A 1 61  ? -0.805  4.145   -3.169  1.00 63.14  ? 51  ALA A O   1 
ATOM   385 C CB  . ALA A 1 61  ? -1.142  1.930   -0.870  1.00 62.01  ? 51  ALA A CB  1 
ATOM   386 N N   . GLN A 1 62  ? 0.734   2.514   -3.417  1.00 62.54  ? 52  GLN A N   1 
ATOM   387 C CA  . GLN A 1 62  ? 1.733   3.364   -4.061  1.00 63.05  ? 52  GLN A CA  1 
ATOM   388 C C   . GLN A 1 62  ? 1.260   3.944   -5.381  1.00 62.70  ? 52  GLN A C   1 
ATOM   389 O O   . GLN A 1 62  ? 1.678   5.035   -5.751  1.00 62.69  ? 52  GLN A O   1 
ATOM   390 C CB  . GLN A 1 62  ? 3.027   2.588   -4.277  1.00 65.74  ? 52  GLN A CB  1 
ATOM   391 C CG  . GLN A 1 62  ? 3.678   2.146   -2.969  1.00 71.14  ? 52  GLN A CG  1 
ATOM   392 C CD  . GLN A 1 62  ? 4.707   1.038   -3.127  1.00 77.70  ? 52  GLN A CD  1 
ATOM   393 O OE1 . GLN A 1 62  ? 5.310   0.595   -2.141  1.00 79.66  ? 52  GLN A OE1 1 
ATOM   394 N NE2 . GLN A 1 62  ? 4.940   0.554   -4.359  1.00 78.60  ? 52  GLN A NE2 1 
ATOM   395 N N   . ARG A 1 63  ? 0.404   3.210   -6.103  1.00 62.30  ? 53  ARG A N   1 
ATOM   396 C CA  . ARG A 1 63  ? -0.147  3.648   -7.385  1.00 62.16  ? 53  ARG A CA  1 
ATOM   397 C C   . ARG A 1 63  ? -1.069  4.876   -7.263  1.00 62.24  ? 53  ARG A C   1 
ATOM   398 O O   . ARG A 1 63  ? -1.307  5.570   -8.251  1.00 62.44  ? 53  ARG A O   1 
ATOM   399 C CB  . ARG A 1 63  ? -0.910  2.495   -8.037  1.00 63.26  ? 53  ARG A CB  1 
ATOM   400 C CG  . ARG A 1 63  ? -0.146  1.177   -8.034  1.00 66.01  ? 53  ARG A CG  1 
ATOM   401 C CD  . ARG A 1 63  ? -0.631  0.221   -9.115  1.00 68.08  ? 53  ARG A CD  1 
ATOM   402 N NE  . ARG A 1 63  ? -0.297  -1.163  -8.777  1.00 70.66  ? 53  ARG A NE  1 
ATOM   403 C CZ  . ARG A 1 63  ? -1.190  -2.085  -8.427  1.00 74.23  ? 53  ARG A CZ  1 
ATOM   404 N NH1 . ARG A 1 63  ? -2.488  -1.791  -8.409  1.00 74.32  ? 53  ARG A NH1 1 
ATOM   405 N NH2 . ARG A 1 63  ? -0.794  -3.311  -8.108  1.00 75.01  ? 53  ARG A NH2 1 
ATOM   406 N N   . CYS A 1 64  ? -1.576  5.140   -6.053  1.00 61.92  ? 54  CYS A N   1 
ATOM   407 C CA  . CYS A 1 64  ? -2.486  6.230   -5.750  1.00 62.34  ? 54  CYS A CA  1 
ATOM   408 C C   . CYS A 1 64  ? -1.777  7.525   -5.302  1.00 61.24  ? 54  CYS A C   1 
ATOM   409 O O   . CYS A 1 64  ? -2.454  8.510   -5.027  1.00 61.33  ? 54  CYS A O   1 
ATOM   410 C CB  . CYS A 1 64  ? -3.512  5.776   -4.717  1.00 65.13  ? 54  CYS A CB  1 
ATOM   411 S SG  . CYS A 1 64  ? -4.247  4.143   -5.037  1.00 74.94  ? 54  CYS A SG  1 
ATOM   412 N N   . ASP A 1 65  ? -0.434  7.536   -5.214  1.00 60.18  ? 55  ASP A N   1 
ATOM   413 C CA  . ASP A 1 65  ? 0.330   8.729   -4.830  1.00 59.60  ? 55  ASP A CA  1 
ATOM   414 C C   . ASP A 1 65  ? 0.582   9.565   -6.108  1.00 58.70  ? 55  ASP A C   1 
ATOM   415 O O   . ASP A 1 65  ? 1.514   9.291   -6.850  1.00 58.77  ? 55  ASP A O   1 
ATOM   416 C CB  . ASP A 1 65  ? 1.649   8.311   -4.125  1.00 61.32  ? 55  ASP A CB  1 
ATOM   417 C CG  . ASP A 1 65  ? 2.464   9.437   -3.492  1.00 66.31  ? 55  ASP A CG  1 
ATOM   418 O OD1 . ASP A 1 65  ? 1.995   10.589  -3.511  1.00 67.79  ? 55  ASP A OD1 1 
ATOM   419 O OD2 . ASP A 1 65  ? 3.575   9.157   -2.973  1.00 67.55  ? 55  ASP A OD2 1 
ATOM   420 N N   . HIS A 1 66  ? -0.284  10.545  -6.385  1.00 58.11  ? 56  HIS A N   1 
ATOM   421 C CA  . HIS A 1 66  ? -0.221  11.382  -7.589  1.00 58.61  ? 56  HIS A CA  1 
ATOM   422 C C   . HIS A 1 66  ? 0.374   12.774  -7.329  1.00 59.84  ? 56  HIS A C   1 
ATOM   423 O O   . HIS A 1 66  ? -0.010  13.740  -8.001  1.00 59.56  ? 56  HIS A O   1 
ATOM   424 C CB  . HIS A 1 66  ? -1.631  11.534  -8.192  1.00 58.86  ? 56  HIS A CB  1 
ATOM   425 C CG  . HIS A 1 66  ? -2.348  10.236  -8.382  1.00 59.85  ? 56  HIS A CG  1 
ATOM   426 N ND1 . HIS A 1 66  ? -3.325  9.825   -7.502  1.00 61.35  ? 56  HIS A ND1 1 
ATOM   427 C CD2 . HIS A 1 66  ? -2.151  9.268   -9.308  1.00 60.54  ? 56  HIS A CD2 1 
ATOM   428 C CE1 . HIS A 1 66  ? -3.704  8.632   -7.926  1.00 61.75  ? 56  HIS A CE1 1 
ATOM   429 N NE2 . HIS A 1 66  ? -3.016  8.251   -9.002  1.00 61.44  ? 56  HIS A NE2 1 
ATOM   430 N N   . SER A 1 67  ? 1.319   12.874  -6.363  1.00 60.82  ? 57  SER A N   1 
ATOM   431 C CA  . SER A 1 67  ? 1.951   14.129  -5.943  1.00 61.92  ? 57  SER A CA  1 
ATOM   432 C C   . SER A 1 67  ? 2.496   14.944  -7.102  1.00 62.83  ? 57  SER A C   1 
ATOM   433 O O   . SER A 1 67  ? 2.273   16.159  -7.161  1.00 62.70  ? 57  SER A O   1 
ATOM   434 C CB  . SER A 1 67  ? 3.074   13.855  -4.947  1.00 63.79  ? 57  SER A CB  1 
ATOM   435 O OG  . SER A 1 67  ? 2.628   13.086  -3.844  1.00 66.83  ? 57  SER A OG  1 
ATOM   436 N N   . ASP A 1 68  ? 3.217   14.261  -8.019  1.00 63.51  ? 58  ASP A N   1 
ATOM   437 C CA  . ASP A 1 68  ? 3.871   14.851  -9.179  1.00 64.64  ? 58  ASP A CA  1 
ATOM   438 C C   . ASP A 1 68  ? 2.892   15.162  -10.288 1.00 64.93  ? 58  ASP A C   1 
ATOM   439 O O   . ASP A 1 68  ? 3.011   16.206  -10.922 1.00 65.36  ? 58  ASP A O   1 
ATOM   440 C CB  . ASP A 1 68  ? 4.983   13.927  -9.701  1.00 67.64  ? 58  ASP A CB  1 
ATOM   441 C CG  . ASP A 1 68  ? 6.331   14.101  -9.012  1.00 74.65  ? 58  ASP A CG  1 
ATOM   442 O OD1 . ASP A 1 68  ? 6.529   13.493  -7.915  1.00 75.81  ? 58  ASP A OD1 1 
ATOM   443 O OD2 . ASP A 1 68  ? 7.201   14.832  -9.574  1.00 77.27  ? 58  ASP A OD2 1 
ATOM   444 N N   . SER A 1 69  ? 1.917   14.276  -10.526 1.00 64.52  ? 59  SER A N   1 
ATOM   445 C CA  . SER A 1 69  ? 0.918   14.488  -11.572 1.00 64.44  ? 59  SER A CA  1 
ATOM   446 C C   . SER A 1 69  ? 0.099   15.746  -11.266 1.00 63.97  ? 59  SER A C   1 
ATOM   447 O O   . SER A 1 69  ? -0.020  16.635  -12.113 1.00 64.13  ? 59  SER A O   1 
ATOM   448 C CB  . SER A 1 69  ? -0.004  13.274  -11.686 1.00 65.80  ? 59  SER A CB  1 
ATOM   449 O OG  . SER A 1 69  ? 0.720   12.056  -11.689 1.00 68.53  ? 59  SER A OG  1 
ATOM   450 N N   . ILE A 1 70  ? -0.388  15.851  -10.025 1.00 63.08  ? 60  ILE A N   1 
ATOM   451 C CA  . ILE A 1 70  ? -1.184  16.977  -9.595  1.00 62.90  ? 60  ILE A CA  1 
ATOM   452 C C   . ILE A 1 70  ? -0.373  18.275  -9.606  1.00 63.12  ? 60  ILE A C   1 
ATOM   453 O O   . ILE A 1 70  ? -0.906  19.301  -10.017 1.00 63.59  ? 60  ILE A O   1 
ATOM   454 C CB  . ILE A 1 70  ? -1.843  16.647  -8.253  1.00 63.16  ? 60  ILE A CB  1 
ATOM   455 C CG1 . ILE A 1 70  ? -2.887  15.529  -8.465  1.00 63.74  ? 60  ILE A CG1 1 
ATOM   456 C CG2 . ILE A 1 70  ? -2.480  17.879  -7.642  1.00 63.70  ? 60  ILE A CG2 1 
ATOM   457 C CD1 . ILE A 1 70  ? -3.462  14.980  -7.235  1.00 64.77  ? 60  ILE A CD1 1 
ATOM   458 N N   . ARG A 1 71  ? 0.932   18.222  -9.278  1.00 62.73  ? 61  ARG A N   1 
ATOM   459 C CA  . ARG A 1 71  ? 1.812   19.395  -9.346  1.00 62.49  ? 61  ARG A CA  1 
ATOM   460 C C   . ARG A 1 71  ? 1.926   19.905  -10.796 1.00 61.53  ? 61  ARG A C   1 
ATOM   461 O O   . ARG A 1 71  ? 1.787   21.102  -11.030 1.00 61.67  ? 61  ARG A O   1 
ATOM   462 C CB  . ARG A 1 71  ? 3.209   19.051  -8.820  1.00 64.45  ? 61  ARG A CB  1 
ATOM   463 C CG  . ARG A 1 71  ? 4.202   20.232  -8.852  1.00 68.88  ? 61  ARG A CG  1 
ATOM   464 C CD  . ARG A 1 71  ? 5.670   19.846  -9.098  1.00 73.69  ? 61  ARG A CD  1 
ATOM   465 N NE  . ARG A 1 71  ? 6.019   18.505  -8.613  1.00 78.17  ? 61  ARG A NE  1 
ATOM   466 C CZ  . ARG A 1 71  ? 6.244   18.203  -7.335  1.00 81.56  ? 61  ARG A CZ  1 
ATOM   467 N NH1 . ARG A 1 71  ? 6.166   19.140  -6.400  1.00 81.89  ? 61  ARG A NH1 1 
ATOM   468 N NH2 . ARG A 1 71  ? 6.518   16.954  -6.981  1.00 81.75  ? 61  ARG A NH2 1 
ATOM   469 N N   . ILE A 1 72  ? 2.123   18.999  -11.771 1.00 60.18  ? 62  ILE A N   1 
ATOM   470 C CA  . ILE A 1 72  ? 2.217   19.388  -13.175 1.00 59.03  ? 62  ILE A CA  1 
ATOM   471 C C   . ILE A 1 72  ? 0.892   19.999  -13.679 1.00 57.23  ? 62  ILE A C   1 
ATOM   472 O O   . ILE A 1 72  ? 0.934   20.953  -14.454 1.00 57.02  ? 62  ILE A O   1 
ATOM   473 C CB  . ILE A 1 72  ? 2.745   18.232  -14.050 1.00 59.56  ? 62  ILE A CB  1 
ATOM   474 C CG1 . ILE A 1 72  ? 4.115   17.780  -13.541 1.00 60.69  ? 62  ILE A CG1 1 
ATOM   475 C CG2 . ILE A 1 72  ? 2.844   18.649  -15.509 1.00 59.88  ? 62  ILE A CG2 1 
ATOM   476 C CD1 . ILE A 1 72  ? 4.581   16.475  -14.151 1.00 62.22  ? 62  ILE A CD1 1 
ATOM   477 N N   . LEU A 1 73  ? -0.266  19.536  -13.173 1.00 56.02  ? 63  LEU A N   1 
ATOM   478 C CA  . LEU A 1 73  ? -1.542  20.158  -13.543 1.00 55.79  ? 63  LEU A CA  1 
ATOM   479 C C   . LEU A 1 73  ? -1.574  21.589  -12.982 1.00 55.24  ? 63  LEU A C   1 
ATOM   480 O O   . LEU A 1 73  ? -1.849  22.535  -13.714 1.00 55.02  ? 63  LEU A O   1 
ATOM   481 C CB  . LEU A 1 73  ? -2.769  19.390  -13.008 1.00 56.19  ? 63  LEU A CB  1 
ATOM   482 C CG  . LEU A 1 73  ? -2.918  17.906  -13.278 1.00 57.72  ? 63  LEU A CG  1 
ATOM   483 C CD1 . LEU A 1 73  ? -4.317  17.449  -12.902 1.00 58.11  ? 63  LEU A CD1 1 
ATOM   484 C CD2 . LEU A 1 73  ? -2.636  17.567  -14.728 1.00 58.43  ? 63  LEU A CD2 1 
ATOM   485 N N   . GLY A 1 74  ? -1.219  21.725  -11.710 1.00 54.97  ? 64  GLY A N   1 
ATOM   486 C CA  . GLY A 1 74  ? -1.170  23.000  -11.021 1.00 55.77  ? 64  GLY A CA  1 
ATOM   487 C C   . GLY A 1 74  ? -0.274  23.998  -11.705 1.00 56.91  ? 64  GLY A C   1 
ATOM   488 O O   . GLY A 1 74  ? -0.694  25.128  -11.935 1.00 57.13  ? 64  GLY A O   1 
ATOM   489 N N   . GLU A 1 75  ? 0.932   23.564  -12.105 1.00 57.67  ? 65  GLU A N   1 
ATOM   490 C CA  . GLU A 1 75  ? 1.899   24.409  -12.808 1.00 58.96  ? 65  GLU A CA  1 
ATOM   491 C C   . GLU A 1 75  ? 1.351   24.870  -14.172 1.00 59.11  ? 65  GLU A C   1 
ATOM   492 O O   . GLU A 1 75  ? 1.455   26.053  -14.491 1.00 59.49  ? 65  GLU A O   1 
ATOM   493 C CB  . GLU A 1 75  ? 3.275   23.708  -12.944 1.00 62.73  ? 65  GLU A CB  1 
ATOM   494 C CG  . GLU A 1 75  ? 4.149   23.824  -11.697 1.00 70.78  ? 65  GLU A CG  1 
ATOM   495 C CD  . GLU A 1 75  ? 5.342   22.885  -11.550 1.00 80.12  ? 65  GLU A CD  1 
ATOM   496 O OE1 . GLU A 1 75  ? 5.595   22.085  -12.482 1.00 82.54  ? 65  GLU A OE1 1 
ATOM   497 O OE2 . GLU A 1 75  ? 6.026   22.953  -10.498 1.00 82.04  ? 65  GLU A OE2 1 
ATOM   498 N N   . ASN A 1 76  ? 0.704   23.967  -14.934 1.00 58.57  ? 66  ASN A N   1 
ATOM   499 C CA  . ASN A 1 76  ? 0.131   24.324  -16.224 1.00 58.91  ? 66  ASN A CA  1 
ATOM   500 C C   . ASN A 1 76  ? -1.145  25.186  -16.107 1.00 58.91  ? 66  ASN A C   1 
ATOM   501 O O   . ASN A 1 76  ? -1.416  25.945  -17.028 1.00 59.32  ? 66  ASN A O   1 
ATOM   502 C CB  . ASN A 1 76  ? -0.080  23.098  -17.087 1.00 60.80  ? 66  ASN A CB  1 
ATOM   503 C CG  . ASN A 1 76  ? 1.218   22.387  -17.423 1.00 65.46  ? 66  ASN A CG  1 
ATOM   504 O OD1 . ASN A 1 76  ? 2.266   23.000  -17.678 1.00 66.76  ? 66  ASN A OD1 1 
ATOM   505 N ND2 . ASN A 1 76  ? 1.181   21.067  -17.433 1.00 66.69  ? 66  ASN A ND2 1 
ATOM   506 N N   . ILE A 1 77  ? -1.877  25.153  -14.970 1.00 58.24  ? 67  ILE A N   1 
ATOM   507 C CA  . ILE A 1 77  ? -3.000  26.084  -14.763 1.00 58.15  ? 67  ILE A CA  1 
ATOM   508 C C   . ILE A 1 77  ? -2.435  27.502  -14.555 1.00 57.89  ? 67  ILE A C   1 
ATOM   509 O O   . ILE A 1 77  ? -3.004  28.468  -15.058 1.00 58.08  ? 67  ILE A O   1 
ATOM   510 C CB  . ILE A 1 77  ? -3.920  25.711  -13.567 1.00 58.85  ? 67  ILE A CB  1 
ATOM   511 C CG1 . ILE A 1 77  ? -4.487  24.276  -13.644 1.00 59.89  ? 67  ILE A CG1 1 
ATOM   512 C CG2 . ILE A 1 77  ? -5.039  26.723  -13.382 1.00 59.22  ? 67  ILE A CG2 1 
ATOM   513 C CD1 . ILE A 1 77  ? -5.008  23.907  -14.842 1.00 60.79  ? 67  ILE A CD1 1 
ATOM   514 N N   . LYS A 1 78  ? -1.308  27.625  -13.828 1.00 57.37  ? 68  LYS A N   1 
ATOM   515 C CA  . LYS A 1 78  ? -0.629  28.906  -13.595 1.00 57.25  ? 68  LYS A CA  1 
ATOM   516 C C   . LYS A 1 78  ? 0.039   29.453  -14.870 1.00 56.56  ? 68  LYS A C   1 
ATOM   517 O O   . LYS A 1 78  ? 0.135   30.673  -15.014 1.00 56.53  ? 68  LYS A O   1 
ATOM   518 C CB  . LYS A 1 78  ? 0.352   28.827  -12.409 1.00 59.01  ? 68  LYS A CB  1 
ATOM   519 C CG  . LYS A 1 78  ? -0.344  28.950  -11.054 1.00 63.16  ? 68  LYS A CG  1 
ATOM   520 C CD  . LYS A 1 78  ? 0.594   28.654  -9.888  1.00 68.26  ? 68  LYS A CD  1 
ATOM   521 C CE  . LYS A 1 78  ? -0.002  29.087  -8.561  1.00 73.52  ? 68  LYS A CE  1 
ATOM   522 N NZ  . LYS A 1 78  ? 1.039   29.539  -7.584  1.00 76.81  ? 68  LYS A NZ  1 
ATOM   523 N N   . ILE A 1 79  ? 0.423   28.573  -15.828 1.00 55.91  ? 69  ILE A N   1 
ATOM   524 C CA  . ILE A 1 79  ? 0.958   29.028  -17.124 1.00 55.98  ? 69  ILE A CA  1 
ATOM   525 C C   . ILE A 1 79  ? -0.204  29.722  -17.861 1.00 56.20  ? 69  ILE A C   1 
ATOM   526 O O   . ILE A 1 79  ? -0.043  30.848  -18.319 1.00 56.62  ? 69  ILE A O   1 
ATOM   527 C CB  . ILE A 1 79  ? 1.542   27.894  -18.032 1.00 56.08  ? 69  ILE A CB  1 
ATOM   528 C CG1 . ILE A 1 79  ? 2.489   26.921  -17.283 1.00 56.57  ? 69  ILE A CG1 1 
ATOM   529 C CG2 . ILE A 1 79  ? 2.210   28.476  -19.279 1.00 56.38  ? 69  ILE A CG2 1 
ATOM   530 C CD1 . ILE A 1 79  ? 3.840   27.360  -16.964 1.00 57.16  ? 69  ILE A CD1 1 
ATOM   531 N N   . LEU A 1 80  ? -1.386  29.065  -17.913 1.00 55.50  ? 70  LEU A N   1 
ATOM   532 C CA  . LEU A 1 80  ? -2.597  29.590  -18.528 1.00 55.58  ? 70  LEU A CA  1 
ATOM   533 C C   . LEU A 1 80  ? -3.008  30.904  -17.873 1.00 56.63  ? 70  LEU A C   1 
ATOM   534 O O   . LEU A 1 80  ? -3.339  31.850  -18.573 1.00 56.93  ? 70  LEU A O   1 
ATOM   535 C CB  . LEU A 1 80  ? -3.733  28.584  -18.361 1.00 55.30  ? 70  LEU A CB  1 
ATOM   536 C CG  . LEU A 1 80  ? -4.181  27.874  -19.584 1.00 55.65  ? 70  LEU A CG  1 
ATOM   537 C CD1 . LEU A 1 80  ? -3.147  26.929  -20.028 1.00 56.52  ? 70  LEU A CD1 1 
ATOM   538 C CD2 . LEU A 1 80  ? -5.381  27.104  -19.299 1.00 55.66  ? 70  LEU A CD2 1 
ATOM   539 N N   . ASP A 1 81  ? -2.953  30.993  -16.539 1.00 57.25  ? 71  ASP A N   1 
ATOM   540 C CA  . ASP A 1 81  ? -3.249  32.230  -15.822 1.00 58.70  ? 71  ASP A CA  1 
ATOM   541 C C   . ASP A 1 81  ? -2.314  33.363  -16.287 1.00 59.22  ? 71  ASP A C   1 
ATOM   542 O O   . ASP A 1 81  ? -2.790  34.458  -16.586 1.00 59.65  ? 71  ASP A O   1 
ATOM   543 C CB  . ASP A 1 81  ? -3.087  32.024  -14.309 1.00 62.09  ? 71  ASP A CB  1 
ATOM   544 C CG  . ASP A 1 81  ? -3.528  33.229  -13.494 1.00 69.92  ? 71  ASP A CG  1 
ATOM   545 O OD1 . ASP A 1 81  ? -4.713  33.649  -13.637 1.00 71.18  ? 71  ASP A OD1 1 
ATOM   546 O OD2 . ASP A 1 81  ? -2.692  33.752  -12.699 1.00 72.78  ? 71  ASP A OD2 1 
ATOM   547 N N   . ARG A 1 82  ? -1.001  33.075  -16.424 1.00 58.73  ? 72  ARG A N   1 
ATOM   548 C CA  . ARG A 1 82  ? -0.054  34.066  -16.915 1.00 58.90  ? 72  ARG A CA  1 
ATOM   549 C C   . ARG A 1 82  ? -0.306  34.435  -18.375 1.00 60.08  ? 72  ARG A C   1 
ATOM   550 O O   . ARG A 1 82  ? -0.126  35.589  -18.751 1.00 60.33  ? 72  ARG A O   1 
ATOM   551 C CB  . ARG A 1 82  ? 1.388   33.620  -16.684 1.00 59.13  ? 72  ARG A CB  1 
ATOM   552 C CG  . ARG A 1 82  ? 1.784   33.723  -15.222 1.00 59.67  ? 72  ARG A CG  1 
ATOM   553 C CD  . ARG A 1 82  ? 3.261   33.544  -15.008 1.00 59.53  ? 72  ARG A CD  1 
ATOM   554 N NE  . ARG A 1 82  ? 3.728   32.220  -15.416 1.00 59.46  ? 72  ARG A NE  1 
ATOM   555 C CZ  . ARG A 1 82  ? 3.753   31.156  -14.621 1.00 60.32  ? 72  ARG A CZ  1 
ATOM   556 N NH1 . ARG A 1 82  ? 3.318   31.241  -13.369 1.00 59.67  ? 72  ARG A NH1 1 
ATOM   557 N NH2 . ARG A 1 82  ? 4.220   29.999  -15.067 1.00 60.23  ? 72  ARG A NH2 1 
ATOM   558 N N   . SER A 1 83  ? -0.773  33.485  -19.186 1.00 60.76  ? 73  SER A N   1 
ATOM   559 C CA  . SER A 1 83  ? -1.124  33.757  -20.576 1.00 61.81  ? 73  SER A CA  1 
ATOM   560 C C   . SER A 1 83  ? -2.381  34.616  -20.681 1.00 63.01  ? 73  SER A C   1 
ATOM   561 O O   . SER A 1 83  ? -2.516  35.392  -21.621 1.00 63.65  ? 73  SER A O   1 
ATOM   562 C CB  . SER A 1 83  ? -1.339  32.467  -21.340 1.00 62.97  ? 73  SER A CB  1 
ATOM   563 O OG  . SER A 1 83  ? -1.234  32.786  -22.714 1.00 65.58  ? 73  SER A OG  1 
ATOM   564 N N   . MET A 1 84  ? -3.291  34.479  -19.720 1.00 63.03  ? 74  MET A N   1 
ATOM   565 C CA  . MET A 1 84  ? -4.491  35.262  -19.617 1.00 63.86  ? 74  MET A CA  1 
ATOM   566 C C   . MET A 1 84  ? -4.139  36.699  -19.194 1.00 64.68  ? 74  MET A C   1 
ATOM   567 O O   . MET A 1 84  ? -4.820  37.629  -19.613 1.00 65.02  ? 74  MET A O   1 
ATOM   568 C CB  . MET A 1 84  ? -5.387  34.631  -18.568 1.00 65.00  ? 74  MET A CB  1 
ATOM   569 C CG  . MET A 1 84  ? -6.816  34.875  -18.811 1.00 67.71  ? 74  MET A CG  1 
ATOM   570 S SD  . MET A 1 84  ? -7.436  33.594  -19.886 1.00 73.06  ? 74  MET A SD  1 
ATOM   571 C CE  . MET A 1 84  ? -8.283  32.600  -18.710 1.00 71.39  ? 74  MET A CE  1 
ATOM   572 N N   . LYS A 1 85  ? -3.104  36.894  -18.354 1.00 65.03  ? 75  LYS A N   1 
ATOM   573 C CA  . LYS A 1 85  ? -2.676  38.244  -17.969 1.00 66.27  ? 75  LYS A CA  1 
ATOM   574 C C   . LYS A 1 85  ? -2.086  38.918  -19.214 1.00 67.11  ? 75  LYS A C   1 
ATOM   575 O O   . LYS A 1 85  ? -2.447  40.058  -19.500 1.00 67.35  ? 75  LYS A O   1 
ATOM   576 C CB  . LYS A 1 85  ? -1.613  38.234  -16.834 1.00 68.63  ? 75  LYS A CB  1 
ATOM   577 C CG  . LYS A 1 85  ? -2.065  37.594  -15.515 1.00 73.52  ? 75  LYS A CG  1 
ATOM   578 C CD  . LYS A 1 85  ? -2.349  38.619  -14.399 1.00 78.55  ? 75  LYS A CD  1 
ATOM   579 C CE  . LYS A 1 85  ? -3.334  38.083  -13.363 1.00 82.19  ? 75  LYS A CE  1 
ATOM   580 N NZ  . LYS A 1 85  ? -4.593  37.552  -13.982 1.00 83.39  ? 75  LYS A NZ  1 
ATOM   581 N N   . THR A 1 86  ? -1.236  38.181  -19.988 1.00 67.24  ? 76  THR A N   1 
ATOM   582 C CA  . THR A 1 86  ? -0.598  38.643  -21.226 1.00 67.73  ? 76  THR A CA  1 
ATOM   583 C C   . THR A 1 86  ? -1.654  39.073  -22.233 1.00 68.45  ? 76  THR A C   1 
ATOM   584 O O   . THR A 1 86  ? -1.516  40.128  -22.848 1.00 68.99  ? 76  THR A O   1 
ATOM   585 C CB  . THR A 1 86  ? 0.355   37.570  -21.797 1.00 68.71  ? 76  THR A CB  1 
ATOM   586 O OG1 . THR A 1 86  ? 1.429   37.348  -20.884 1.00 69.68  ? 76  THR A OG1 1 
ATOM   587 C CG2 . THR A 1 86  ? 0.946   37.969  -23.125 1.00 68.78  ? 76  THR A CG2 1 
ATOM   588 N N   . MET A 1 87  ? -2.733  38.304  -22.353 1.00 68.43  ? 77  MET A N   1 
ATOM   589 C CA  . MET A 1 87  ? -3.824  38.656  -23.246 1.00 69.34  ? 77  MET A CA  1 
ATOM   590 C C   . MET A 1 87  ? -4.624  39.857  -22.777 1.00 69.75  ? 77  MET A C   1 
ATOM   591 O O   . MET A 1 87  ? -5.074  40.634  -23.614 1.00 69.64  ? 77  MET A O   1 
ATOM   592 C CB  . MET A 1 87  ? -4.761  37.489  -23.432 1.00 70.85  ? 77  MET A CB  1 
ATOM   593 C CG  . MET A 1 87  ? -4.464  36.691  -24.661 1.00 74.62  ? 77  MET A CG  1 
ATOM   594 S SD  . MET A 1 87  ? -5.890  35.700  -25.111 1.00 83.62  ? 77  MET A SD  1 
ATOM   595 C CE  . MET A 1 87  ? -6.243  34.901  -23.547 1.00 82.29  ? 77  MET A CE  1 
ATOM   596 N N   . MET A 1 88  ? -4.820  40.017  -21.461 1.00 70.26  ? 78  MET A N   1 
ATOM   597 C CA  . MET A 1 88  ? -5.542  41.184  -20.954 1.00 71.37  ? 78  MET A CA  1 
ATOM   598 C C   . MET A 1 88  ? -4.768  42.472  -21.233 1.00 71.11  ? 78  MET A C   1 
ATOM   599 O O   . MET A 1 88  ? -5.382  43.493  -21.507 1.00 71.14  ? 78  MET A O   1 
ATOM   600 C CB  . MET A 1 88  ? -5.964  41.040  -19.478 1.00 73.45  ? 78  MET A CB  1 
ATOM   601 C CG  . MET A 1 88  ? -7.320  40.349  -19.333 1.00 78.69  ? 78  MET A CG  1 
ATOM   602 S SD  . MET A 1 88  ? -8.272  40.621  -17.792 1.00 92.66  ? 78  MET A SD  1 
ATOM   603 C CE  . MET A 1 88  ? -8.485  42.424  -17.839 1.00 93.36  ? 78  MET A CE  1 
ATOM   604 N N   . GLU A 1 89  ? -3.434  42.411  -21.239 1.00 70.89  ? 79  GLU A N   1 
ATOM   605 C CA  . GLU A 1 89  ? -2.619  43.564  -21.566 1.00 71.52  ? 79  GLU A CA  1 
ATOM   606 C C   . GLU A 1 89  ? -2.696  43.877  -23.058 1.00 71.80  ? 79  GLU A C   1 
ATOM   607 O O   . GLU A 1 89  ? -2.732  45.044  -23.429 1.00 71.62  ? 79  GLU A O   1 
ATOM   608 C CB  . GLU A 1 89  ? -1.178  43.358  -21.097 1.00 74.69  ? 79  GLU A CB  1 
ATOM   609 C CG  . GLU A 1 89  ? -1.034  43.531  -19.593 1.00 82.00  ? 79  GLU A CG  1 
ATOM   610 C CD  . GLU A 1 89  ? 0.372   43.413  -19.025 1.00 92.20  ? 79  GLU A CD  1 
ATOM   611 O OE1 . GLU A 1 89  ? 1.352   43.722  -19.749 1.00 93.58  ? 79  GLU A OE1 1 
ATOM   612 O OE2 . GLU A 1 89  ? 0.487   43.019  -17.839 1.00 95.54  ? 79  GLU A OE2 1 
ATOM   613 N N   . THR A 1 90  ? -2.773  42.842  -23.910 1.00 72.26  ? 80  THR A N   1 
ATOM   614 C CA  . THR A 1 90  ? -2.889  42.984  -25.363 1.00 73.17  ? 80  THR A CA  1 
ATOM   615 C C   . THR A 1 90  ? -4.268  43.519  -25.770 1.00 74.72  ? 80  THR A C   1 
ATOM   616 O O   . THR A 1 90  ? -4.376  44.244  -26.759 1.00 74.82  ? 80  THR A O   1 
ATOM   617 C CB  . THR A 1 90  ? -2.540  41.662  -26.058 1.00 73.91  ? 80  THR A CB  1 
ATOM   618 O OG1 . THR A 1 90  ? -1.294  41.181  -25.557 1.00 74.76  ? 80  THR A OG1 1 
ATOM   619 C CG2 . THR A 1 90  ? -2.472  41.790  -27.585 1.00 74.07  ? 80  THR A CG2 1 
ATOM   620 N N   . MET A 1 91  ? -5.315  43.191  -24.999 1.00 75.90  ? 81  MET A N   1 
ATOM   621 C CA  . MET A 1 91  ? -6.653  43.689  -25.289 1.00 77.66  ? 81  MET A CA  1 
ATOM   622 C C   . MET A 1 91  ? -6.726  45.173  -24.999 1.00 79.01  ? 81  MET A C   1 
ATOM   623 O O   . MET A 1 91  ? -7.045  45.937  -25.901 1.00 79.11  ? 81  MET A O   1 
ATOM   624 C CB  . MET A 1 91  ? -7.719  42.916  -24.512 1.00 78.89  ? 81  MET A CB  1 
ATOM   625 C CG  . MET A 1 91  ? -7.882  41.513  -25.002 1.00 82.14  ? 81  MET A CG  1 
ATOM   626 S SD  . MET A 1 91  ? -9.593  41.098  -25.357 1.00 89.13  ? 81  MET A SD  1 
ATOM   627 C CE  . MET A 1 91  ? -9.909  42.183  -26.694 1.00 87.41  ? 81  MET A CE  1 
ATOM   628 N N   . LYS A 1 92  ? -6.321  45.606  -23.792 1.00 80.00  ? 82  LYS A N   1 
ATOM   629 C CA  . LYS A 1 92  ? -6.297  47.028  -23.436 1.00 81.57  ? 82  LYS A CA  1 
ATOM   630 C C   . LYS A 1 92  ? -5.420  47.825  -24.397 1.00 82.67  ? 82  LYS A C   1 
ATOM   631 O O   . LYS A 1 92  ? -5.751  48.962  -24.698 1.00 82.65  ? 82  LYS A O   1 
ATOM   632 C CB  . LYS A 1 92  ? -5.813  47.228  -21.994 1.00 84.21  ? 82  LYS A CB  1 
ATOM   633 C CG  . LYS A 1 92  ? -6.710  46.579  -20.946 1.00 89.55  ? 82  LYS A CG  1 
ATOM   634 C CD  . LYS A 1 92  ? -5.975  46.381  -19.607 1.00 94.78  ? 82  LYS A CD  1 
ATOM   635 C CE  . LYS A 1 92  ? -6.818  45.655  -18.578 1.00 98.68  ? 82  LYS A CE  1 
ATOM   636 N NZ  . LYS A 1 92  ? -5.979  44.976  -17.553 1.00 100.92 ? 82  LYS A NZ  1 
ATOM   637 N N   . LEU A 1 93  ? -4.334  47.210  -24.908 1.00 83.61  ? 83  LEU A N   1 
ATOM   638 C CA  . LEU A 1 93  ? -3.431  47.813  -25.887 1.00 85.13  ? 83  LEU A CA  1 
ATOM   639 C C   . LEU A 1 93  ? -4.195  48.053  -27.188 1.00 86.88  ? 83  LEU A C   1 
ATOM   640 O O   . LEU A 1 93  ? -4.104  49.142  -27.748 1.00 87.09  ? 83  LEU A O   1 
ATOM   641 C CB  . LEU A 1 93  ? -2.225  46.889  -26.136 1.00 85.21  ? 83  LEU A CB  1 
ATOM   642 C CG  . LEU A 1 93  ? -1.285  47.251  -27.281 1.00 86.37  ? 83  LEU A CG  1 
ATOM   643 C CD1 . LEU A 1 93  ? -0.672  48.626  -27.080 1.00 86.90  ? 83  LEU A CD1 1 
ATOM   644 C CD2 . LEU A 1 93  ? -0.189  46.223  -27.407 1.00 86.86  ? 83  LEU A CD2 1 
ATOM   645 N N   . MET A 1 94  ? -4.973  47.058  -27.644 1.00 87.92  ? 84  MET A N   1 
ATOM   646 C CA  . MET A 1 94  ? -5.774  47.168  -28.859 1.00 89.58  ? 84  MET A CA  1 
ATOM   647 C C   . MET A 1 94  ? -6.840  48.240  -28.711 1.00 90.95  ? 84  MET A C   1 
ATOM   648 O O   . MET A 1 94  ? -7.047  49.020  -29.636 1.00 91.14  ? 84  MET A O   1 
ATOM   649 C CB  . MET A 1 94  ? -6.447  45.833  -29.173 1.00 90.69  ? 84  MET A CB  1 
ATOM   650 C CG  . MET A 1 94  ? -6.751  45.650  -30.637 1.00 93.51  ? 84  MET A CG  1 
ATOM   651 S SD  . MET A 1 94  ? -6.770  43.899  -31.098 1.00 99.88  ? 84  MET A SD  1 
ATOM   652 C CE  . MET A 1 94  ? -5.190  43.379  -30.437 1.00 99.67  ? 84  MET A CE  1 
ATOM   653 N N   . MET A 1 95  ? -7.499  48.292  -27.541 1.00 91.66  ? 85  MET A N   1 
ATOM   654 C CA  . MET A 1 95  ? -8.537  49.273  -27.247 1.00 92.82  ? 85  MET A CA  1 
ATOM   655 C C   . MET A 1 95  ? -7.969  50.677  -27.202 1.00 93.84  ? 85  MET A C   1 
ATOM   656 O O   . MET A 1 95  ? -8.605  51.591  -27.712 1.00 94.09  ? 85  MET A O   1 
ATOM   657 C CB  . MET A 1 95  ? -9.218  48.958  -25.920 1.00 93.65  ? 85  MET A CB  1 
ATOM   658 C CG  . MET A 1 95  ? -10.523 49.676  -25.738 1.00 96.23  ? 85  MET A CG  1 
ATOM   659 S SD  . MET A 1 95  ? -11.442 48.980  -24.351 1.00 102.95 ? 85  MET A SD  1 
ATOM   660 C CE  . MET A 1 95  ? -10.388 49.487  -22.971 1.00 101.34 ? 85  MET A CE  1 
ATOM   661 N N   . GLU A 1 96  ? -6.763  50.859  -26.638 1.00 94.28  ? 86  GLU A N   1 
ATOM   662 C CA  . GLU A 1 96  ? -6.139  52.185  -26.602 1.00 95.17  ? 86  GLU A CA  1 
ATOM   663 C C   . GLU A 1 96  ? -5.736  52.689  -28.003 1.00 95.51  ? 86  GLU A C   1 
ATOM   664 O O   . GLU A 1 96  ? -5.500  53.880  -28.164 1.00 95.79  ? 86  GLU A O   1 
ATOM   665 C CB  . GLU A 1 96  ? -4.978  52.255  -25.598 1.00 97.96  ? 86  GLU A CB  1 
ATOM   666 C CG  . GLU A 1 96  ? -5.464  52.323  -24.155 1.00 103.91 ? 86  GLU A CG  1 
ATOM   667 C CD  . GLU A 1 96  ? -4.389  52.298  -23.082 1.00 111.41 ? 86  GLU A CD  1 
ATOM   668 O OE1 . GLU A 1 96  ? -3.255  52.748  -23.370 1.00 113.93 ? 86  GLU A OE1 1 
ATOM   669 O OE2 . GLU A 1 96  ? -4.682  51.841  -21.952 1.00 112.78 ? 86  GLU A OE2 1 
ATOM   670 N N   . LYS A 1 97  ? -5.707  51.811  -29.013 1.00 95.48  ? 87  LYS A N   1 
ATOM   671 C CA  . LYS A 1 97  ? -5.463  52.208  -30.394 1.00 96.32  ? 87  LYS A CA  1 
ATOM   672 C C   . LYS A 1 97  ? -6.805  52.582  -31.056 1.00 97.63  ? 87  LYS A C   1 
ATOM   673 O O   . LYS A 1 97  ? -6.851  53.519  -31.852 1.00 97.79  ? 87  LYS A O   1 
ATOM   674 C CB  . LYS A 1 97  ? -4.768  51.083  -31.171 1.00 97.57  ? 87  LYS A CB  1 
ATOM   675 C CG  . LYS A 1 97  ? -3.455  50.658  -30.537 1.00 100.68 ? 87  LYS A CG  1 
ATOM   676 C CD  . LYS A 1 97  ? -2.421  50.187  -31.548 1.00 104.02 ? 87  LYS A CD  1 
ATOM   677 C CE  . LYS A 1 97  ? -1.106  49.876  -30.877 1.00 107.12 ? 87  LYS A CE  1 
ATOM   678 N NZ  . LYS A 1 97  ? -0.054  49.523  -31.863 1.00 109.36 ? 87  LYS A NZ  1 
ATOM   679 N N   . VAL A 1 98  ? -7.894  51.852  -30.709 1.00 98.39  ? 88  VAL A N   1 
ATOM   680 C CA  . VAL A 1 98  ? -9.269  52.061  -31.175 1.00 99.56  ? 88  VAL A CA  1 
ATOM   681 C C   . VAL A 1 98  ? -9.794  53.411  -30.671 1.00 100.95 ? 88  VAL A C   1 
ATOM   682 O O   . VAL A 1 98  ? -10.449 54.137  -31.417 1.00 100.92 ? 88  VAL A O   1 
ATOM   683 C CB  . VAL A 1 98  ? -10.186 50.892  -30.718 1.00 100.06 ? 88  VAL A CB  1 
ATOM   684 C CG1 . VAL A 1 98  ? -11.659 51.199  -30.966 1.00 100.52 ? 88  VAL A CG1 1 
ATOM   685 C CG2 . VAL A 1 98  ? -9.790  49.588  -31.393 1.00 100.44 ? 88  VAL A CG2 1 
ATOM   686 N N   . ASP A 1 99  ? -9.476  53.766  -29.416 1.00 102.07 ? 89  ASP A N   1 
ATOM   687 C CA  . ASP A 1 99  ? -9.889  55.037  -28.817 1.00 103.65 ? 89  ASP A CA  1 
ATOM   688 C C   . ASP A 1 99  ? -9.287  56.194  -29.621 1.00 105.50 ? 89  ASP A C   1 
ATOM   689 O O   . ASP A 1 99  ? -9.993  57.147  -29.947 1.00 105.51 ? 89  ASP A O   1 
ATOM   690 C CB  . ASP A 1 99  ? -9.442  55.121  -27.339 1.00 105.04 ? 89  ASP A CB  1 
ATOM   691 C CG  . ASP A 1 99  ? -10.271 54.318  -26.346 1.00 108.75 ? 89  ASP A CG  1 
ATOM   692 O OD1 . ASP A 1 99  ? -11.142 53.544  -26.788 1.00 109.33 ? 89  ASP A OD1 1 
ATOM   693 O OD2 . ASP A 1 99  ? -10.037 54.461  -25.123 1.00 110.49 ? 89  ASP A OD2 1 
ATOM   694 N N   . LEU A 1 100 ? -7.994  56.066  -29.993 1.00 106.96 ? 90  LEU A N   1 
ATOM   695 C CA  . LEU A 1 100 ? -7.240  57.041  -30.785 1.00 108.94 ? 90  LEU A CA  1 
ATOM   696 C C   . LEU A 1 100 ? -7.802  57.173  -32.197 1.00 110.84 ? 90  LEU A C   1 
ATOM   697 O O   . LEU A 1 100 ? -7.836  58.267  -32.752 1.00 110.92 ? 90  LEU A O   1 
ATOM   698 C CB  . LEU A 1 100 ? -5.760  56.636  -30.852 1.00 109.28 ? 90  LEU A CB  1 
ATOM   699 C CG  . LEU A 1 100 ? -4.839  57.302  -29.836 1.00 110.81 ? 90  LEU A CG  1 
ATOM   700 C CD1 . LEU A 1 100 ? -3.669  56.394  -29.481 1.00 111.28 ? 90  LEU A CD1 1 
ATOM   701 C CD2 . LEU A 1 100 ? -4.357  58.665  -30.340 1.00 111.52 ? 90  LEU A CD2 1 
ATOM   702 N N   . LEU A 1 101 ? -8.233  56.055  -32.775 1.00 112.32 ? 91  LEU A N   1 
ATOM   703 C CA  . LEU A 1 101 ? -8.839  56.034  -34.096 1.00 114.40 ? 91  LEU A CA  1 
ATOM   704 C C   . LEU A 1 101 ? -10.192 56.754  -34.079 1.00 116.56 ? 91  LEU A C   1 
ATOM   705 O O   . LEU A 1 101 ? -10.541 57.414  -35.057 1.00 116.77 ? 91  LEU A O   1 
ATOM   706 C CB  . LEU A 1 101 ? -9.039  54.587  -34.560 1.00 114.68 ? 91  LEU A CB  1 
ATOM   707 C CG  . LEU A 1 101 ? -7.998  54.029  -35.514 1.00 116.04 ? 91  LEU A CG  1 
ATOM   708 C CD1 . LEU A 1 101 ? -8.270  52.560  -35.799 1.00 116.59 ? 91  LEU A CD1 1 
ATOM   709 C CD2 . LEU A 1 101 ? -7.972  54.818  -36.806 1.00 116.59 ? 91  LEU A CD2 1 
ATOM   710 N N   . TYR A 1 102 ? -10.960 56.624  -32.981 1.00 118.05 ? 92  TYR A N   1 
ATOM   711 C CA  . TYR A 1 102 ? -12.251 57.297  -32.881 1.00 120.08 ? 92  TYR A CA  1 
ATOM   712 C C   . TYR A 1 102 ? -12.048 58.808  -32.777 1.00 120.99 ? 92  TYR A C   1 
ATOM   713 O O   . TYR A 1 102 ? -12.739 59.577  -33.446 1.00 121.11 ? 92  TYR A O   1 
ATOM   714 C CB  . TYR A 1 102 ? -13.090 56.771  -31.697 1.00 121.00 ? 92  TYR A CB  1 
ATOM   715 C CG  . TYR A 1 102 ? -14.394 57.527  -31.560 1.00 122.90 ? 92  TYR A CG  1 
ATOM   716 C CD1 . TYR A 1 102 ? -15.431 57.330  -32.462 1.00 124.32 ? 92  TYR A CD1 1 
ATOM   717 C CD2 . TYR A 1 102 ? -14.545 58.524  -30.605 1.00 124.28 ? 92  TYR A CD2 1 
ATOM   718 C CE1 . TYR A 1 102 ? -16.602 58.078  -32.391 1.00 125.53 ? 92  TYR A CE1 1 
ATOM   719 C CE2 . TYR A 1 102 ? -15.712 59.279  -30.526 1.00 125.48 ? 92  TYR A CE2 1 
ATOM   720 C CZ  . TYR A 1 102 ? -16.740 59.052  -31.421 1.00 126.61 ? 92  TYR A CZ  1 
ATOM   721 O OH  . TYR A 1 102 ? -17.897 59.795  -31.348 1.00 128.42 ? 92  TYR A OH  1 
ATOM   722 N N   . ALA A 1 103 ? -11.103 59.229  -31.936 1.00 121.45 ? 93  ALA A N   1 
ATOM   723 C CA  . ALA A 1 103 ? -10.820 60.646  -31.751 1.00 122.37 ? 93  ALA A CA  1 
ATOM   724 C C   . ALA A 1 103 ? -10.165 61.298  -32.978 1.00 122.97 ? 93  ALA A C   1 
ATOM   725 O O   . ALA A 1 103 ? -10.211 62.522  -33.103 1.00 123.20 ? 93  ALA A O   1 
ATOM   726 C CB  . ALA A 1 103 ? -9.960  60.853  -30.513 1.00 122.66 ? 93  ALA A CB  1 
ATOM   727 N N   . SER A 1 104 ? -9.582  60.496  -33.892 1.00 123.08 ? 94  SER A N   1 
ATOM   728 C CA  . SER A 1 104 ? -8.946  61.031  -35.097 1.00 123.71 ? 94  SER A CA  1 
ATOM   729 C C   . SER A 1 104 ? -9.951  61.472  -36.192 1.00 124.22 ? 94  SER A C   1 
ATOM   730 O O   . SER A 1 104 ? -9.541  62.092  -37.178 1.00 124.49 ? 94  SER A O   1 
ATOM   731 C CB  . SER A 1 104 ? -7.905  60.059  -35.651 1.00 124.85 ? 94  SER A CB  1 
ATOM   732 O OG  . SER A 1 104 ? -8.472  59.043  -36.461 1.00 126.94 ? 94  SER A OG  1 
ATOM   733 N N   . THR A 1 105 ? -11.259 61.190  -36.006 1.00 124.10 ? 95  THR A N   1 
ATOM   734 C CA  . THR A 1 105 ? -12.299 61.585  -36.958 1.00 124.44 ? 95  THR A CA  1 
ATOM   735 C C   . THR A 1 105 ? -12.464 63.117  -37.047 1.00 124.49 ? 95  THR A C   1 
ATOM   736 O O   . THR A 1 105 ? -11.661 63.802  -37.690 1.00 124.41 ? 95  THR A O   1 
ATOM   737 C CB  . THR A 1 105 ? -13.623 60.865  -36.637 1.00 125.68 ? 95  THR A CB  1 
ATOM   738 O OG1 . THR A 1 105 ? -14.020 61.160  -35.294 1.00 126.70 ? 95  THR A OG1 1 
ATOM   739 C CG2 . THR A 1 105 ? -13.530 59.356  -36.840 1.00 125.99 ? 95  THR A CG2 1 
HETATM 740 O O   . HOH B 2 .   ? -2.512  -7.764  8.657   0.00 40.00  ? 201 HOH A O   1 
HETATM 741 O O   . HOH B 2 .   ? 6.505   -41.342 20.736  1.00 42.17  ? 202 HOH A O   1 
HETATM 742 O O   . HOH B 2 .   ? 1.707   6.810   -8.207  1.00 45.92  ? 203 HOH A O   1 
HETATM 743 O O   . HOH B 2 .   ? -2.632  -38.610 29.472  1.00 59.25  ? 204 HOH A O   1 
HETATM 744 O O   . HOH B 2 .   ? 5.416   -30.585 17.863  1.00 28.55  ? 205 HOH A O   1 
HETATM 745 O O   . HOH B 2 .   ? -5.309  9.137   -4.610  0.00 40.00  ? 206 HOH A O   1 
HETATM 746 O O   . HOH B 2 .   ? 4.726   27.393  -13.564 1.00 36.53  ? 207 HOH A O   1 
HETATM 747 O O   . HOH B 2 .   ? 6.736   14.321  -4.934  1.00 52.11  ? 208 HOH A O   1 
HETATM 748 O O   . HOH B 2 .   ? 4.147   10.552  -7.931  1.00 40.60  ? 209 HOH A O   1 
HETATM 749 O O   . HOH B 2 .   ? 0.461   -5.901  -6.374  1.00 45.97  ? 210 HOH A O   1 
HETATM 750 O O   . HOH B 2 .   ? 5.249   -16.382 8.084   1.00 51.67  ? 211 HOH A O   1 
HETATM 751 O O   . HOH B 2 .   ? -5.711  12.070  -6.861  0.00 40.00  ? 212 HOH A O   1 
HETATM 752 O O   . HOH B 2 .   ? -3.534  -33.362 21.324  0.00 40.00  ? 213 HOH A O   1 
HETATM 753 O O   . HOH B 2 .   ? 1.470   35.320  -11.985 0.00 40.00  ? 214 HOH A O   1 
HETATM 754 O O   . HOH B 2 .   ? 8.407   15.468  -14.395 0.00 40.00  ? 215 HOH A O   1 
HETATM 755 O O   . HOH B 2 .   ? -7.525  25.313  -17.017 0.00 40.00  ? 216 HOH A O   1 
HETATM 756 O O   . HOH B 2 .   ? -6.241  15.943  -9.831  0.00 40.00  ? 217 HOH A O   1 
HETATM 757 O O   . HOH B 2 .   ? -1.754  -16.815 15.290  0.00 40.00  ? 218 HOH A O   1 
# 
loop_
_atom_site_anisotrop.id 
_atom_site_anisotrop.type_symbol 
_atom_site_anisotrop.pdbx_label_atom_id 
_atom_site_anisotrop.pdbx_label_alt_id 
_atom_site_anisotrop.pdbx_label_comp_id 
_atom_site_anisotrop.pdbx_label_asym_id 
_atom_site_anisotrop.pdbx_label_seq_id 
_atom_site_anisotrop.pdbx_PDB_ins_code 
_atom_site_anisotrop.U[1][1] 
_atom_site_anisotrop.U[2][2] 
_atom_site_anisotrop.U[3][3] 
_atom_site_anisotrop.U[1][2] 
_atom_site_anisotrop.U[1][3] 
_atom_site_anisotrop.U[2][3] 
_atom_site_anisotrop.pdbx_auth_seq_id 
_atom_site_anisotrop.pdbx_auth_comp_id 
_atom_site_anisotrop.pdbx_auth_asym_id 
_atom_site_anisotrop.pdbx_auth_atom_id 
1   N N   . ASP A 11  ? 1.7626 1.3910 1.8752 0.2432  -0.4978 0.5755  1  ASP A N   
2   C CA  . ASP A 11  ? 1.7579 1.4182 1.8746 0.2392  -0.4482 0.5233  1  ASP A CA  
3   C C   . ASP A 11  ? 1.7240 1.4000 1.9247 0.2653  -0.3938 0.5003  1  ASP A C   
4   O O   . ASP A 11  ? 1.6934 1.4135 1.9416 0.2707  -0.3644 0.4658  1  ASP A O   
5   C CB  . ASP A 11  ? 1.7509 1.4712 1.9038 0.2321  -0.4739 0.5127  1  ASP A CB  
6   C CG  . ASP A 11  ? 1.8534 1.5505 1.9010 0.1997  -0.5177 0.5204  1  ASP A CG  
7   O OD1 . ASP A 11  ? 1.9132 1.5515 1.8766 0.1864  -0.5487 0.5504  1  ASP A OD1 
8   O OD2 . ASP A 11  ? 1.8667 1.5987 1.9113 0.1873  -0.5214 0.4969  1  ASP A OD2 
9   N N   . GLU A 12  ? 1.7299 1.3637 1.9421 0.2804  -0.3808 0.5193  2  GLU A N   
10  C CA  . GLU A 12  ? 1.7089 1.3413 1.9859 0.3030  -0.3302 0.4981  2  GLU A CA  
11  C C   . GLU A 12  ? 1.7329 1.3437 1.9471 0.2846  -0.2802 0.4551  2  GLU A C   
12  O O   . GLU A 12  ? 1.7129 1.3533 1.9651 0.2890  -0.2457 0.4185  2  GLU A O   
13  C CB  . GLU A 12  ? 1.7390 1.3273 2.0470 0.3247  -0.3339 0.5337  2  GLU A CB  
14  C CG  . GLU A 12  ? 1.7371 1.3599 2.1622 0.3580  -0.3552 0.5643  2  GLU A CG  
15  C CD  . GLU A 12  ? 1.7950 1.4370 2.2284 0.3537  -0.4229 0.6114  2  GLU A CD  
16  O OE1 . GLU A 12  ? 1.8546 1.4577 2.1893 0.3280  -0.4548 0.6285  2  GLU A OE1 
17  O OE2 . GLU A 12  ? 1.7655 1.4590 2.3039 0.3753  -0.4442 0.6331  2  GLU A OE2 
18  N N   . LEU A 13  ? 1.7720 1.3313 1.8912 0.2632  -0.2773 0.4622  3  LEU A N   
19  C CA  . LEU A 13  ? 1.7923 1.3316 1.8543 0.2436  -0.2331 0.4298  3  LEU A CA  
20  C C   . LEU A 13  ? 1.7798 1.3582 1.8095 0.2252  -0.2259 0.3983  3  LEU A C   
21  O O   . LEU A 13  ? 1.7780 1.3655 1.8034 0.2163  -0.1868 0.3649  3  LEU A O   
22  C CB  . LEU A 13  ? 1.8459 1.3219 1.8197 0.2269  -0.2331 0.4532  3  LEU A CB  
23  C CG  . LEU A 13  ? 1.8734 1.3036 1.8708 0.2430  -0.2383 0.4848  3  LEU A CG  
24  C CD1 . LEU A 13  ? 1.9290 1.3033 1.8381 0.2288  -0.2613 0.5215  3  LEU A CD1 
25  C CD2 . LEU A 13  ? 1.8796 1.2888 1.9057 0.2465  -0.1917 0.4629  3  LEU A CD2 
26  N N   . ILE A 14  ? 1.7690 1.3680 1.7762 0.2185  -0.2660 0.4106  4  ILE A N   
27  C CA  . ILE A 14  ? 1.7635 1.3941 1.7361 0.2019  -0.2647 0.3842  4  ILE A CA  
28  C C   . ILE A 14  ? 1.7064 1.3941 1.7607 0.2132  -0.2408 0.3499  4  ILE A C   
29  O O   . ILE A 14  ? 1.7095 1.4107 1.7430 0.2015  -0.2088 0.3167  4  ILE A O   
30  C CB  . ILE A 14  ? 1.7816 1.4156 1.7188 0.1928  -0.3205 0.4089  4  ILE A CB  
31  C CG1 . ILE A 14  ? 1.8508 1.4173 1.6869 0.1782  -0.3443 0.4421  4  ILE A CG1 
32  C CG2 . ILE A 14  ? 1.7865 1.4526 1.6950 0.1771  -0.3195 0.3801  4  ILE A CG2 
33  C CD1 . ILE A 14  ? 1.8865 1.4425 1.6729 0.1649  -0.4062 0.4697  4  ILE A CD1 
34  N N   . LYS A 15  ? 1.6527 1.3712 1.8007 0.2370  -0.2535 0.3596  5  LYS A N   
35  C CA  . LYS A 15  ? 1.6054 1.3730 1.8286 0.2496  -0.2295 0.3294  5  LYS A CA  
36  C C   . LYS A 15  ? 1.5930 1.3434 1.8268 0.2529  -0.1788 0.2999  5  LYS A C   
37  O O   . LYS A 15  ? 1.5773 1.3583 1.8356 0.2522  -0.1540 0.2667  5  LYS A O   
38  C CB  . LYS A 15  ? 1.5881 1.3919 1.9098 0.2754  -0.2532 0.3515  5  LYS A CB  
39  C CG  . LYS A 15  ? 1.6389 1.4710 1.9559 0.2659  -0.3071 0.3762  5  LYS A CG  
40  C CD  . LYS A 15  ? 1.6506 1.5188 2.0727 0.2904  -0.3370 0.4099  5  LYS A CD  
41  C CE  . LYS A 15  ? 1.6983 1.5769 2.1037 0.2764  -0.4022 0.4469  5  LYS A CE  
42  N NZ  . LYS A 15  ? 1.7343 1.6352 2.0876 0.2497  -0.4174 0.4258  5  LYS A NZ  
43  N N   . LYS A 16  ? 1.6000 1.2980 1.8093 0.2532  -0.1653 0.3118  6  LYS A N   
44  C CA  . LYS A 16  ? 1.5929 1.2672 1.8046 0.2506  -0.1222 0.2856  6  LYS A CA  
45  C C   . LYS A 16  ? 1.5917 1.2708 1.7437 0.2229  -0.1012 0.2597  6  LYS A C   
46  O O   . LYS A 16  ? 1.5834 1.2718 1.7505 0.2177  -0.0719 0.2293  6  LYS A O   
47  C CB  . LYS A 16  ? 1.6355 1.2502 1.8390 0.2568  -0.1158 0.3080  6  LYS A CB  
48  C CG  . LYS A 16  ? 1.6762 1.2650 1.9146 0.2655  -0.0796 0.2862  6  LYS A CG  
49  C CD  . LYS A 16  ? 1.7488 1.3140 1.9390 0.2383  -0.0514 0.2642  6  LYS A CD  
50  C CE  . LYS A 16  ? 1.7880 1.3355 2.0067 0.2410  -0.0205 0.2345  6  LYS A CE  
51  N NZ  . LYS A 16  ? 1.8314 1.3170 2.0629 0.2544  -0.0116 0.2485  6  LYS A NZ  
52  N N   . LEU A 17  ? 1.5995 1.2700 1.6829 0.2054  -0.1159 0.2732  7  LEU A N   
53  C CA  . LEU A 17  ? 1.6043 1.2796 1.6345 0.1823  -0.0932 0.2529  7  LEU A CA  
54  C C   . LEU A 17  ? 1.5674 1.2955 1.6112 0.1795  -0.0944 0.2263  7  LEU A C   
55  O O   . LEU A 17  ? 1.5660 1.3092 1.5988 0.1666  -0.0682 0.2014  7  LEU A O   
56  C CB  . LEU A 17  ? 1.6474 1.2852 1.5917 0.1668  -0.1013 0.2768  7  LEU A CB  
57  C CG  . LEU A 17  ? 1.6905 1.2739 1.6137 0.1695  -0.1074 0.3094  7  LEU A CG  
58  C CD1 . LEU A 17  ? 1.7422 1.2863 1.5719 0.1545  -0.1169 0.3331  7  LEU A CD1 
59  C CD2 . LEU A 17  ? 1.6974 1.2587 1.6441 0.1661  -0.0735 0.3013  7  LEU A CD2 
60  N N   . VAL A 18  ? 1.5331 1.2902 1.6060 0.1910  -0.1259 0.2338  8  VAL A N   
61  C CA  . VAL A 18  ? 1.5002 1.3065 1.5917 0.1891  -0.1311 0.2119  8  VAL A CA  
62  C C   . VAL A 18  ? 1.4575 1.2927 1.6108 0.1973  -0.1014 0.1806  8  VAL A C   
63  O O   . VAL A 18  ? 1.4514 1.3127 1.5967 0.1868  -0.0854 0.1540  8  VAL A O   
64  C CB  . VAL A 18  ? 1.4930 1.3208 1.6092 0.1982  -0.1761 0.2343  8  VAL A CB  
65  C CG1 . VAL A 18  ? 1.4655 1.3495 1.6351 0.2030  -0.1787 0.2136  8  VAL A CG1 
66  C CG2 . VAL A 18  ? 1.5353 1.3341 1.5660 0.1812  -0.2068 0.2560  8  VAL A CG2 
67  N N   . THR A 19  ? 1.4308 1.2548 1.6394 0.2158  -0.0929 0.1843  9  THR A N   
68  C CA  . THR A 19  ? 1.4044 1.2409 1.6598 0.2237  -0.0638 0.1555  9  THR A CA  
69  C C   . THR A 19  ? 1.4141 1.2272 1.6368 0.2052  -0.0334 0.1340  9  THR A C   
70  O O   . THR A 19  ? 1.4058 1.2412 1.6369 0.1982  -0.0160 0.1055  9  THR A O   
71  C CB  . THR A 19  ? 1.4014 1.2238 1.7193 0.2509  -0.0609 0.1666  9  THR A CB  
72  O OG1 . THR A 19  ? 1.4354 1.2040 1.7344 0.2526  -0.0573 0.1852  9  THR A OG1 
73  C CG2 . THR A 19  ? 1.3784 1.2352 1.7474 0.2696  -0.0908 0.1903  9  THR A CG2 
74  N N   . GLU A 20  ? 1.4271 1.1965 1.6142 0.1959  -0.0287 0.1499  10 GLU A N   
75  C CA  . GLU A 20  ? 1.4330 1.1820 1.5959 0.1755  -0.0030 0.1358  10 GLU A CA  
76  C C   . GLU A 20  ? 1.4183 1.1979 1.5485 0.1551  0.0050  0.1226  10 GLU A C   
77  O O   . GLU A 20  ? 1.4204 1.2002 1.5489 0.1390  0.0254  0.1070  10 GLU A O   
78  C CB  . GLU A 20  ? 1.4862 1.1827 1.6230 0.1695  -0.0001 0.1600  10 GLU A CB  
79  C CG  . GLU A 20  ? 1.5408 1.1991 1.7107 0.1891  -0.0015 0.1701  10 GLU A CG  
80  C CD  . GLU A 20  ? 1.6180 1.2354 1.7945 0.1808  0.0215  0.1556  10 GLU A CD  
81  O OE1 . GLU A 20  ? 1.6416 1.2398 1.7887 0.1570  0.0321  0.1580  10 GLU A OE1 
82  O OE2 . GLU A 20  ? 1.6358 1.2366 1.8456 0.1975  0.0295  0.1433  10 GLU A OE2 
83  N N   . LEU A 21  ? 1.4026 1.2056 1.5072 0.1556  -0.0120 0.1298  11 LEU A N   
84  C CA  . LEU A 21  ? 1.3947 1.2228 1.4656 0.1404  -0.0034 0.1178  11 LEU A CA  
85  C C   . LEU A 21  ? 1.3502 1.2240 1.4545 0.1443  -0.0036 0.0909  11 LEU A C   
86  O O   . LEU A 21  ? 1.3447 1.2389 1.4435 0.1322  0.0134  0.0725  11 LEU A O   
87  C CB  . LEU A 21  ? 1.4236 1.2389 1.4351 0.1372  -0.0205 0.1388  11 LEU A CB  
88  C CG  . LEU A 21  ? 1.4788 1.2482 1.4402 0.1276  -0.0106 0.1628  11 LEU A CG  
89  C CD1 . LEU A 21  ? 1.5186 1.2634 1.4116 0.1257  -0.0313 0.1844  11 LEU A CD1 
90  C CD2 . LEU A 21  ? 1.4925 1.2639 1.4431 0.1111  0.0245  0.1537  11 LEU A CD2 
91  N N   . ALA A 22  ? 1.3152 1.2059 1.4580 0.1616  -0.0221 0.0910  12 ALA A N   
92  C CA  . ALA A 22  ? 1.2797 1.2118 1.4593 0.1668  -0.0207 0.0675  12 ALA A CA  
93  C C   . ALA A 22  ? 1.2593 1.1880 1.4651 0.1640  0.0055  0.0433  12 ALA A C   
94  O O   . ALA A 22  ? 1.2519 1.2075 1.4623 0.1564  0.0159  0.0206  12 ALA A O   
95  C CB  . ALA A 22  ? 1.2595 1.2078 1.4849 0.1872  -0.0425 0.0787  12 ALA A CB  
96  N N   . GLU A 23  ? 1.2520 1.1418 1.4682 0.1682  0.0147  0.0491  13 GLU A N   
97  C CA  . GLU A 23  ? 1.2446 1.1128 1.4735 0.1627  0.0356  0.0294  13 GLU A CA  
98  C C   . GLU A 23  ? 1.2302 1.1086 1.4371 0.1375  0.0483  0.0148  13 GLU A C   
99  O O   . GLU A 23  ? 1.2229 1.1050 1.4406 0.1307  0.0588  -0.0080 13 GLU A O   
100 C CB  . GLU A 23  ? 1.2923 1.1060 1.5213 0.1681  0.0389  0.0451  13 GLU A CB  
101 C CG  . GLU A 23  ? 1.3648 1.1384 1.5832 0.1514  0.0559  0.0332  13 GLU A CG  
102 C CD  . GLU A 23  ? 1.4461 1.1624 1.6592 0.1555  0.0573  0.0516  13 GLU A CD  
103 O OE1 . GLU A 23  ? 1.4517 1.1568 1.6808 0.1785  0.0486  0.0693  13 GLU A OE1 
104 O OE2 . GLU A 23  ? 1.4819 1.1645 1.6777 0.1348  0.0658  0.0502  13 GLU A OE2 
105 N N   . ASN A 24  ? 1.2265 1.1089 1.4029 0.1243  0.0476  0.0296  14 ASN A N   
106 C CA  . ASN A 24  ? 1.2202 1.1154 1.3842 0.1023  0.0615  0.0235  14 ASN A CA  
107 C C   . ASN A 24  ? 1.1846 1.1250 1.3425 0.1000  0.0622  0.0111  14 ASN A C   
108 O O   . ASN A 24  ? 1.1725 1.1320 1.3365 0.0857  0.0736  -0.0002 14 ASN A O   
109 C CB  . ASN A 24  ? 1.2634 1.1344 1.4003 0.0914  0.0678  0.0489  14 ASN A CB  
110 C CG  . ASN A 24  ? 1.3162 1.1894 1.4587 0.0683  0.0849  0.0494  14 ASN A CG  
111 O OD1 . ASN A 24  ? 1.3290 1.2343 1.4696 0.0596  0.0950  0.0458  14 ASN A OD1 
112 N ND2 . ASN A 24  ? 1.3320 1.1702 1.4845 0.0575  0.0878  0.0562  14 ASN A ND2 
113 N N   . SER A 25  ? 1.1669 1.1223 1.3128 0.1128  0.0481  0.0155  15 SER A N   
114 C CA  . SER A 25  ? 1.1473 1.1379 1.2814 0.1112  0.0465  0.0045  15 SER A CA  
115 C C   . SER A 25  ? 1.1122 1.1319 1.2813 0.1167  0.0447  -0.0200 15 SER A C   
116 O O   . SER A 25  ? 1.1044 1.1518 1.2718 0.1100  0.0507  -0.0344 15 SER A O   
117 C CB  . SER A 25  ? 1.1705 1.1575 1.2720 0.1190  0.0273  0.0199  15 SER A CB  
118 O OG  . SER A 25  ? 1.1802 1.1717 1.3110 0.1345  0.0063  0.0232  15 SER A OG  
119 N N   . MET A 26  ? 1.0888 1.0997 1.2889 0.1304  0.0390  -0.0230 16 MET A N   
120 C CA  . MET A 26  ? 1.0620 1.0912 1.2949 0.1387  0.0418  -0.0436 16 MET A CA  
121 C C   . MET A 26  ? 1.0478 1.0769 1.2821 0.1243  0.0579  -0.0651 16 MET A C   
122 O O   . MET A 26  ? 1.0382 1.0885 1.2855 0.1258  0.0614  -0.0839 16 MET A O   
123 C CB  . MET A 26  ? 1.0726 1.0775 1.3343 0.1570  0.0408  -0.0375 16 MET A CB  
124 C CG  . MET A 26  ? 1.0905 1.1191 1.3900 0.1738  0.0404  -0.0469 16 MET A CG  
125 S SD  . MET A 26  ? 1.1734 1.1690 1.5110 0.1994  0.0452  -0.0340 16 MET A SD  
126 C CE  . MET A 26  ? 1.1606 1.1573 1.4947 0.2053  0.0162  0.0025  16 MET A CE  
127 N N   . ILE A 27  ? 1.0468 1.0506 1.2685 0.1089  0.0656  -0.0606 17 ILE A N   
128 C CA  . ILE A 27  ? 1.0400 1.0407 1.2627 0.0903  0.0744  -0.0758 17 ILE A CA  
129 C C   . ILE A 27  ? 1.0173 1.0586 1.2356 0.0793  0.0766  -0.0791 17 ILE A C   
130 O O   . ILE A 27  ? 1.0099 1.0685 1.2354 0.0724  0.0786  -0.0966 17 ILE A O   
131 C CB  . ILE A 27  ? 1.0611 1.0235 1.2774 0.0746  0.0778  -0.0642 17 ILE A CB  
132 C CG1 . ILE A 27  ? 1.0885 1.0056 1.3044 0.0876  0.0764  -0.0552 17 ILE A CG1 
133 C CG2 . ILE A 27  ? 1.0688 1.0224 1.2877 0.0527  0.0801  -0.0785 17 ILE A CG2 
134 C CD1 . ILE A 27  ? 1.1115 1.0022 1.3354 0.1002  0.0809  -0.0738 17 ILE A CD1 
135 N N   . GLU A 28  ? 1.0073 1.0587 1.2092 0.0786  0.0779  -0.0616 18 GLU A N   
136 C CA  . GLU A 28  ? 0.9952 1.0780 1.1885 0.0721  0.0848  -0.0621 18 GLU A CA  
137 C C   . GLU A 28  ? 0.9690 1.0790 1.1586 0.0831  0.0776  -0.0757 18 GLU A C   
138 O O   . GLU A 28  ? 0.9646 1.0993 1.1507 0.0782  0.0836  -0.0825 18 GLU A O   
139 C CB  . GLU A 28  ? 1.0496 1.1231 1.2172 0.0697  0.0936  -0.0392 18 GLU A CB  
140 C CG  . GLU A 28  ? 1.1478 1.1974 1.3232 0.0573  0.1023  -0.0224 18 GLU A CG  
141 C CD  . GLU A 28  ? 1.2676 1.3102 1.4203 0.0533  0.1190  0.0011  18 GLU A CD  
142 O OE1 . GLU A 28  ? 1.2872 1.3100 1.4477 0.0431  0.1268  0.0183  18 GLU A OE1 
143 O OE2 . GLU A 28  ? 1.3079 1.3604 1.4317 0.0600  0.1261  0.0026  18 GLU A OE2 
144 N N   . ALA A 29  ? 0.9478 1.0538 1.1419 0.0977  0.0648  -0.0772 19 ALA A N   
145 C CA  . ALA A 29  ? 0.9233 1.0559 1.1213 0.1062  0.0556  -0.0876 19 ALA A CA  
146 C C   . ALA A 29  ? 0.8901 1.0376 1.1142 0.1055  0.0610  -0.1098 19 ALA A C   
147 O O   . ALA A 29  ? 0.8789 1.0529 1.1042 0.1047  0.0603  -0.1214 19 ALA A O   
148 C CB  . ALA A 29  ? 0.9264 1.0529 1.1306 0.1209  0.0382  -0.0757 19 ALA A CB  
149 N N   . GLU A 30  ? 0.8795 1.0035 1.1177 0.1053  0.0669  -0.1156 20 GLU A N   
150 C CA  . GLU A 30  ? 0.8690 0.9920 1.1188 0.1033  0.0741  -0.1365 20 GLU A CA  
151 C C   . GLU A 30  ? 0.8483 0.9843 1.0896 0.0843  0.0781  -0.1452 20 GLU A C   
152 O O   . GLU A 30  ? 0.8457 0.9993 1.0899 0.0824  0.0798  -0.1608 20 GLU A O   
153 C CB  . GLU A 30  ? 0.9219 1.0012 1.1750 0.1064  0.0804  -0.1392 20 GLU A CB  
154 C CG  . GLU A 30  ? 1.0167 1.0808 1.2683 0.1049  0.0903  -0.1615 20 GLU A CG  
155 C CD  . GLU A 30  ? 1.1468 1.1871 1.3775 0.0810  0.0908  -0.1709 20 GLU A CD  
156 O OE1 . GLU A 30  ? 1.1909 1.1948 1.4119 0.0714  0.0893  -0.1633 20 GLU A OE1 
157 O OE2 . GLU A 30  ? 1.1762 1.2333 1.4008 0.0703  0.0903  -0.1840 20 GLU A OE2 
158 N N   . GLU A 31  ? 0.8301 0.9591 1.0648 0.0704  0.0796  -0.1327 21 GLU A N   
159 C CA  . GLU A 31  ? 0.8066 0.9523 1.0448 0.0526  0.0822  -0.1350 21 GLU A CA  
160 C C   . GLU A 31  ? 0.7633 0.9463 0.9990 0.0560  0.0850  -0.1360 21 GLU A C   
161 O O   . GLU A 31  ? 0.7547 0.9562 0.9976 0.0470  0.0859  -0.1445 21 GLU A O   
162 C CB  . GLU A 31  ? 0.8504 0.9823 1.0934 0.0363  0.0845  -0.1174 21 GLU A CB  
163 C CG  . GLU A 31  ? 0.9296 1.0645 1.1654 0.0414  0.0917  -0.0955 21 GLU A CG  
164 C CD  . GLU A 31  ? 1.0047 1.1508 1.2548 0.0258  0.1015  -0.0772 21 GLU A CD  
165 O OE1 . GLU A 31  ? 1.0175 1.1440 1.2808 0.0107  0.0993  -0.0674 21 GLU A OE1 
166 O OE2 . GLU A 31  ? 1.0186 1.1909 1.2681 0.0286  0.1125  -0.0714 21 GLU A OE2 
167 N N   . VAL A 32  ? 0.7411 0.9302 0.9629 0.0681  0.0848  -0.1275 22 VAL A N   
168 C CA  . VAL A 32  ? 0.7211 0.9349 0.9307 0.0714  0.0872  -0.1299 22 VAL A CA  
169 C C   . VAL A 32  ? 0.6957 0.9256 0.9131 0.0775  0.0799  -0.1485 22 VAL A C   
170 O O   . VAL A 32  ? 0.6902 0.9405 0.9072 0.0740  0.0828  -0.1573 22 VAL A O   
171 C CB  . VAL A 32  ? 0.7433 0.9468 0.9223 0.0788  0.0871  -0.1147 22 VAL A CB  
172 C CG1 . VAL A 32  ? 0.7539 0.9707 0.9113 0.0838  0.0832  -0.1214 22 VAL A CG1 
173 C CG2 . VAL A 32  ? 0.7545 0.9478 0.9233 0.0720  0.1033  -0.0969 22 VAL A CG2 
174 N N   . ARG A 33  ? 0.6773 0.8976 0.9054 0.0871  0.0729  -0.1529 23 ARG A N   
175 C CA  . ARG A 33  ? 0.6539 0.8897 0.8958 0.0941  0.0700  -0.1673 23 ARG A CA  
176 C C   . ARG A 33  ? 0.6296 0.8676 0.8765 0.0853  0.0773  -0.1842 23 ARG A C   
177 O O   . ARG A 33  ? 0.6236 0.8814 0.8732 0.0858  0.0778  -0.1951 23 ARG A O   
178 C CB  . ARG A 33  ? 0.6702 0.8947 0.9311 0.1086  0.0659  -0.1639 23 ARG A CB  
179 C CG  . ARG A 33  ? 0.6999 0.9375 0.9640 0.1180  0.0508  -0.1506 23 ARG A CG  
180 C CD  . ARG A 33  ? 0.7148 0.9527 1.0144 0.1339  0.0473  -0.1460 23 ARG A CD  
181 N NE  . ARG A 33  ? 0.7446 0.9522 1.0487 0.1408  0.0496  -0.1349 23 ARG A NE  
182 C CZ  . ARG A 33  ? 0.7764 0.9585 1.0902 0.1451  0.0651  -0.1434 23 ARG A CZ  
183 N NH1 . ARG A 33  ? 0.7609 0.9429 1.0768 0.1427  0.0795  -0.1631 23 ARG A NH1 
184 N NH2 . ARG A 33  ? 0.7923 0.9426 1.1072 0.1512  0.0665  -0.1322 23 ARG A NH2 
185 N N   . GLY A 34  ? 0.6182 0.8323 0.8630 0.0755  0.0809  -0.1853 24 GLY A N   
186 C CA  . GLY A 34  ? 0.6126 0.8197 0.8531 0.0628  0.0831  -0.1994 24 GLY A CA  
187 C C   . GLY A 34  ? 0.5926 0.8263 0.8336 0.0507  0.0814  -0.1974 24 GLY A C   
188 O O   . GLY A 34  ? 0.5885 0.8321 0.8268 0.0458  0.0810  -0.2094 24 GLY A O   
189 N N   . THR A 35  ? 0.5811 0.8253 0.8253 0.0478  0.0827  -0.1808 25 THR A N   
190 C CA  . THR A 35  ? 0.5701 0.8396 0.8204 0.0407  0.0864  -0.1740 25 THR A CA  
191 C C   . THR A 35  ? 0.5585 0.8493 0.8002 0.0505  0.0886  -0.1818 25 THR A C   
192 O O   . THR A 35  ? 0.5544 0.8628 0.8010 0.0454  0.0903  -0.1852 25 THR A O   
193 C CB  . THR A 35  ? 0.5948 0.8646 0.8483 0.0400  0.0944  -0.1528 25 THR A CB  
194 O OG1 . THR A 35  ? 0.6261 0.8772 0.8916 0.0275  0.0909  -0.1439 25 THR A OG1 
195 C CG2 . THR A 35  ? 0.5847 0.8791 0.8472 0.0378  0.1053  -0.1430 25 THR A CG2 
196 N N   . LEU A 36  ? 0.5556 0.8437 0.7856 0.0633  0.0864  -0.1826 26 LEU A N   
197 C CA  . LEU A 36  ? 0.5563 0.8603 0.7760 0.0696  0.0846  -0.1893 26 LEU A CA  
198 C C   . LEU A 36  ? 0.5569 0.8707 0.7869 0.0682  0.0821  -0.2061 26 LEU A C   
199 O O   . LEU A 36  ? 0.5540 0.8832 0.7808 0.0654  0.0838  -0.2121 26 LEU A O   
200 C CB  . LEU A 36  ? 0.5596 0.8566 0.7639 0.0794  0.0768  -0.1826 26 LEU A CB  
201 C CG  . LEU A 36  ? 0.5833 0.8664 0.7585 0.0802  0.0818  -0.1672 26 LEU A CG  
202 C CD1 . LEU A 36  ? 0.6003 0.8707 0.7530 0.0864  0.0678  -0.1603 26 LEU A CD1 
203 C CD2 . LEU A 36  ? 0.5900 0.8796 0.7490 0.0775  0.0940  -0.1679 26 LEU A CD2 
204 N N   . GLY A 37  ? 0.5638 0.8641 0.8034 0.0699  0.0813  -0.2129 27 GLY A N   
205 C CA  . GLY A 37  ? 0.5789 0.8793 0.8223 0.0691  0.0842  -0.2285 27 GLY A CA  
206 C C   . GLY A 37  ? 0.6004 0.8987 0.8360 0.0544  0.0846  -0.2349 27 GLY A C   
207 O O   . GLY A 37  ? 0.6054 0.9093 0.8365 0.0520  0.0864  -0.2463 27 GLY A O   
208 N N   . ASP A 38  ? 0.6120 0.9027 0.8483 0.0432  0.0816  -0.2254 28 ASP A N   
209 C CA  . ASP A 38  ? 0.6300 0.9225 0.8660 0.0269  0.0763  -0.2257 28 ASP A CA  
210 C C   . ASP A 38  ? 0.6166 0.9403 0.8592 0.0288  0.0786  -0.2222 28 ASP A C   
211 O O   . ASP A 38  ? 0.6191 0.9486 0.8584 0.0216  0.0750  -0.2288 28 ASP A O   
212 C CB  . ASP A 38  ? 0.6851 0.9670 0.9312 0.0138  0.0708  -0.2108 28 ASP A CB  
213 C CG  . ASP A 38  ? 0.7948 1.0912 1.0562 -0.0034 0.0623  -0.2006 28 ASP A CG  
214 O OD1 . ASP A 38  ? 0.8325 1.1238 1.0830 -0.0133 0.0535  -0.2102 28 ASP A OD1 
215 O OD2 . ASP A 38  ? 0.8115 1.1242 1.0978 -0.0067 0.0647  -0.1806 28 ASP A OD2 
216 N N   . ILE A 39  ? 0.6046 0.9417 0.8501 0.0387  0.0851  -0.2120 29 ILE A N   
217 C CA  . ILE A 39  ? 0.5970 0.9534 0.8405 0.0431  0.0913  -0.2091 29 ILE A CA  
218 C C   . ILE A 39  ? 0.6072 0.9689 0.8393 0.0479  0.0891  -0.2244 29 ILE A C   
219 O O   . ILE A 39  ? 0.6121 0.9846 0.8444 0.0445  0.0896  -0.2281 29 ILE A O   
220 C CB  . ILE A 39  ? 0.5956 0.9503 0.8308 0.0519  0.1014  -0.1954 29 ILE A CB  
221 C CG1 . ILE A 39  ? 0.5899 0.9498 0.8458 0.0463  0.1101  -0.1768 29 ILE A CG1 
222 C CG2 . ILE A 39  ? 0.6041 0.9620 0.8176 0.0602  0.1073  -0.1990 29 ILE A CG2 
223 C CD1 . ILE A 39  ? 0.6111 0.9603 0.8551 0.0539  0.1231  -0.1628 29 ILE A CD1 
224 N N   . SER A 40  ? 0.6061 0.9617 0.8334 0.0554  0.0863  -0.2310 30 SER A N   
225 C CA  . SER A 40  ? 0.6070 0.9710 0.8325 0.0592  0.0844  -0.2422 30 SER A CA  
226 C C   . SER A 40  ? 0.6085 0.9716 0.8348 0.0520  0.0861  -0.2538 30 SER A C   
227 O O   . SER A 40  ? 0.6108 0.9845 0.8336 0.0508  0.0869  -0.2599 30 SER A O   
228 C CB  . SER A 40  ? 0.6296 0.9903 0.8633 0.0683  0.0806  -0.2419 30 SER A CB  
229 O OG  . SER A 40  ? 0.6616 1.0303 0.9071 0.0711  0.0822  -0.2512 30 SER A OG  
230 N N   . ALA A 41  ? 0.6107 0.9553 0.8354 0.0454  0.0861  -0.2564 31 ALA A N   
231 C CA  . ALA A 41  ? 0.6231 0.9547 0.8349 0.0358  0.0863  -0.2671 31 ALA A CA  
232 C C   . ALA A 41  ? 0.6254 0.9687 0.8353 0.0248  0.0799  -0.2628 31 ALA A C   
233 O O   . ALA A 41  ? 0.6346 0.9757 0.8322 0.0198  0.0797  -0.2710 31 ALA A O   
234 C CB  . ALA A 41  ? 0.6421 0.9403 0.8419 0.0288  0.0852  -0.2701 31 ALA A CB  
235 N N   . ARG A 42  ? 0.6145 0.9702 0.8390 0.0221  0.0764  -0.2478 32 ARG A N   
236 C CA  . ARG A 42  ? 0.6124 0.9838 0.8466 0.0150  0.0723  -0.2386 32 ARG A CA  
237 C C   . ARG A 42  ? 0.5959 0.9835 0.8270 0.0243  0.0796  -0.2416 32 ARG A C   
238 O O   . ARG A 42  ? 0.5929 0.9886 0.8266 0.0197  0.0770  -0.2391 32 ARG A O   
239 C CB  . ARG A 42  ? 0.6401 1.0222 0.8992 0.0131  0.0728  -0.2185 32 ARG A CB  
240 C CG  . ARG A 42  ? 0.7123 1.0930 0.9878 -0.0054 0.0579  -0.2068 32 ARG A CG  
241 C CD  . ARG A 42  ? 0.7564 1.1563 1.0698 -0.0062 0.0619  -0.1819 32 ARG A CD  
242 N NE  . ARG A 42  ? 0.8193 1.2128 1.1322 0.0030  0.0737  -0.1781 32 ARG A NE  
243 C CZ  . ARG A 42  ? 0.8724 1.2481 1.1853 -0.0054 0.0668  -0.1757 32 ARG A CZ  
244 N NH1 . ARG A 42  ? 0.8858 1.2447 1.1960 -0.0248 0.0477  -0.1775 32 ARG A NH1 
245 N NH2 . ARG A 42  ? 0.8719 1.2413 1.1826 0.0040  0.0779  -0.1708 32 ARG A NH2 
246 N N   . ILE A 43  ? 0.5856 0.9747 0.8098 0.0362  0.0865  -0.2455 33 ILE A N   
247 C CA  . ILE A 43  ? 0.5809 0.9774 0.7953 0.0423  0.0906  -0.2493 33 ILE A CA  
248 C C   . ILE A 43  ? 0.5788 0.9756 0.7868 0.0381  0.0882  -0.2625 33 ILE A C   
249 O O   . ILE A 43  ? 0.5824 0.9838 0.7860 0.0349  0.0885  -0.2635 33 ILE A O   
250 C CB  . ILE A 43  ? 0.5872 0.9794 0.7901 0.0516  0.0924  -0.2485 33 ILE A CB  
251 C CG1 . ILE A 43  ? 0.5965 0.9813 0.7969 0.0563  0.0981  -0.2353 33 ILE A CG1 
252 C CG2 . ILE A 43  ? 0.5950 0.9871 0.7812 0.0536  0.0931  -0.2529 33 ILE A CG2 
253 C CD1 . ILE A 43  ? 0.6083 0.9963 0.8135 0.0571  0.1082  -0.2246 33 ILE A CD1 
254 N N   . GLU A 44  ? 0.5714 0.9613 0.7796 0.0391  0.0883  -0.2710 34 GLU A N   
255 C CA  . GLU A 44  ? 0.5758 0.9640 0.7785 0.0365  0.0918  -0.2819 34 GLU A CA  
256 C C   . GLU A 44  ? 0.5723 0.9475 0.7600 0.0251  0.0898  -0.2854 34 GLU A C   
257 O O   . GLU A 44  ? 0.5805 0.9533 0.7573 0.0217  0.0935  -0.2924 34 GLU A O   
258 C CB  . GLU A 44  ? 0.6233 1.0075 0.8358 0.0436  0.0980  -0.2872 34 GLU A CB  
259 C CG  . GLU A 44  ? 0.7097 1.1122 0.9377 0.0495  0.0970  -0.2858 34 GLU A CG  
260 C CD  . GLU A 44  ? 0.8030 1.2099 1.0548 0.0573  0.1045  -0.2868 34 GLU A CD  
261 O OE1 . GLU A 44  ? 0.8251 1.2169 1.0740 0.0586  0.1183  -0.2937 34 GLU A OE1 
262 O OE2 . GLU A 44  ? 0.8122 1.2348 1.0851 0.0619  0.0965  -0.2791 34 GLU A OE2 
263 N N   . ALA A 45  ? 0.5597 0.9259 0.7462 0.0172  0.0819  -0.2785 35 ALA A N   
264 C CA  . ALA A 45  ? 0.5628 0.9139 0.7323 0.0025  0.0729  -0.2787 35 ALA A CA  
265 C C   . ALA A 45  ? 0.5468 0.9162 0.7258 -0.0008 0.0666  -0.2686 35 ALA A C   
266 O O   . ALA A 45  ? 0.5595 0.9210 0.7215 -0.0092 0.0618  -0.2713 35 ALA A O   
267 C CB  . ALA A 45  ? 0.5697 0.9028 0.7368 -0.0085 0.0620  -0.2728 35 ALA A CB  
268 N N   . GLY A 46  ? 0.5160 0.9058 0.7193 0.0069  0.0689  -0.2561 36 GLY A N   
269 C CA  . GLY A 46  ? 0.4969 0.9018 0.7132 0.0083  0.0685  -0.2447 36 GLY A CA  
270 C C   . GLY A 46  ? 0.4932 0.8990 0.6946 0.0138  0.0757  -0.2544 36 GLY A C   
271 O O   . GLY A 46  ? 0.4946 0.9005 0.6916 0.0088  0.0714  -0.2519 36 GLY A O   
272 N N   . PHE A 47  ? 0.4932 0.8984 0.6873 0.0221  0.0840  -0.2638 37 PHE A N   
273 C CA  . PHE A 47  ? 0.5077 0.9133 0.6900 0.0245  0.0885  -0.2718 37 PHE A CA  
274 C C   . PHE A 47  ? 0.5328 0.9307 0.7019 0.0160  0.0874  -0.2813 37 PHE A C   
275 O O   . PHE A 47  ? 0.5468 0.9441 0.7075 0.0132  0.0883  -0.2823 37 PHE A O   
276 C CB  . PHE A 47  ? 0.5057 0.9125 0.6863 0.0321  0.0920  -0.2760 37 PHE A CB  
277 C CG  . PHE A 47  ? 0.5190 0.9220 0.6940 0.0398  0.0963  -0.2680 37 PHE A CG  
278 C CD1 . PHE A 47  ? 0.5344 0.9326 0.7022 0.0423  0.1020  -0.2630 37 PHE A CD1 
279 C CD2 . PHE A 47  ? 0.5301 0.9288 0.7028 0.0454  0.0968  -0.2646 37 PHE A CD2 
280 C CE1 . PHE A 47  ? 0.5486 0.9343 0.7041 0.0515  0.1121  -0.2559 37 PHE A CE1 
281 C CE2 . PHE A 47  ? 0.5489 0.9348 0.7052 0.0525  0.1044  -0.2575 37 PHE A CE2 
282 C CZ  . PHE A 47  ? 0.5507 0.9284 0.6969 0.0560  0.1138  -0.2539 37 PHE A CZ  
283 N N   . GLU A 48  ? 0.5372 0.9233 0.6995 0.0115  0.0876  -0.2876 38 GLU A N   
284 C CA  . GLU A 48  ? 0.5514 0.9209 0.6914 0.0039  0.0916  -0.2967 38 GLU A CA  
285 C C   . GLU A 48  ? 0.5494 0.9080 0.6716 -0.0082 0.0803  -0.2910 38 GLU A C   
286 O O   . GLU A 48  ? 0.5570 0.9072 0.6604 -0.0133 0.0831  -0.2946 38 GLU A O   
287 C CB  . GLU A 48  ? 0.6070 0.9560 0.7362 0.0035  0.0982  -0.3047 38 GLU A CB  
288 C CG  . GLU A 48  ? 0.6928 1.0416 0.8271 0.0114  0.1161  -0.3134 38 GLU A CG  
289 C CD  . GLU A 48  ? 0.8213 1.1380 0.9347 0.0116  0.1289  -0.3219 38 GLU A CD  
290 O OE1 . GLU A 48  ? 0.8339 1.1335 0.9391 0.0093  0.1222  -0.3213 38 GLU A OE1 
291 O OE2 . GLU A 48  ? 0.8776 1.1826 0.9816 0.0141  0.1480  -0.3286 38 GLU A OE2 
292 N N   . SER A 49  ? 0.5362 0.8961 0.6677 -0.0135 0.0664  -0.2794 39 SER A N   
293 C CA  . SER A 49  ? 0.5372 0.8908 0.6613 -0.0264 0.0497  -0.2684 39 SER A CA  
294 C C   . SER A 49  ? 0.5178 0.8896 0.6577 -0.0213 0.0494  -0.2582 39 SER A C   
295 O O   . SER A 49  ? 0.5313 0.8923 0.6524 -0.0299 0.0422  -0.2562 39 SER A O   
296 C CB  . SER A 49  ? 0.5502 0.9057 0.6921 -0.0345 0.0331  -0.2544 39 SER A CB  
297 O OG  . SER A 49  ? 0.5826 0.9376 0.7275 -0.0478 0.0123  -0.2386 39 SER A OG  
298 N N   . LEU A 50  ? 0.4867 0.8796 0.6559 -0.0075 0.0580  -0.2511 40 LEU A N   
299 C CA  . LEU A 50  ? 0.4754 0.8780 0.6564 -0.0002 0.0621  -0.2416 40 LEU A CA  
300 C C   . LEU A 50  ? 0.4873 0.8805 0.6444 -0.0001 0.0693  -0.2535 40 LEU A C   
301 O O   . LEU A 50  ? 0.4927 0.8826 0.6459 -0.0027 0.0656  -0.2468 40 LEU A O   
302 C CB  . LEU A 50  ? 0.4632 0.8782 0.6673 0.0152  0.0750  -0.2340 40 LEU A CB  
303 C CG  . LEU A 50  ? 0.4542 0.8841 0.6952 0.0192  0.0731  -0.2102 40 LEU A CG  
304 C CD1 . LEU A 50  ? 0.4538 0.8878 0.7082 0.0354  0.0925  -0.2045 40 LEU A CD1 
305 C CD2 . LEU A 50  ? 0.4535 0.8849 0.7022 0.0191  0.0688  -0.1984 40 LEU A CD2 
306 N N   . SER A 51  ? 0.4887 0.8783 0.6338 0.0019  0.0786  -0.2687 41 SER A N   
307 C CA  . SER A 51  ? 0.4973 0.8812 0.6268 0.0002  0.0858  -0.2780 41 SER A CA  
308 C C   . SER A 51  ? 0.5169 0.8856 0.6222 -0.0116 0.0829  -0.2808 41 SER A C   
309 O O   . SER A 51  ? 0.5211 0.8843 0.6155 -0.0143 0.0861  -0.2812 41 SER A O   
310 C CB  . SER A 51  ? 0.5038 0.8926 0.6375 0.0041  0.0939  -0.2886 41 SER A CB  
311 O OG  . SER A 51  ? 0.5273 0.9153 0.6644 0.0040  0.0944  -0.2924 41 SER A OG  
312 N N   . ALA A 52  ? 0.5318 0.8874 0.6228 -0.0199 0.0765  -0.2820 42 ALA A N   
313 C CA  . ALA A 52  ? 0.5612 0.8907 0.6153 -0.0331 0.0728  -0.2844 42 ALA A CA  
314 C C   . ALA A 52  ? 0.5652 0.8927 0.6170 -0.0400 0.0553  -0.2688 42 ALA A C   
315 O O   . ALA A 52  ? 0.5792 0.8906 0.6045 -0.0475 0.0544  -0.2682 42 ALA A O   
316 C CB  . ALA A 52  ? 0.5847 0.8911 0.6157 -0.0411 0.0690  -0.2899 42 ALA A CB  
317 N N   . LEU A 53  ? 0.5527 0.8978 0.6364 -0.0366 0.0426  -0.2538 43 LEU A N   
318 C CA  . LEU A 53  ? 0.5557 0.9075 0.6558 -0.0389 0.0269  -0.2334 43 LEU A CA  
319 C C   . LEU A 53  ? 0.5609 0.9208 0.6716 -0.0268 0.0399  -0.2312 43 LEU A C   
320 O O   . LEU A 53  ? 0.5706 0.9256 0.6793 -0.0297 0.0315  -0.2189 43 LEU A O   
321 C CB  . LEU A 53  ? 0.5346 0.9089 0.6788 -0.0345 0.0180  -0.2167 43 LEU A CB  
322 C CG  . LEU A 53  ? 0.5381 0.9226 0.7106 -0.0412 -0.0048 -0.1896 43 LEU A CG  
323 C CD1 . LEU A 53  ? 0.5667 0.9233 0.6990 -0.0645 -0.0310 -0.1869 43 LEU A CD1 
324 C CD2 . LEU A 53  ? 0.5186 0.9267 0.7388 -0.0385 -0.0104 -0.1733 43 LEU A CD2 
325 N N   . GLN A 54  ? 0.5507 0.9184 0.6691 -0.0146 0.0584  -0.2425 44 GLN A N   
326 C CA  . GLN A 54  ? 0.5527 0.9189 0.6721 -0.0052 0.0705  -0.2434 44 GLN A CA  
327 C C   . GLN A 54  ? 0.5569 0.9069 0.6462 -0.0146 0.0734  -0.2522 44 GLN A C   
328 O O   . GLN A 54  ? 0.5550 0.8964 0.6393 -0.0136 0.0742  -0.2457 44 GLN A O   
329 C CB  . GLN A 54  ? 0.5769 0.9490 0.7036 0.0054  0.0839  -0.2530 44 GLN A CB  
330 C CG  . GLN A 54  ? 0.6435 1.0046 0.7625 0.0128  0.0943  -0.2548 44 GLN A CG  
331 C CD  . GLN A 54  ? 0.7299 1.0898 0.8658 0.0270  0.1011  -0.2404 44 GLN A CD  
332 O OE1 . GLN A 54  ? 0.7557 1.1214 0.9037 0.0360  0.1075  -0.2380 44 GLN A OE1 
333 N NE2 . GLN A 54  ? 0.7403 1.0910 0.8784 0.0308  0.1025  -0.2291 44 GLN A NE2 
334 N N   . VAL A 55  ? 0.5598 0.9034 0.6296 -0.0232 0.0774  -0.2653 45 VAL A N   
335 C CA  . VAL A 55  ? 0.5796 0.9078 0.6227 -0.0322 0.0848  -0.2719 45 VAL A CA  
336 C C   . VAL A 55  ? 0.6077 0.9167 0.6255 -0.0424 0.0720  -0.2611 45 VAL A C   
337 O O   . VAL A 55  ? 0.6148 0.9128 0.6191 -0.0457 0.0744  -0.2577 45 VAL A O   
338 C CB  . VAL A 55  ? 0.5874 0.9125 0.6203 -0.0358 0.0977  -0.2858 45 VAL A CB  
339 C CG1 . VAL A 55  ? 0.6075 0.9116 0.6085 -0.0460 0.1084  -0.2894 45 VAL A CG1 
340 C CG2 . VAL A 55  ? 0.5763 0.9214 0.6376 -0.0273 0.1073  -0.2927 45 VAL A CG2 
341 N N   . GLU A 56  ? 0.6216 0.9255 0.6342 -0.0486 0.0550  -0.2532 46 GLU A N   
342 C CA  . GLU A 56  ? 0.6520 0.9372 0.6415 -0.0610 0.0345  -0.2389 46 GLU A CA  
343 C C   . GLU A 56  ? 0.6534 0.9501 0.6708 -0.0530 0.0275  -0.2204 46 GLU A C   
344 O O   . GLU A 56  ? 0.6683 0.9481 0.6651 -0.0613 0.0162  -0.2094 46 GLU A O   
345 C CB  . GLU A 56  ? 0.6869 0.9679 0.6749 -0.0705 0.0128  -0.2314 46 GLU A CB  
346 C CG  . GLU A 56  ? 0.7984 1.0515 0.7506 -0.0894 -0.0140 -0.2174 46 GLU A CG  
347 C CD  . GLU A 56  ? 0.9012 1.1557 0.8658 -0.1013 -0.0458 -0.2004 46 GLU A CD  
348 O OE1 . GLU A 56  ? 0.9153 1.1808 0.8988 -0.0991 -0.0445 -0.2057 46 GLU A OE1 
349 O OE2 . GLU A 56  ? 0.9325 1.1760 0.8886 -0.1146 -0.0743 -0.1800 46 GLU A OE2 
350 N N   . THR A 57  ? 0.6365 0.9573 0.6967 -0.0361 0.0364  -0.2167 47 THR A N   
351 C CA  . THR A 57  ? 0.6313 0.9578 0.7180 -0.0241 0.0373  -0.2001 47 THR A CA  
352 C C   . THR A 57  ? 0.6432 0.9522 0.7066 -0.0233 0.0510  -0.2085 47 THR A C   
353 O O   . THR A 57  ? 0.6524 0.9507 0.7145 -0.0223 0.0460  -0.1946 47 THR A O   
354 C CB  . THR A 57  ? 0.6252 0.9725 0.7547 -0.0054 0.0483  -0.1942 47 THR A CB  
355 O OG1 . THR A 57  ? 0.6258 0.9900 0.7750 -0.0078 0.0400  -0.1914 47 THR A OG1 
356 C CG2 . THR A 57  ? 0.6115 0.9629 0.7736 0.0080  0.0490  -0.1706 47 THR A CG2 
357 N N   . ILE A 58  ? 0.6420 0.9483 0.6907 -0.0245 0.0667  -0.2286 48 ILE A N   
358 C CA  . ILE A 58  ? 0.6585 0.9489 0.6883 -0.0275 0.0779  -0.2355 48 ILE A CA  
359 C C   . ILE A 58  ? 0.6921 0.9631 0.6880 -0.0426 0.0727  -0.2327 48 ILE A C   
360 O O   . ILE A 58  ? 0.7045 0.9596 0.6901 -0.0439 0.0718  -0.2239 48 ILE A O   
361 C CB  . ILE A 58  ? 0.6523 0.9491 0.6826 -0.0281 0.0916  -0.2537 48 ILE A CB  
362 C CG1 . ILE A 58  ? 0.6515 0.9576 0.7028 -0.0148 0.0956  -0.2557 48 ILE A CG1 
363 C CG2 . ILE A 58  ? 0.6620 0.9441 0.6763 -0.0363 0.1001  -0.2587 48 ILE A CG2 
364 C CD1 . ILE A 58  ? 0.6665 0.9816 0.7212 -0.0172 0.1013  -0.2698 48 ILE A CD1 
365 N N   . GLN A 59  ? 0.7047 0.9711 0.6784 -0.0535 0.0702  -0.2392 49 GLN A N   
366 C CA  . GLN A 59  ? 0.7425 0.9813 0.6715 -0.0688 0.0681  -0.2375 49 GLN A CA  
367 C C   . GLN A 59  ? 0.7555 0.9801 0.6742 -0.0732 0.0455  -0.2163 49 GLN A C   
368 O O   . GLN A 59  ? 0.7828 0.9823 0.6674 -0.0826 0.0446  -0.2108 49 GLN A O   
369 C CB  . GLN A 59  ? 0.7844 1.0115 0.6846 -0.0777 0.0711  -0.2484 49 GLN A CB  
370 C CG  . GLN A 59  ? 0.8245 1.0643 0.7371 -0.0731 0.0958  -0.2660 49 GLN A CG  
371 C CD  . GLN A 59  ? 0.8954 1.1208 0.7833 -0.0776 0.1026  -0.2764 49 GLN A CD  
372 O OE1 . GLN A 59  ? 0.9258 1.1355 0.7921 -0.0838 0.0849  -0.2725 49 GLN A OE1 
373 N NE2 . GLN A 59  ? 0.8968 1.1256 0.7893 -0.0747 0.1286  -0.2881 49 GLN A NE2 
374 N N   . THR A 60  ? 0.7302 0.9724 0.6829 -0.0659 0.0276  -0.2018 50 THR A N   
375 C CA  . THR A 60  ? 0.7279 0.9651 0.6878 -0.0682 0.0032  -0.1763 50 THR A CA  
376 C C   . THR A 60  ? 0.7207 0.9588 0.7030 -0.0548 0.0116  -0.1656 50 THR A C   
377 O O   . THR A 60  ? 0.7393 0.9590 0.7061 -0.0602 -0.0003 -0.1497 50 THR A O   
378 C CB  . THR A 60  ? 0.7151 0.9764 0.7160 -0.0646 -0.0163 -0.1614 50 THR A CB  
379 O OG1 . THR A 60  ? 0.7378 0.9918 0.7124 -0.0779 -0.0230 -0.1736 50 THR A OG1 
380 C CG2 . THR A 60  ? 0.7099 0.9719 0.7294 -0.0685 -0.0458 -0.1296 50 THR A CG2 
381 N N   . ALA A 61  ? 0.6968 0.9496 0.7095 -0.0380 0.0315  -0.1740 51 ALA A N   
382 C CA  . ALA A 61  ? 0.6958 0.9398 0.7223 -0.0243 0.0436  -0.1674 51 ALA A CA  
383 C C   . ALA A 61  ? 0.7260 0.9418 0.7130 -0.0350 0.0503  -0.1733 51 ALA A C   
384 O O   . ALA A 61  ? 0.7373 0.9362 0.7254 -0.0294 0.0502  -0.1596 51 ALA A O   
385 C CB  . ALA A 61  ? 0.6857 0.9388 0.7315 -0.0095 0.0641  -0.1809 51 ALA A CB  
386 N N   . GLN A 62  ? 0.7369 0.9470 0.6925 -0.0494 0.0583  -0.1917 52 GLN A N   
387 C CA  . GLN A 62  ? 0.7626 0.9486 0.6844 -0.0612 0.0681  -0.1968 52 GLN A CA  
388 C C   . GLN A 62  ? 0.7767 0.9380 0.6678 -0.0713 0.0534  -0.1791 52 GLN A C   
389 O O   . GLN A 62  ? 0.7903 0.9292 0.6624 -0.0761 0.0598  -0.1753 52 GLN A O   
390 C CB  . GLN A 62  ? 0.8012 0.9913 0.7052 -0.0727 0.0826  -0.2160 52 GLN A CB  
391 C CG  . GLN A 62  ? 0.8523 1.0649 0.7858 -0.0652 0.0951  -0.2316 52 GLN A CG  
392 C CD  . GLN A 62  ? 0.9324 1.1571 0.8627 -0.0723 0.1067  -0.2461 52 GLN A CD  
393 O OE1 . GLN A 62  ? 0.9425 1.1865 0.8978 -0.0680 0.1143  -0.2566 52 GLN A OE1 
394 N NE2 . GLN A 62  ? 0.9600 1.1695 0.8569 -0.0828 0.1093  -0.2461 52 GLN A NE2 
395 N N   . ARG A 63  ? 0.7739 0.9360 0.6572 -0.0769 0.0316  -0.1674 53 ARG A N   
396 C CA  . ARG A 63  ? 0.7926 0.9277 0.6416 -0.0893 0.0107  -0.1479 53 ARG A CA  
397 C C   . ARG A 63  ? 0.7853 0.9174 0.6621 -0.0777 -0.0003 -0.1231 53 ARG A C   
398 O O   . ARG A 63  ? 0.8063 0.9122 0.6540 -0.0870 -0.0145 -0.1063 53 ARG A O   
399 C CB  . ARG A 63  ? 0.8114 0.9461 0.6462 -0.1002 -0.0157 -0.1403 53 ARG A CB  
400 C CG  . ARG A 63  ? 0.8535 0.9889 0.6656 -0.1076 -0.0032 -0.1640 53 ARG A CG  
401 C CD  . ARG A 63  ? 0.9049 1.0136 0.6681 -0.1268 -0.0277 -0.1591 53 ARG A CD  
402 N NE  . ARG A 63  ? 0.9359 1.0521 0.6968 -0.1277 -0.0190 -0.1781 53 ARG A NE  
403 C CZ  . ARG A 63  ? 0.9658 1.1000 0.7544 -0.1275 -0.0399 -0.1720 53 ARG A CZ  
404 N NH1 . ARG A 63  ? 0.9499 1.0994 0.7745 -0.1272 -0.0714 -0.1453 53 ARG A NH1 
405 N NH2 . ARG A 63  ? 0.9766 1.1135 0.7601 -0.1279 -0.0294 -0.1902 53 ARG A NH2 
406 N N   . CYS A 64  ? 0.8132 0.8510 0.6885 -0.0215 -0.0351 0.0575  54 CYS A N   
407 C CA  . CYS A 64  ? 0.8137 0.8759 0.6789 -0.0454 -0.0309 0.0458  54 CYS A CA  
408 C C   . CYS A 64  ? 0.7764 0.8823 0.6680 -0.0434 -0.0510 0.0445  54 CYS A C   
409 O O   . CYS A 64  ? 0.7755 0.8975 0.6572 -0.0603 -0.0456 0.0345  54 CYS A O   
410 C CB  . CYS A 64  ? 0.8834 0.9038 0.6875 -0.0640 -0.0250 0.0509  54 CYS A CB  
411 S SG  . CYS A 64  ? 1.0401 1.0001 0.8071 -0.0695 -0.0072 0.0566  54 CYS A SG  
412 N N   . ASP A 65  ? 0.7451 0.8693 0.6723 -0.0235 -0.0739 0.0558  55 ASP A N   
413 C CA  . ASP A 65  ? 0.7146 0.8796 0.6706 -0.0250 -0.0975 0.0563  55 ASP A CA  
414 C C   . ASP A 65  ? 0.6668 0.8806 0.6829 -0.0225 -0.0817 0.0423  55 ASP A C   
415 O O   . ASP A 65  ? 0.6431 0.8777 0.7123 -0.0033 -0.0794 0.0476  55 ASP A O   
416 C CB  . ASP A 65  ? 0.7287 0.8955 0.7058 -0.0071 -0.1334 0.0791  55 ASP A CB  
417 C CG  . ASP A 65  ? 0.7728 0.9741 0.7726 -0.0139 -0.1682 0.0843  55 ASP A CG  
418 O OD1 . ASP A 65  ? 0.7881 1.0073 0.7805 -0.0320 -0.1623 0.0685  55 ASP A OD1 
419 O OD2 . ASP A 65  ? 0.7771 0.9859 0.8035 -0.0015 -0.2034 0.1059  55 ASP A OD2 
420 N N   . HIS A 66  ? 0.6582 0.8854 0.6643 -0.0408 -0.0673 0.0258  56 HIS A N   
421 C CA  . HIS A 66  ? 0.6373 0.9021 0.6876 -0.0417 -0.0523 0.0125  56 HIS A CA  
422 C C   . HIS A 66  ? 0.6326 0.9342 0.7069 -0.0485 -0.0688 0.0090  56 HIS A C   
423 O O   . HIS A 66  ? 0.6181 0.9400 0.7048 -0.0578 -0.0559 -0.0043 56 HIS A O   
424 C CB  . HIS A 66  ? 0.6513 0.9058 0.6792 -0.0574 -0.0276 -0.0012 56 HIS A CB  
425 C CG  . HIS A 66  ? 0.6866 0.9015 0.6859 -0.0580 -0.0142 0.0018  56 HIS A CG  
426 N ND1 . HIS A 66  ? 0.7305 0.9153 0.6854 -0.0711 -0.0108 0.0055  56 HIS A ND1 
427 C CD2 . HIS A 66  ? 0.7000 0.8950 0.7051 -0.0479 -0.0026 0.0023  56 HIS A CD2 
428 C CE1 . HIS A 66  ? 0.7521 0.9034 0.6909 -0.0705 -0.0006 0.0086  56 HIS A CE1 
429 N NE2 . HIS A 66  ? 0.7395 0.8917 0.7031 -0.0565 0.0041  0.0062  56 HIS A NE2 
430 N N   . SER A 67  ? 0.6418 0.9483 0.7208 -0.0456 -0.1002 0.0223  57 SER A N   
431 C CA  . SER A 67  ? 0.6422 0.9748 0.7357 -0.0566 -0.1226 0.0210  57 SER A CA  
432 C C   . SER A 67  ? 0.6170 0.9958 0.7747 -0.0537 -0.1115 0.0137  57 SER A C   
433 O O   . SER A 67  ? 0.6125 1.0034 0.7662 -0.0684 -0.1104 0.0023  57 SER A O   
434 C CB  . SER A 67  ? 0.6640 0.9962 0.7635 -0.0533 -0.1643 0.0413  57 SER A CB  
435 O OG  . SER A 67  ? 0.7426 1.0238 0.7729 -0.0567 -0.1760 0.0495  57 SER A OG  
436 N N   . ASP A 68  ? 0.6006 0.9990 0.8135 -0.0338 -0.1000 0.0209  58 ASP A N   
437 C CA  . ASP A 68  ? 0.5815 1.0186 0.8562 -0.0283 -0.0840 0.0168  58 ASP A CA  
438 C C   . ASP A 68  ? 0.5958 1.0219 0.8496 -0.0347 -0.0509 -0.0020 58 ASP A C   
439 O O   . ASP A 68  ? 0.5867 1.0355 0.8611 -0.0430 -0.0435 -0.0107 58 ASP A O   
440 C CB  . ASP A 68  ? 0.5937 1.0465 0.9298 -0.0023 -0.0768 0.0325  58 ASP A CB  
441 C CG  . ASP A 68  ? 0.6478 1.1405 1.0481 0.0037  -0.1107 0.0542  58 ASP A CG  
442 O OD1 . ASP A 68  ? 0.6725 1.1507 1.0570 0.0070  -0.1422 0.0701  58 ASP A OD1 
443 O OD2 . ASP A 68  ? 0.6432 1.1814 1.1114 0.0040  -0.1071 0.0572  58 ASP A OD2 
444 N N   . SER A 69  ? 0.6167 1.0059 0.8287 -0.0329 -0.0338 -0.0067 59 SER A N   
445 C CA  . SER A 69  ? 0.6275 1.0033 0.8177 -0.0417 -0.0095 -0.0215 59 SER A CA  
446 C C   . SER A 69  ? 0.6246 1.0099 0.7959 -0.0610 -0.0144 -0.0317 59 SER A C   
447 O O   . SER A 69  ? 0.6180 1.0169 0.8017 -0.0671 -0.0041 -0.0407 59 SER A O   
448 C CB  . SER A 69  ? 0.6729 1.0061 0.8213 -0.0415 0.0020  -0.0218 59 SER A CB  
449 O OG  . SER A 69  ? 0.7112 1.0254 0.8672 -0.0223 0.0047  -0.0108 59 SER A OG  
450 N N   . ILE A 70  ? 0.6284 1.0016 0.7669 -0.0693 -0.0282 -0.0293 60 ILE A N   
451 C CA  . ILE A 70  ? 0.6335 1.0069 0.7494 -0.0842 -0.0275 -0.0380 60 ILE A CA  
452 C C   . ILE A 70  ? 0.6200 1.0188 0.7595 -0.0893 -0.0386 -0.0417 60 ILE A C   
453 O O   . ILE A 70  ? 0.6251 1.0287 0.7623 -0.0976 -0.0289 -0.0514 60 ILE A O   
454 C CB  . ILE A 70  ? 0.6634 1.0064 0.7300 -0.0906 -0.0328 -0.0340 60 ILE A CB  
455 C CG1 . ILE A 70  ? 0.6846 1.0052 0.7322 -0.0913 -0.0155 -0.0324 60 ILE A CG1 
456 C CG2 . ILE A 70  ? 0.6814 1.0177 0.7212 -0.1030 -0.0301 -0.0418 60 ILE A CG2 
457 C CD1 . ILE A 70  ? 0.7242 1.0117 0.7252 -0.0962 -0.0159 -0.0260 60 ILE A CD1 
458 N N   . ARG A 71  ? 0.5992 1.0158 0.7684 -0.0844 -0.0590 -0.0323 61 ARG A N   
459 C CA  . ARG A 71  ? 0.5773 1.0204 0.7767 -0.0924 -0.0719 -0.0335 61 ARG A CA  
460 C C   . ARG A 71  ? 0.5454 1.0104 0.7822 -0.0900 -0.0494 -0.0409 61 ARG A C   
461 O O   . ARG A 71  ? 0.5451 1.0164 0.7816 -0.1013 -0.0473 -0.0492 61 ARG A O   
462 C CB  . ARG A 71  ? 0.5816 1.0465 0.8206 -0.0875 -0.1002 -0.0171 61 ARG A CB  
463 C CG  . ARG A 71  ? 0.6143 1.1102 0.8926 -0.1000 -0.1178 -0.0154 61 ARG A CG  
464 C CD  . ARG A 71  ? 0.6333 1.1732 0.9932 -0.0895 -0.1308 0.0027  61 ARG A CD  
465 N NE  . ARG A 71  ? 0.6877 1.2236 1.0586 -0.0717 -0.1427 0.0193  61 ARG A NE  
466 C CZ  . ARG A 71  ? 0.7436 1.2649 1.0901 -0.0771 -0.1809 0.0321  61 ARG A CZ  
467 N NH1 . ARG A 71  ? 0.7677 1.2726 1.0710 -0.1015 -0.2104 0.0289  61 ARG A NH1 
468 N NH2 . ARG A 71  ? 0.7455 1.2594 1.1009 -0.0589 -0.1897 0.0483  61 ARG A NH2 
469 N N   . ILE A 72  ? 0.5201 0.9872 0.7792 -0.0757 -0.0306 -0.0382 62 ILE A N   
470 C CA  . ILE A 72  ? 0.4964 0.9708 0.7757 -0.0742 -0.0068 -0.0449 62 ILE A CA  
471 C C   . ILE A 72  ? 0.4929 0.9481 0.7336 -0.0852 0.0044  -0.0574 62 ILE A C   
472 O O   . ILE A 72  ? 0.4852 0.9470 0.7342 -0.0915 0.0132  -0.0635 62 ILE A O   
473 C CB  . ILE A 72  ? 0.4987 0.9661 0.7980 -0.0563 0.0134  -0.0394 62 ILE A CB  
474 C CG1 . ILE A 72  ? 0.4850 0.9806 0.8404 -0.0427 0.0025  -0.0235 62 ILE A CG1 
475 C CG2 . ILE A 72  ? 0.5035 0.9647 0.8068 -0.0567 0.0410  -0.0471 62 ILE A CG2 
476 C CD1 . ILE A 72  ? 0.5034 0.9846 0.8760 -0.0200 0.0250  -0.0159 62 ILE A CD1 
477 N N   . LEU A 73  ? 0.4973 0.9305 0.7006 -0.0884 0.0031  -0.0591 63 LEU A N   
478 C CA  . LEU A 73  ? 0.5051 0.9281 0.6865 -0.0980 0.0109  -0.0665 63 LEU A CA  
479 C C   . LEU A 73  ? 0.4955 0.9275 0.6758 -0.1065 0.0046  -0.0714 63 LEU A C   
480 O O   . LEU A 73  ? 0.4904 0.9251 0.6748 -0.1112 0.0116  -0.0767 63 LEU A O   
481 C CB  . LEU A 73  ? 0.5257 0.9298 0.6793 -0.1005 0.0124  -0.0643 63 LEU A CB  
482 C CG  . LEU A 73  ? 0.5552 0.9398 0.6981 -0.0955 0.0164  -0.0593 63 LEU A CG  
483 C CD1 . LEU A 73  ? 0.5723 0.9419 0.6936 -0.1041 0.0194  -0.0571 63 LEU A CD1 
484 C CD2 . LEU A 73  ? 0.5663 0.9409 0.7130 -0.0934 0.0270  -0.0621 63 LEU A CD2 
485 N N   . GLY A 74  ? 0.4967 0.9266 0.6652 -0.1091 -0.0097 -0.0691 64 GLY A N   
486 C CA  . GLY A 74  ? 0.5133 0.9384 0.6672 -0.1191 -0.0167 -0.0744 64 GLY A CA  
487 C C   . GLY A 74  ? 0.5119 0.9556 0.6950 -0.1242 -0.0194 -0.0770 64 GLY A C   
488 O O   . GLY A 74  ? 0.5202 0.9564 0.6940 -0.1307 -0.0128 -0.0840 64 GLY A O   
489 N N   . GLU A 75  ? 0.5004 0.9679 0.7230 -0.1203 -0.0259 -0.0701 65 GLU A N   
490 C CA  . GLU A 75  ? 0.4973 0.9863 0.7566 -0.1263 -0.0248 -0.0702 65 GLU A CA  
491 C C   . GLU A 75  ? 0.5020 0.9846 0.7595 -0.1254 -0.0014 -0.0771 65 GLU A C   
492 O O   . GLU A 75  ? 0.5074 0.9884 0.7643 -0.1353 0.0007  -0.0820 65 GLU A O   
493 C CB  . GLU A 75  ? 0.5166 1.0365 0.8304 -0.1190 -0.0309 -0.0579 65 GLU A CB  
494 C CG  . GLU A 75  ? 0.6097 1.1427 0.9371 -0.1276 -0.0643 -0.0483 65 GLU A CG  
495 C CD  . GLU A 75  ? 0.6982 1.2626 1.0833 -0.1161 -0.0762 -0.0309 65 GLU A CD  
496 O OE1 . GLU A 75  ? 0.7148 1.2895 1.1318 -0.0984 -0.0516 -0.0271 65 GLU A OE1 
497 O OE2 . GLU A 75  ? 0.7154 1.2899 1.1118 -0.1248 -0.1108 -0.0200 65 GLU A OE2 
498 N N   . ASN A 76  ? 0.5018 0.9736 0.7500 -0.1158 0.0132  -0.0771 66 ASN A N   
499 C CA  . ASN A 76  ? 0.5147 0.9725 0.7510 -0.1173 0.0295  -0.0817 66 ASN A CA  
500 C C   . ASN A 76  ? 0.5284 0.9714 0.7382 -0.1234 0.0273  -0.0865 66 ASN A C   
501 O O   . ASN A 76  ? 0.5385 0.9724 0.7429 -0.1274 0.0341  -0.0888 66 ASN A O   
502 C CB  . ASN A 76  ? 0.5472 0.9893 0.7737 -0.1090 0.0417  -0.0797 66 ASN A CB  
503 C CG  . ASN A 76  ? 0.5932 1.0448 0.8492 -0.0991 0.0532  -0.0744 66 ASN A CG  
504 O OD1 . ASN A 76  ? 0.5919 1.0630 0.8818 -0.1003 0.0596  -0.0722 66 ASN A OD1 
505 N ND2 . ASN A 76  ? 0.6164 1.0536 0.8640 -0.0886 0.0585  -0.0710 66 ASN A ND2 
506 N N   . ILE A 77  ? 0.5268 0.9650 0.7212 -0.1233 0.0201  -0.0868 67 ILE A N   
507 C CA  . ILE A 77  ? 0.5347 0.9609 0.7139 -0.1256 0.0237  -0.0897 67 ILE A CA  
508 C C   . ILE A 77  ? 0.5340 0.9553 0.7102 -0.1329 0.0216  -0.0951 67 ILE A C   
509 O O   . ILE A 77  ? 0.5415 0.9520 0.7131 -0.1339 0.0280  -0.0969 67 ILE A O   
510 C CB  . ILE A 77  ? 0.5523 0.9694 0.7144 -0.1228 0.0250  -0.0884 67 ILE A CB  
511 C CG1 . ILE A 77  ? 0.5643 0.9834 0.7278 -0.1189 0.0261  -0.0823 67 ILE A CG1 
512 C CG2 . ILE A 77  ? 0.5629 0.9686 0.7187 -0.1213 0.0356  -0.0896 67 ILE A CG2 
513 C CD1 . ILE A 77  ? 0.5722 0.9925 0.7450 -0.1195 0.0281  -0.0794 67 ILE A CD1 
514 N N   . LYS A 78  ? 0.5242 0.9517 0.7038 -0.1392 0.0101  -0.0958 68 LYS A N   
515 C CA  . LYS A 78  ? 0.5265 0.9468 0.7020 -0.1514 0.0041  -0.1002 68 LYS A CA  
516 C C   . LYS A 78  ? 0.5055 0.9371 0.7065 -0.1558 0.0115  -0.0995 68 LYS A C   
517 O O   . LYS A 78  ? 0.5132 0.9300 0.7045 -0.1646 0.0134  -0.1036 68 LYS A O   
518 C CB  . LYS A 78  ? 0.5491 0.9719 0.7209 -0.1612 -0.0173 -0.0984 68 LYS A CB  
519 C CG  . LYS A 78  ? 0.6296 1.0189 0.7512 -0.1628 -0.0216 -0.1023 68 LYS A CG  
520 C CD  . LYS A 78  ? 0.7010 1.0846 0.8079 -0.1749 -0.0494 -0.0985 68 LYS A CD  
521 C CE  . LYS A 78  ? 0.8082 1.1401 0.8450 -0.1811 -0.0507 -0.1048 68 LYS A CE  
522 N NZ  . LYS A 78  ? 0.8679 1.1769 0.8735 -0.2029 -0.0823 -0.1043 68 LYS A NZ  
523 N N   . ILE A 79  ? 0.4833 0.9320 0.7090 -0.1493 0.0195  -0.0947 69 ILE A N   
524 C CA  . ILE A 79  ? 0.4794 0.9289 0.7187 -0.1530 0.0334  -0.0939 69 ILE A CA  
525 C C   . ILE A 79  ? 0.5013 0.9236 0.7106 -0.1522 0.0405  -0.0968 69 ILE A C   
526 O O   . ILE A 79  ? 0.5129 0.9224 0.7160 -0.1600 0.0448  -0.0985 69 ILE A O   
527 C CB  . ILE A 79  ? 0.4707 0.9302 0.7299 -0.1444 0.0476  -0.0889 69 ILE A CB  
528 C CG1 . ILE A 79  ? 0.4559 0.9430 0.7503 -0.1382 0.0402  -0.0824 69 ILE A CG1 
529 C CG2 . ILE A 79  ? 0.4737 0.9273 0.7412 -0.1501 0.0671  -0.0882 69 ILE A CG2 
530 C CD1 . ILE A 79  ? 0.4373 0.9547 0.7799 -0.1456 0.0349  -0.0761 69 ILE A CD1 
531 N N   . LEU A 80  ? 0.5002 0.9143 0.6941 -0.1434 0.0394  -0.0953 70 LEU A N   
532 C CA  . LEU A 80  ? 0.5133 0.9085 0.6901 -0.1412 0.0404  -0.0935 70 LEU A CA  
533 C C   . LEU A 80  ? 0.5331 0.9163 0.7024 -0.1423 0.0395  -0.0963 70 LEU A C   
534 O O   . LEU A 80  ? 0.5456 0.9112 0.7063 -0.1435 0.0421  -0.0947 70 LEU A O   
535 C CB  . LEU A 80  ? 0.5094 0.9071 0.6846 -0.1342 0.0359  -0.0890 70 LEU A CB  
536 C CG  . LEU A 80  ? 0.5219 0.9071 0.6855 -0.1357 0.0344  -0.0839 70 LEU A CG  
537 C CD1 . LEU A 80  ? 0.5349 0.9182 0.6944 -0.1362 0.0420  -0.0860 70 LEU A CD1 
538 C CD2 . LEU A 80  ? 0.5195 0.9086 0.6869 -0.1331 0.0264  -0.0778 70 LEU A CD2 
539 N N   . ASP A 81  ? 0.5417 0.9265 0.7072 -0.1421 0.0367  -0.1005 71 ASP A N   
540 C CA  . ASP A 81  ? 0.5743 0.9352 0.7209 -0.1436 0.0400  -0.1051 71 ASP A CA  
541 C C   . ASP A 81  ? 0.5868 0.9349 0.7284 -0.1561 0.0394  -0.1087 71 ASP A C   
542 O O   . ASP A 81  ? 0.6055 0.9279 0.7330 -0.1551 0.0456  -0.1094 71 ASP A O   
543 C CB  . ASP A 81  ? 0.6259 0.9792 0.7538 -0.1455 0.0365  -0.1100 71 ASP A CB  
544 C CG  . ASP A 81  ? 0.7493 1.0636 0.8438 -0.1464 0.0448  -0.1163 71 ASP A CG  
545 O OD1 . ASP A 81  ? 0.7695 1.0705 0.8647 -0.1335 0.0598  -0.1135 71 ASP A OD1 
546 O OD2 . ASP A 81  ? 0.8012 1.0953 0.8689 -0.1602 0.0359  -0.1230 71 ASP A OD2 
547 N N   . ARG A 82  ? 0.5686 0.9357 0.7273 -0.1675 0.0334  -0.1089 72 ARG A N   
548 C CA  . ARG A 82  ? 0.5716 0.9320 0.7342 -0.1824 0.0344  -0.1101 72 ARG A CA  
549 C C   . ARG A 82  ? 0.5916 0.9401 0.7513 -0.1803 0.0468  -0.1063 72 ARG A C   
550 O O   . ARG A 82  ? 0.6071 0.9318 0.7534 -0.1891 0.0509  -0.1074 72 ARG A O   
551 C CB  . ARG A 82  ? 0.5533 0.9443 0.7491 -0.1944 0.0260  -0.1075 72 ARG A CB  
552 C CG  . ARG A 82  ? 0.5639 0.9526 0.7505 -0.2051 0.0060  -0.1105 72 ARG A CG  
553 C CD  . ARG A 82  ? 0.5368 0.9585 0.7663 -0.2204 -0.0085 -0.1040 72 ARG A CD  
554 N NE  . ARG A 82  ? 0.5080 0.9694 0.7816 -0.2078 -0.0041 -0.0955 72 ARG A NE  
555 C CZ  . ARG A 82  ? 0.5118 0.9881 0.7920 -0.1994 -0.0174 -0.0915 72 ARG A CZ  
556 N NH1 . ARG A 82  ? 0.5240 0.9781 0.7653 -0.2036 -0.0356 -0.0954 72 ARG A NH1 
557 N NH2 . ARG A 82  ? 0.4873 0.9940 0.8074 -0.1867 -0.0103 -0.0833 72 ARG A NH2 
558 N N   . SER A 83  ? 0.5961 0.9527 0.7599 -0.1703 0.0511  -0.1014 73 SER A N   
559 C CA  . SER A 83  ? 0.6220 0.9572 0.7691 -0.1698 0.0586  -0.0967 73 SER A CA  
560 C C   . SER A 83  ? 0.6524 0.9615 0.7802 -0.1627 0.0539  -0.0935 73 SER A C   
561 O O   . SER A 83  ? 0.6758 0.9579 0.7849 -0.1661 0.0565  -0.0895 73 SER A O   
562 C CB  . SER A 83  ? 0.6357 0.9761 0.7809 -0.1636 0.0608  -0.0927 73 SER A CB  
563 O OG  . SER A 83  ? 0.6864 0.9987 0.8066 -0.1694 0.0701  -0.0891 73 SER A OG  
564 N N   . MET A 84  ? 0.6485 0.9639 0.7822 -0.1520 0.0489  -0.0938 74 MET A N   
565 C CA  . MET A 84  ? 0.6669 0.9636 0.7961 -0.1411 0.0488  -0.0889 74 MET A CA  
566 C C   . MET A 84  ? 0.6937 0.9596 0.8044 -0.1459 0.0556  -0.0946 74 MET A C   
567 O O   . MET A 84  ? 0.7094 0.9493 0.8119 -0.1384 0.0580  -0.0888 74 MET A O   
568 C CB  . MET A 84  ? 0.6709 0.9838 0.8151 -0.1290 0.0497  -0.0882 74 MET A CB  
569 C CG  . MET A 84  ? 0.7006 1.0110 0.8611 -0.1146 0.0492  -0.0765 74 MET A CG  
570 S SD  . MET A 84  ? 0.7557 1.0879 0.9323 -0.1163 0.0325  -0.0644 74 MET A SD  
571 C CE  . MET A 84  ? 0.7157 1.0758 0.9209 -0.1072 0.0373  -0.0620 74 MET A CE  
572 N N   . LYS A 85  ? 0.7006 0.9663 0.8041 -0.1589 0.0565  -0.1046 75 LYS A N   
573 C CA  . LYS A 85  ? 0.7368 0.9661 0.8153 -0.1690 0.0604  -0.1107 75 LYS A CA  
574 C C   . LYS A 85  ? 0.7538 0.9687 0.8272 -0.1799 0.0628  -0.1066 75 LYS A C   
575 O O   . LYS A 85  ? 0.7772 0.9532 0.8285 -0.1786 0.0679  -0.1050 75 LYS A O   
576 C CB  . LYS A 85  ? 0.7683 0.9999 0.8392 -0.1866 0.0531  -0.1202 75 LYS A CB  
577 C CG  . LYS A 85  ? 0.8328 1.0667 0.8938 -0.1794 0.0506  -0.1248 75 LYS A CG  
578 C CD  . LYS A 85  ? 0.9298 1.1116 0.9431 -0.1855 0.0542  -0.1343 75 LYS A CD  
579 C CE  . LYS A 85  ? 0.9865 1.1563 0.9800 -0.1713 0.0629  -0.1371 75 LYS A CE  
580 N NZ  . LYS A 85  ? 0.9834 1.1764 1.0086 -0.1461 0.0766  -0.1276 75 LYS A NZ  
581 N N   . THR A 86  ? 0.7409 0.9821 0.8318 -0.1889 0.0628  -0.1038 76 THR A N   
582 C CA  . THR A 86  ? 0.7552 0.9809 0.8375 -0.2003 0.0710  -0.0993 76 THR A CA  
583 C C   . THR A 86  ? 0.7833 0.9767 0.8407 -0.1890 0.0704  -0.0904 76 THR A C   
584 O O   . THR A 86  ? 0.8104 0.9672 0.8438 -0.1961 0.0753  -0.0873 76 THR A O   
585 C CB  . THR A 86  ? 0.7491 1.0065 0.8548 -0.2067 0.0780  -0.0975 76 THR A CB  
586 O OG1 . THR A 86  ? 0.7400 1.0296 0.8779 -0.2176 0.0746  -0.1019 76 THR A OG1 
587 C CG2 . THR A 86  ? 0.7626 0.9974 0.8532 -0.2180 0.0938  -0.0926 76 THR A CG2 
588 N N   . MET A 87  ? 0.7767 0.9822 0.8410 -0.1727 0.0618  -0.0844 77 MET A N   
589 C CA  . MET A 87  ? 0.8021 0.9817 0.8509 -0.1623 0.0534  -0.0721 77 MET A CA  
590 C C   . MET A 87  ? 0.8166 0.9706 0.8630 -0.1505 0.0535  -0.0688 77 MET A C   
591 O O   . MET A 87  ? 0.8321 0.9530 0.8608 -0.1467 0.0486  -0.0580 77 MET A O   
592 C CB  . MET A 87  ? 0.8086 1.0110 0.8723 -0.1520 0.0403  -0.0643 77 MET A CB  
593 C CG  . MET A 87  ? 0.8647 1.0628 0.9076 -0.1624 0.0390  -0.0623 77 MET A CG  
594 S SD  . MET A 87  ? 0.9748 1.1812 1.0212 -0.1555 0.0161  -0.0500 77 MET A SD  
595 C CE  . MET A 87  ? 0.9249 1.1797 1.0221 -0.1421 0.0172  -0.0548 77 MET A CE  
596 N N   . MET A 88  ? 0.8164 0.9781 0.8753 -0.1438 0.0601  -0.0772 78 MET A N   
597 C CA  . MET A 88  ? 0.8445 0.9719 0.8953 -0.1305 0.0678  -0.0755 78 MET A CA  
598 C C   . MET A 88  ? 0.8687 0.9493 0.8839 -0.1448 0.0745  -0.0799 78 MET A C   
599 O O   . MET A 88  ? 0.8868 0.9278 0.8883 -0.1337 0.0779  -0.0724 78 MET A O   
600 C CB  . MET A 88  ? 0.8658 0.9999 0.9250 -0.1201 0.0785  -0.0842 78 MET A CB  
601 C CG  . MET A 88  ? 0.9087 1.0748 1.0066 -0.0990 0.0772  -0.0734 78 MET A CG  
602 S SD  . MET A 88  ? 1.0881 1.2388 1.1939 -0.0758 0.1017  -0.0754 78 MET A SD  
603 C CE  . MET A 88  ? 1.1270 1.2134 1.2068 -0.0652 0.1154  -0.0724 78 MET A CE  
604 N N   . GLU A 89  ? 0.8675 0.9534 0.8726 -0.1692 0.0761  -0.0893 79 GLU A N   
605 C CA  . GLU A 89  ? 0.8990 0.9439 0.8747 -0.1877 0.0822  -0.0922 79 GLU A CA  
606 C C   . GLU A 89  ? 0.9153 0.9381 0.8745 -0.1897 0.0814  -0.0796 79 GLU A C   
607 O O   . GLU A 89  ? 0.9395 0.9128 0.8690 -0.1926 0.0857  -0.0757 79 GLU A O   
608 C CB  . GLU A 89  ? 0.9296 0.9951 0.9131 -0.2148 0.0828  -0.1028 79 GLU A CB  
609 C CG  . GLU A 89  ? 1.0255 1.0872 1.0030 -0.2186 0.0795  -0.1148 79 GLU A CG  
610 C CD  . GLU A 89  ? 1.1458 1.2247 1.1326 -0.2483 0.0717  -0.1221 79 GLU A CD  
611 O OE1 . GLU A 89  ? 1.1600 1.2404 1.1554 -0.2695 0.0744  -0.1190 79 GLU A OE1 
612 O OE2 . GLU A 89  ? 1.1846 1.2744 1.1712 -0.2512 0.0622  -0.1296 79 GLU A OE2 
613 N N   . THR A 90  ? 0.9086 0.9587 0.8783 -0.1881 0.0756  -0.0728 80 THR A N   
614 C CA  . THR A 90  ? 0.9397 0.9604 0.8800 -0.1914 0.0729  -0.0605 80 THR A CA  
615 C C   . THR A 90  ? 0.9717 0.9642 0.9030 -0.1706 0.0577  -0.0449 80 THR A C   
616 O O   . THR A 90  ? 1.0004 0.9468 0.8957 -0.1737 0.0541  -0.0338 80 THR A O   
617 C CB  . THR A 90  ? 0.9387 0.9869 0.8825 -0.1973 0.0729  -0.0597 80 THR A CB  
618 O OG1 . THR A 90  ? 0.9313 1.0114 0.8979 -0.2122 0.0877  -0.0712 80 THR A OG1 
619 C CG2 . THR A 90  ? 0.9713 0.9757 0.8673 -0.2058 0.0735  -0.0488 80 THR A CG2 
620 N N   . MET A 91  ? 0.9659 0.9854 0.9324 -0.1492 0.0496  -0.0421 81 MET A N   
621 C CA  . MET A 91  ? 0.9900 0.9935 0.9674 -0.1267 0.0357  -0.0240 81 MET A CA  
622 C C   . MET A 91  ? 1.0296 0.9834 0.9890 -0.1191 0.0470  -0.0229 81 MET A C   
623 O O   . MET A 91  ? 1.0528 0.9649 0.9884 -0.1156 0.0379  -0.0079 81 MET A O   
624 C CB  . MET A 91  ? 0.9725 1.0226 1.0023 -0.1065 0.0304  -0.0204 81 MET A CB  
625 C CG  . MET A 91  ? 0.9968 1.0836 1.0407 -0.1116 0.0124  -0.0146 81 MET A CG  
626 S SD  . MET A 91  ? 1.0627 1.1696 1.1543 -0.0899 -0.0142 0.0122  81 MET A SD  
627 C CE  . MET A 91  ? 1.0733 1.1234 1.1244 -0.0922 -0.0345 0.0315  81 MET A CE  
628 N N   . LYS A 92  ? 1.0439 0.9921 1.0038 -0.1196 0.0662  -0.0391 82 LYS A N   
629 C CA  . LYS A 92  ? 1.0928 0.9822 1.0243 -0.1152 0.0804  -0.0413 82 LYS A CA  
630 C C   . LYS A 92  ? 1.1380 0.9804 1.0228 -0.1376 0.0806  -0.0397 82 LYS A C   
631 O O   . LYS A 92  ? 1.1648 0.9516 1.0240 -0.1293 0.0838  -0.0310 82 LYS A O   
632 C CB  . LYS A 92  ? 1.1312 1.0142 1.0541 -0.1214 0.0983  -0.0620 82 LYS A CB  
633 C CG  . LYS A 92  ? 1.1769 1.0905 1.1349 -0.0980 0.1055  -0.0636 82 LYS A CG  
634 C CD  . LYS A 92  ? 1.2493 1.1634 1.1884 -0.1132 0.1163  -0.0852 82 LYS A CD  
635 C CE  . LYS A 92  ? 1.2814 1.2211 1.2471 -0.0921 0.1267  -0.0869 82 LYS A CE  
636 N NZ  . LYS A 92  ? 1.3098 1.2651 1.2594 -0.1118 0.1261  -0.1045 82 LYS A NZ  
637 N N   . LEU A 93  ? 1.1462 1.0092 1.0213 -0.1644 0.0800  -0.0462 83 LEU A N   
638 C CA  . LEU A 93  ? 1.1923 1.0158 1.0264 -0.1881 0.0854  -0.0437 83 LEU A CA  
639 C C   . LEU A 93  ? 1.2342 1.0237 1.0430 -0.1773 0.0709  -0.0224 83 LEU A C   
640 O O   . LEU A 93  ? 1.2704 0.9999 1.0389 -0.1818 0.0740  -0.0146 83 LEU A O   
641 C CB  . LEU A 93  ? 1.1771 1.0401 1.0204 -0.2134 0.0924  -0.0528 83 LEU A CB  
642 C CG  . LEU A 93  ? 1.2148 1.0449 1.0219 -0.2382 0.1045  -0.0485 83 LEU A CG  
643 C CD1 . LEU A 93  ? 1.2476 1.0269 1.0274 -0.2555 0.1164  -0.0519 83 LEU A CD1 
644 C CD2 . LEU A 93  ? 1.1970 1.0743 1.0289 -0.2566 0.1169  -0.0562 83 LEU A CD2 
645 N N   . MET A 94  ? 1.2298 1.0521 1.0586 -0.1645 0.0521  -0.0116 84 MET A N   
646 C CA  . MET A 94  ? 1.2705 1.0599 1.0734 -0.1566 0.0294  0.0111  84 MET A CA  
647 C C   . MET A 94  ? 1.2954 1.0522 1.1080 -0.1305 0.0199  0.0271  84 MET A C   
648 O O   . MET A 94  ? 1.3296 1.0309 1.1023 -0.1302 0.0088  0.0440  84 MET A O   
649 C CB  . MET A 94  ? 1.2623 1.0949 1.0886 -0.1506 0.0068  0.0191  84 MET A CB  
650 C CG  . MET A 94  ? 1.3296 1.1211 1.1022 -0.1611 -0.0146 0.0363  84 MET A CG  
651 S SD  . MET A 94  ? 1.4009 1.2269 1.1671 -0.1746 -0.0239 0.0315  84 MET A SD  
652 C CE  . MET A 94  ? 1.3784 1.2438 1.1649 -0.1891 0.0176  0.0023  84 MET A CE  
653 N N   . MET A 95  ? 1.2779 1.0638 1.1409 -0.1078 0.0271  0.0228  85 MET A N   
654 C CA  . MET A 95  ? 1.2954 1.0530 1.1783 -0.0774 0.0265  0.0377  85 MET A CA  
655 C C   . MET A 95  ? 1.3493 1.0340 1.1820 -0.0837 0.0453  0.0327  85 MET A C   
656 O O   . MET A 95  ? 1.3725 1.0093 1.1931 -0.0667 0.0369  0.0524  85 MET A O   
657 C CB  . MET A 95  ? 1.2724 1.0724 1.2136 -0.0540 0.0407  0.0307  85 MET A CB  
658 C CG  . MET A 95  ? 1.2963 1.0821 1.2781 -0.0163 0.0403  0.0521  85 MET A CG  
659 S SD  . MET A 95  ? 1.3358 1.1823 1.3933 0.0105  0.0588  0.0480  85 MET A SD  
660 C CE  . MET A 95  ? 1.3450 1.1536 1.3519 -0.0032 0.0992  0.0125  85 MET A CE  
661 N N   . GLU A 96  ? 1.3680 1.0421 1.1720 -0.1095 0.0676  0.0084  86 GLU A N   
662 C CA  . GLU A 96  ? 1.4208 1.0220 1.1732 -0.1218 0.0842  0.0030  86 GLU A CA  
663 C C   . GLU A 96  ? 1.4592 1.0100 1.1597 -0.1386 0.0751  0.0173  86 GLU A C   
664 O O   . GLU A 96  ? 1.5002 0.9812 1.1582 -0.1421 0.0844  0.0206  86 GLU A O   
665 C CB  . GLU A 96  ? 1.4597 1.0637 1.1986 -0.1496 0.1044  -0.0239 86 GLU A CB  
666 C CG  . GLU A 96  ? 1.5260 1.1362 1.2856 -0.1312 0.1176  -0.0366 86 GLU A CG  
667 C CD  . GLU A 96  ? 1.6291 1.2357 1.3686 -0.1605 0.1299  -0.0616 86 GLU A CD  
668 O OE1 . GLU A 96  ? 1.6823 1.2591 1.3874 -0.1936 0.1324  -0.0676 86 GLU A OE1 
669 O OE2 . GLU A 96  ? 1.6319 1.2635 1.3896 -0.1519 0.1358  -0.0734 86 GLU A OE2 
670 N N   . LYS A 97  ? 1.4516 1.0284 1.1477 -0.1489 0.0582  0.0263  87 LYS A N   
671 C CA  . LYS A 97  ? 1.5004 1.0220 1.1372 -0.1636 0.0494  0.0420  87 LYS A CA  
672 C C   . LYS A 97  ? 1.5264 1.0192 1.1639 -0.1339 0.0193  0.0717  87 LYS A C   
673 O O   . LYS A 97  ? 1.5694 0.9912 1.1550 -0.1357 0.0135  0.0874  87 LYS A O   
674 C CB  . LYS A 97  ? 1.5123 1.0624 1.1326 -0.1882 0.0482  0.0379  87 LYS A CB  
675 C CG  . LYS A 97  ? 1.5356 1.1209 1.1690 -0.2150 0.0766  0.0133  87 LYS A CG  
676 C CD  . LYS A 97  ? 1.5924 1.1707 1.1892 -0.2432 0.0896  0.0121  87 LYS A CD  
677 C CE  . LYS A 97  ? 1.6084 1.2272 1.2344 -0.2679 0.1176  -0.0079 87 LYS A CE  
678 N NZ  . LYS A 97  ? 1.6495 1.2596 1.2463 -0.2925 0.1392  -0.0074 87 LYS A NZ  
679 N N   . VAL A 98  ? 1.4963 1.0453 1.1967 -0.1075 -0.0011 0.0813  88 VAL A N   
680 C CA  . VAL A 98  ? 1.5041 1.0467 1.2324 -0.0772 -0.0338 0.1125  88 VAL A CA  
681 C C   . VAL A 98  ? 1.5343 1.0291 1.2723 -0.0491 -0.0213 0.1217  88 VAL A C   
682 O O   . VAL A 98  ? 1.5542 1.0021 1.2783 -0.0333 -0.0434 0.1494  88 VAL A O   
683 C CB  . VAL A 98  ? 1.4563 1.0817 1.2639 -0.0593 -0.0517 0.1176  88 VAL A CB  
684 C CG1 . VAL A 98  ? 1.4422 1.0729 1.3043 -0.0245 -0.0822 0.1518  88 VAL A CG1 
685 C CG2 . VAL A 98  ? 1.4576 1.1139 1.2447 -0.0853 -0.0692 0.1134  88 VAL A CG2 
686 N N   . ASP A 99  ? 1.5419 1.0401 1.2961 -0.0439 0.0139  0.0988  89 ASP A N   
687 C CA  . ASP A 99  ? 1.5812 1.0231 1.3340 -0.0183 0.0338  0.1027  89 ASP A CA  
688 C C   . ASP A 99  ? 1.6617 1.0126 1.3343 -0.0355 0.0361  0.1083  89 ASP A C   
689 O O   . ASP A 99  ? 1.6827 0.9779 1.3483 -0.0100 0.0301  0.1307  89 ASP A O   
690 C CB  . ASP A 99  ? 1.5929 1.0431 1.3551 -0.0192 0.0715  0.0725  89 ASP A CB  
691 C CG  . ASP A 99  ? 1.5916 1.1106 1.4299 0.0077  0.0779  0.0704  89 ASP A CG  
692 O OD1 . ASP A 99  ? 1.5617 1.1359 1.4565 0.0237  0.0516  0.0913  89 ASP A OD1 
693 O OD2 . ASP A 99  ? 1.6158 1.1291 1.4530 0.0103  0.1085  0.0483  89 ASP A OD2 
694 N N   . LEU A 100 ? 1.7036 1.0406 1.3197 -0.0781 0.0454  0.0905  90 LEU A N   
695 C CA  . LEU A 100 ? 1.7830 1.0369 1.3196 -0.1027 0.0518  0.0939  90 LEU A CA  
696 C C   . LEU A 100 ? 1.8310 1.0470 1.3336 -0.0975 0.0188  0.1259  90 LEU A C   
697 O O   . LEU A 100 ? 1.8779 1.0113 1.3255 -0.0976 0.0185  0.1402  90 LEU A O   
698 C CB  . LEU A 100 ? 1.7936 1.0608 1.2979 -0.1494 0.0713  0.0695  90 LEU A CB  
699 C CG  . LEU A 100 ? 1.8195 1.0730 1.3179 -0.1676 0.1017  0.0429  90 LEU A CG  
700 C CD1 . LEU A 100 ? 1.8010 1.1136 1.3137 -0.2039 0.1131  0.0209  90 LEU A CD1 
701 C CD2 . LEU A 100 ? 1.8840 1.0382 1.3150 -0.1816 0.1156  0.0467  90 LEU A CD2 
702 N N   . LEU A 101 ? 1.8230 1.0928 1.3517 -0.0948 -0.0107 0.1375  91 LEU A N   
703 C CA  . LEU A 101 ? 1.8727 1.1078 1.3662 -0.0918 -0.0504 0.1691  91 LEU A CA  
704 C C   . LEU A 101 ? 1.8916 1.1091 1.4282 -0.0482 -0.0763 0.2010  91 LEU A C   
705 O O   . LEU A 101 ? 1.9308 1.0842 1.4217 -0.0441 -0.1039 0.2296  91 LEU A O   
706 C CB  . LEU A 101 ? 1.8500 1.1469 1.3605 -0.1027 -0.0761 0.1709  91 LEU A CB  
707 C CG  . LEU A 101 ? 1.9036 1.1724 1.3331 -0.1435 -0.0698 0.1618  91 LEU A CG  
708 C CD1 . LEU A 101 ? 1.8844 1.2123 1.3333 -0.1509 -0.0907 0.1601  91 LEU A CD1 
709 C CD2 . LEU A 101 ? 1.9738 1.1449 1.3111 -0.1541 -0.0879 0.1862  91 LEU A CD2 
710 N N   . TYR A 102 ? 1.8624 1.1353 1.4877 -0.0147 -0.0668 0.1984  92 TYR A N   
711 C CA  . TYR A 102 ? 1.8722 1.1354 1.5550 0.0313  -0.0837 0.2298  92 TYR A CA  
712 C C   . TYR A 102 ? 1.9311 1.0998 1.5663 0.0428  -0.0594 0.2324  92 TYR A C   
713 O O   . TYR A 102 ? 1.9506 1.0691 1.5819 0.0669  -0.0834 0.2659  92 TYR A O   
714 C CB  . TYR A 102 ? 1.8206 1.1655 1.6112 0.0641  -0.0703 0.2254  92 TYR A CB  
715 C CG  . TYR A 102 ? 1.8239 1.1609 1.6849 0.1147  -0.0805 0.2600  92 TYR A CG  
716 C CD1 . TYR A 102 ? 1.8197 1.1785 1.7254 0.1308  -0.1340 0.3017  92 TYR A CD1 
717 C CD2 . TYR A 102 ? 1.8500 1.1466 1.7253 0.1450  -0.0378 0.2533  92 TYR A CD2 
718 C CE1 . TYR A 102 ? 1.8121 1.1653 1.7921 0.1789  -0.1449 0.3382  92 TYR A CE1 
719 C CE2 . TYR A 102 ? 1.8478 1.1306 1.7892 0.1951  -0.0419 0.2871  92 TYR A CE2 
720 C CZ  . TYR A 102 ? 1.8309 1.1476 1.8322 0.2132  -0.0957 0.3309  92 TYR A CZ  
721 O OH  . TYR A 102 ? 1.8294 1.1397 1.9103 0.2648  -0.1010 0.3686  92 TYR A OH  
722 N N   . ALA A 103 ? 1.9578 1.1002 1.5566 0.0245  -0.0144 0.1986  93 ALA A N   
723 C CA  . ALA A 103 ? 2.0196 1.0658 1.5642 0.0294  0.0122  0.1962  93 ALA A CA  
724 C C   . ALA A 103 ? 2.0875 1.0490 1.5359 0.0008  -0.0011 0.2085  93 ALA A C   
725 O O   . ALA A 103 ? 2.1341 1.0071 1.5397 0.0121  0.0087  0.2194  93 ALA A O   
726 C CB  . ALA A 103 ? 2.0305 1.0717 1.5585 0.0103  0.0579  0.1564  93 ALA A CB  
727 N N   . SER A 104 ? 2.0956 1.0761 1.5049 -0.0352 -0.0200 0.2075  94 SER A N   
728 C CA  . SER A 104 ? 2.1646 1.0608 1.4750 -0.0646 -0.0279 0.2191  94 SER A CA  
729 C C   . SER A 104 ? 2.1947 1.0402 1.4852 -0.0407 -0.0743 0.2635  94 SER A C   
730 O O   . SER A 104 ? 2.2571 1.0164 1.4565 -0.0610 -0.0814 0.2770  94 SER A O   
731 C CB  . SER A 104 ? 2.1840 1.1075 1.4522 -0.1113 -0.0221 0.2010  94 SER A CB  
732 O OG  . SER A 104 ? 2.1950 1.1574 1.4710 -0.1104 -0.0612 0.2183  94 SER A OG  
733 N N   . THR A 105 ? 2.1475 1.0438 1.5242 0.0018  -0.1059 0.2880  95 THR A N   
734 C CA  . THR A 105 ? 2.1642 1.0234 1.5405 0.0272  -0.1573 0.3346  95 THR A CA  
735 C C   . THR A 105 ? 2.2121 0.9687 1.5494 0.0496  -0.1480 0.3535  95 THR A C   
736 O O   . THR A 105 ? 2.2764 0.9417 1.5088 0.0208  -0.1388 0.3520  95 THR A O   
737 C CB  . THR A 105 ? 2.1085 1.0608 1.6060 0.0656  -0.1908 0.3565  95 THR A CB  
738 O OG1 . THR A 105 ? 2.0797 1.0714 1.6630 0.1007  -0.1511 0.3424  95 THR A OG1 
739 C CG2 . THR A 105 ? 2.0786 1.1134 1.5952 0.0397  -0.2129 0.3461  95 THR A CG2 
# 
